data_1R7J
# 
_entry.id   1R7J 
# 
_audit_conform.dict_name       mmcif_pdbx.dic 
_audit_conform.dict_version    5.386 
_audit_conform.dict_location   http://mmcif.pdb.org/dictionaries/ascii/mmcif_pdbx.dic 
# 
loop_
_database_2.database_id 
_database_2.database_code 
_database_2.pdbx_database_accession 
_database_2.pdbx_DOI 
PDB   1R7J         pdb_00001r7j 10.2210/pdb1r7j/pdb 
RCSB  RCSB020533   ?            ?                   
WWPDB D_1000020533 ?            ?                   
# 
loop_
_pdbx_audit_revision_history.ordinal 
_pdbx_audit_revision_history.data_content_type 
_pdbx_audit_revision_history.major_revision 
_pdbx_audit_revision_history.minor_revision 
_pdbx_audit_revision_history.revision_date 
1 'Structure model' 1 0 2004-07-20 
2 'Structure model' 1 1 2008-04-29 
3 'Structure model' 1 2 2011-07-13 
4 'Structure model' 1 3 2024-02-14 
# 
_pdbx_audit_revision_details.ordinal             1 
_pdbx_audit_revision_details.revision_ordinal    1 
_pdbx_audit_revision_details.data_content_type   'Structure model' 
_pdbx_audit_revision_details.provider            repository 
_pdbx_audit_revision_details.type                'Initial release' 
_pdbx_audit_revision_details.description         ? 
_pdbx_audit_revision_details.details             ? 
# 
loop_
_pdbx_audit_revision_group.ordinal 
_pdbx_audit_revision_group.revision_ordinal 
_pdbx_audit_revision_group.data_content_type 
_pdbx_audit_revision_group.group 
1 2 'Structure model' 'Version format compliance' 
2 3 'Structure model' 'Derived calculations'      
3 3 'Structure model' 'Version format compliance' 
4 4 'Structure model' 'Data collection'           
5 4 'Structure model' 'Database references'       
# 
loop_
_pdbx_audit_revision_category.ordinal 
_pdbx_audit_revision_category.revision_ordinal 
_pdbx_audit_revision_category.data_content_type 
_pdbx_audit_revision_category.category 
1 4 'Structure model' chem_comp_atom 
2 4 'Structure model' chem_comp_bond 
3 4 'Structure model' database_2     
# 
loop_
_pdbx_audit_revision_item.ordinal 
_pdbx_audit_revision_item.revision_ordinal 
_pdbx_audit_revision_item.data_content_type 
_pdbx_audit_revision_item.item 
1 4 'Structure model' '_database_2.pdbx_DOI'                
2 4 'Structure model' '_database_2.pdbx_database_accession' 
# 
_pdbx_database_status.status_code                     REL 
_pdbx_database_status.entry_id                        1R7J 
_pdbx_database_status.recvd_initial_deposition_date   2003-10-21 
_pdbx_database_status.deposit_site                    RCSB 
_pdbx_database_status.process_site                    RCSB 
_pdbx_database_status.SG_entry                        Y 
_pdbx_database_status.status_code_sf                  REL 
_pdbx_database_status.pdb_format_compatible           Y 
_pdbx_database_status.status_code_mr                  ? 
_pdbx_database_status.status_code_cs                  ? 
_pdbx_database_status.status_code_nmr_data            ? 
_pdbx_database_status.methods_development_category    ? 
# 
_pdbx_database_related.db_name        TargetDB 
_pdbx_database_related.db_id          Sso-10a 
_pdbx_database_related.details        . 
_pdbx_database_related.content_type   unspecified 
# 
loop_
_audit_author.name 
_audit_author.pdbx_ordinal 
'Chen, L.'                                                1  
'Chen, L.R.'                                              2  
'Zhou, X.E.'                                              3  
'Wang, Y.'                                                4  
'Kahsai, M.A.'                                            5  
'Clark, A.T.'                                             6  
'Edmondson, S.P.'                                         7  
'Liu, Z.-J.'                                              8  
'Rose, J.P.'                                              9  
'Wang, B.C.'                                              10 
'Shriver, J.W.'                                           11 
'Meehan, E.J.'                                            12 
'Southeast Collaboratory for Structural Genomics (SECSG)' 13 
# 
_citation.id                        primary 
_citation.title                     
'The hyperthermophile protein Sso10a is a dimer of winged helix DNA-binding domains linked by an antiparallel coiled coil rod.' 
_citation.journal_abbrev            J.Mol.Biol. 
_citation.journal_volume            341 
_citation.page_first                73 
_citation.page_last                 91 
_citation.year                      2004 
_citation.journal_id_ASTM           JMOBAK 
_citation.country                   UK 
_citation.journal_id_ISSN           0022-2836 
_citation.journal_id_CSD            0070 
_citation.book_publisher            ? 
_citation.pdbx_database_id_PubMed   15312764 
_citation.pdbx_database_id_DOI      10.1016/j.jmb.2004.05.044 
# 
loop_
_citation_author.citation_id 
_citation_author.name 
_citation_author.ordinal 
_citation_author.identifier_ORCID 
primary 'Chen, L.'        1  ? 
primary 'Chen, L.R.'      2  ? 
primary 'Zhou, X.E.'      3  ? 
primary 'Wang, Y.'        4  ? 
primary 'Kahsai, M.A.'    5  ? 
primary 'Clark, A.T.'     6  ? 
primary 'Edmondson, S.P.' 7  ? 
primary 'Liu, Z.J.'       8  ? 
primary 'Rose, J.P.'      9  ? 
primary 'Wang, B.C.'      10 ? 
primary 'Meehan, E.J.'    11 ? 
primary 'Shriver, J.W.'   12 ? 
# 
loop_
_entity.id 
_entity.type 
_entity.src_method 
_entity.pdbx_description 
_entity.formula_weight 
_entity.pdbx_number_of_molecules 
_entity.pdbx_ec 
_entity.pdbx_mutation 
_entity.pdbx_fragment 
_entity.details 
1 polymer man 'Conserved hypothetical protein Sso10a' 11103.207 1   ? ? ? ? 
2 water   nat water                                   18.015    175 ? ? ? ? 
# 
_entity_poly.entity_id                      1 
_entity_poly.type                           'polypeptide(L)' 
_entity_poly.nstd_linkage                   no 
_entity_poly.nstd_monomer                   no 
_entity_poly.pdbx_seq_one_letter_code       
;AKKKSKLEIIQAILEACKSGSPKTRIMYGANLSYALTGRYIKMLMDLEIIRQEGKQYMLTKKGEELLEDIRKFNEMRKNM
DQLKEKINSVLSIRQ
;
_entity_poly.pdbx_seq_one_letter_code_can   
;AKKKSKLEIIQAILEACKSGSPKTRIMYGANLSYALTGRYIKMLMDLEIIRQEGKQYMLTKKGEELLEDIRKFNEMRKNM
DQLKEKINSVLSIRQ
;
_entity_poly.pdbx_strand_id                 A 
_entity_poly.pdbx_target_identifier         Sso-10a 
# 
_pdbx_entity_nonpoly.entity_id   2 
_pdbx_entity_nonpoly.name        water 
_pdbx_entity_nonpoly.comp_id     HOH 
# 
loop_
_entity_poly_seq.entity_id 
_entity_poly_seq.num 
_entity_poly_seq.mon_id 
_entity_poly_seq.hetero 
1 1  ALA n 
1 2  LYS n 
1 3  LYS n 
1 4  LYS n 
1 5  SER n 
1 6  LYS n 
1 7  LEU n 
1 8  GLU n 
1 9  ILE n 
1 10 ILE n 
1 11 GLN n 
1 12 ALA n 
1 13 ILE n 
1 14 LEU n 
1 15 GLU n 
1 16 ALA n 
1 17 CYS n 
1 18 LYS n 
1 19 SER n 
1 20 GLY n 
1 21 SER n 
1 22 PRO n 
1 23 LYS n 
1 24 THR n 
1 25 ARG n 
1 26 ILE n 
1 27 MET n 
1 28 TYR n 
1 29 GLY n 
1 30 ALA n 
1 31 ASN n 
1 32 LEU n 
1 33 SER n 
1 34 TYR n 
1 35 ALA n 
1 36 LEU n 
1 37 THR n 
1 38 GLY n 
1 39 ARG n 
1 40 TYR n 
1 41 ILE n 
1 42 LYS n 
1 43 MET n 
1 44 LEU n 
1 45 MET n 
1 46 ASP n 
1 47 LEU n 
1 48 GLU n 
1 49 ILE n 
1 50 ILE n 
1 51 ARG n 
1 52 GLN n 
1 53 GLU n 
1 54 GLY n 
1 55 LYS n 
1 56 GLN n 
1 57 TYR n 
1 58 MET n 
1 59 LEU n 
1 60 THR n 
1 61 LYS n 
1 62 LYS n 
1 63 GLY n 
1 64 GLU n 
1 65 GLU n 
1 66 LEU n 
1 67 LEU n 
1 68 GLU n 
1 69 ASP n 
1 70 ILE n 
1 71 ARG n 
1 72 LYS n 
1 73 PHE n 
1 74 ASN n 
1 75 GLU n 
1 76 MET n 
1 77 ARG n 
1 78 LYS n 
1 79 ASN n 
1 80 MET n 
1 81 ASP n 
1 82 GLN n 
1 83 LEU n 
1 84 LYS n 
1 85 GLU n 
1 86 LYS n 
1 87 ILE n 
1 88 ASN n 
1 89 SER n 
1 90 VAL n 
1 91 LEU n 
1 92 SER n 
1 93 ILE n 
1 94 ARG n 
1 95 GLN n 
# 
_entity_src_gen.entity_id                          1 
_entity_src_gen.pdbx_src_id                        1 
_entity_src_gen.pdbx_alt_source_flag               sample 
_entity_src_gen.pdbx_seq_type                      ? 
_entity_src_gen.pdbx_beg_seq_num                   ? 
_entity_src_gen.pdbx_end_seq_num                   ? 
_entity_src_gen.gene_src_common_name               ? 
_entity_src_gen.gene_src_genus                     Sulfolobus 
_entity_src_gen.pdbx_gene_src_gene                 Sso10a 
_entity_src_gen.gene_src_species                   ? 
_entity_src_gen.gene_src_strain                    ? 
_entity_src_gen.gene_src_tissue                    ? 
_entity_src_gen.gene_src_tissue_fraction           ? 
_entity_src_gen.gene_src_details                   ? 
_entity_src_gen.pdbx_gene_src_fragment             ? 
_entity_src_gen.pdbx_gene_src_scientific_name      'Sulfolobus solfataricus' 
_entity_src_gen.pdbx_gene_src_ncbi_taxonomy_id     2287 
_entity_src_gen.pdbx_gene_src_variant              ? 
_entity_src_gen.pdbx_gene_src_cell_line            ? 
_entity_src_gen.pdbx_gene_src_atcc                 ? 
_entity_src_gen.pdbx_gene_src_organ                ? 
_entity_src_gen.pdbx_gene_src_organelle            ? 
_entity_src_gen.pdbx_gene_src_cell                 ? 
_entity_src_gen.pdbx_gene_src_cellular_location    ? 
_entity_src_gen.host_org_common_name               ? 
_entity_src_gen.pdbx_host_org_scientific_name      'Escherichia coli' 
_entity_src_gen.pdbx_host_org_ncbi_taxonomy_id     562 
_entity_src_gen.host_org_genus                     Escherichia 
_entity_src_gen.pdbx_host_org_gene                 ? 
_entity_src_gen.pdbx_host_org_organ                ? 
_entity_src_gen.host_org_species                   ? 
_entity_src_gen.pdbx_host_org_tissue               ? 
_entity_src_gen.pdbx_host_org_tissue_fraction      ? 
_entity_src_gen.pdbx_host_org_strain               'RossetaBlue(DE3)pLacI (Novagen)' 
_entity_src_gen.pdbx_host_org_variant              ? 
_entity_src_gen.pdbx_host_org_cell_line            ? 
_entity_src_gen.pdbx_host_org_atcc                 ? 
_entity_src_gen.pdbx_host_org_culture_collection   ? 
_entity_src_gen.pdbx_host_org_cell                 ? 
_entity_src_gen.pdbx_host_org_organelle            ? 
_entity_src_gen.pdbx_host_org_cellular_location    ? 
_entity_src_gen.pdbx_host_org_vector_type          Plasmid 
_entity_src_gen.pdbx_host_org_vector               ? 
_entity_src_gen.host_org_details                   ? 
_entity_src_gen.expression_system_id               ? 
_entity_src_gen.plasmid_name                       pETBlue-2 
_entity_src_gen.plasmid_details                    ? 
_entity_src_gen.pdbx_description                   ? 
# 
loop_
_chem_comp.id 
_chem_comp.type 
_chem_comp.mon_nstd_flag 
_chem_comp.name 
_chem_comp.pdbx_synonyms 
_chem_comp.formula 
_chem_comp.formula_weight 
ALA 'L-peptide linking' y ALANINE         ? 'C3 H7 N O2'     89.093  
ARG 'L-peptide linking' y ARGININE        ? 'C6 H15 N4 O2 1' 175.209 
ASN 'L-peptide linking' y ASPARAGINE      ? 'C4 H8 N2 O3'    132.118 
ASP 'L-peptide linking' y 'ASPARTIC ACID' ? 'C4 H7 N O4'     133.103 
CYS 'L-peptide linking' y CYSTEINE        ? 'C3 H7 N O2 S'   121.158 
GLN 'L-peptide linking' y GLUTAMINE       ? 'C5 H10 N2 O3'   146.144 
GLU 'L-peptide linking' y 'GLUTAMIC ACID' ? 'C5 H9 N O4'     147.129 
GLY 'peptide linking'   y GLYCINE         ? 'C2 H5 N O2'     75.067  
HOH non-polymer         . WATER           ? 'H2 O'           18.015  
ILE 'L-peptide linking' y ISOLEUCINE      ? 'C6 H13 N O2'    131.173 
LEU 'L-peptide linking' y LEUCINE         ? 'C6 H13 N O2'    131.173 
LYS 'L-peptide linking' y LYSINE          ? 'C6 H15 N2 O2 1' 147.195 
MET 'L-peptide linking' y METHIONINE      ? 'C5 H11 N O2 S'  149.211 
PHE 'L-peptide linking' y PHENYLALANINE   ? 'C9 H11 N O2'    165.189 
PRO 'L-peptide linking' y PROLINE         ? 'C5 H9 N O2'     115.130 
SER 'L-peptide linking' y SERINE          ? 'C3 H7 N O3'     105.093 
THR 'L-peptide linking' y THREONINE       ? 'C4 H9 N O3'     119.119 
TYR 'L-peptide linking' y TYROSINE        ? 'C9 H11 N O3'    181.189 
VAL 'L-peptide linking' y VALINE          ? 'C5 H11 N O2'    117.146 
# 
loop_
_pdbx_poly_seq_scheme.asym_id 
_pdbx_poly_seq_scheme.entity_id 
_pdbx_poly_seq_scheme.seq_id 
_pdbx_poly_seq_scheme.mon_id 
_pdbx_poly_seq_scheme.ndb_seq_num 
_pdbx_poly_seq_scheme.pdb_seq_num 
_pdbx_poly_seq_scheme.auth_seq_num 
_pdbx_poly_seq_scheme.pdb_mon_id 
_pdbx_poly_seq_scheme.auth_mon_id 
_pdbx_poly_seq_scheme.pdb_strand_id 
_pdbx_poly_seq_scheme.pdb_ins_code 
_pdbx_poly_seq_scheme.hetero 
A 1 1  ALA 1  1  ?  ?   ?   A . n 
A 1 2  LYS 2  2  ?  ?   ?   A . n 
A 1 3  LYS 3  3  3  LYS LYS A . n 
A 1 4  LYS 4  4  4  LYS LYS A . n 
A 1 5  SER 5  5  5  SER SER A . n 
A 1 6  LYS 6  6  6  LYS LYS A . n 
A 1 7  LEU 7  7  7  LEU LEU A . n 
A 1 8  GLU 8  8  8  GLU GLU A . n 
A 1 9  ILE 9  9  9  ILE ILE A . n 
A 1 10 ILE 10 10 10 ILE ILE A . n 
A 1 11 GLN 11 11 11 GLN GLN A . n 
A 1 12 ALA 12 12 12 ALA ALA A . n 
A 1 13 ILE 13 13 13 ILE ILE A . n 
A 1 14 LEU 14 14 14 LEU LEU A . n 
A 1 15 GLU 15 15 15 GLU GLU A . n 
A 1 16 ALA 16 16 16 ALA ALA A . n 
A 1 17 CYS 17 17 17 CYS CYS A . n 
A 1 18 LYS 18 18 18 LYS LYS A . n 
A 1 19 SER 19 19 19 SER SER A . n 
A 1 20 GLY 20 20 20 GLY GLY A . n 
A 1 21 SER 21 21 21 SER SER A . n 
A 1 22 PRO 22 22 22 PRO PRO A . n 
A 1 23 LYS 23 23 23 LYS LYS A . n 
A 1 24 THR 24 24 24 THR THR A . n 
A 1 25 ARG 25 25 25 ARG ARG A . n 
A 1 26 ILE 26 26 26 ILE ILE A . n 
A 1 27 MET 27 27 27 MET MET A . n 
A 1 28 TYR 28 28 28 TYR TYR A . n 
A 1 29 GLY 29 29 29 GLY GLY A . n 
A 1 30 ALA 30 30 30 ALA ALA A . n 
A 1 31 ASN 31 31 31 ASN ASN A . n 
A 1 32 LEU 32 32 32 LEU LEU A . n 
A 1 33 SER 33 33 33 SER SER A . n 
A 1 34 TYR 34 34 34 TYR TYR A . n 
A 1 35 ALA 35 35 35 ALA ALA A . n 
A 1 36 LEU 36 36 36 LEU LEU A . n 
A 1 37 THR 37 37 37 THR THR A . n 
A 1 38 GLY 38 38 38 GLY GLY A . n 
A 1 39 ARG 39 39 39 ARG ARG A . n 
A 1 40 TYR 40 40 40 TYR TYR A . n 
A 1 41 ILE 41 41 41 ILE ILE A . n 
A 1 42 LYS 42 42 42 LYS LYS A . n 
A 1 43 MET 43 43 43 MET MET A . n 
A 1 44 LEU 44 44 44 LEU LEU A . n 
A 1 45 MET 45 45 45 MET MET A . n 
A 1 46 ASP 46 46 46 ASP ASP A . n 
A 1 47 LEU 47 47 47 LEU LEU A . n 
A 1 48 GLU 48 48 48 GLU GLU A . n 
A 1 49 ILE 49 49 49 ILE ILE A . n 
A 1 50 ILE 50 50 50 ILE ILE A . n 
A 1 51 ARG 51 51 51 ARG ARG A . n 
A 1 52 GLN 52 52 52 GLN GLN A . n 
A 1 53 GLU 53 53 53 GLU GLU A . n 
A 1 54 GLY 54 54 54 GLY GLY A . n 
A 1 55 LYS 55 55 55 LYS LYS A . n 
A 1 56 GLN 56 56 56 GLN GLN A . n 
A 1 57 TYR 57 57 57 TYR TYR A . n 
A 1 58 MET 58 58 58 MET MET A . n 
A 1 59 LEU 59 59 59 LEU LEU A . n 
A 1 60 THR 60 60 60 THR THR A . n 
A 1 61 LYS 61 61 61 LYS LYS A . n 
A 1 62 LYS 62 62 62 LYS LYS A . n 
A 1 63 GLY 63 63 63 GLY GLY A . n 
A 1 64 GLU 64 64 64 GLU GLU A . n 
A 1 65 GLU 65 65 65 GLU GLU A . n 
A 1 66 LEU 66 66 66 LEU LEU A . n 
A 1 67 LEU 67 67 67 LEU LEU A . n 
A 1 68 GLU 68 68 68 GLU GLU A . n 
A 1 69 ASP 69 69 69 ASP ASP A . n 
A 1 70 ILE 70 70 70 ILE ILE A . n 
A 1 71 ARG 71 71 71 ARG ARG A . n 
A 1 72 LYS 72 72 72 LYS LYS A . n 
A 1 73 PHE 73 73 73 PHE PHE A . n 
A 1 74 ASN 74 74 74 ASN ASN A . n 
A 1 75 GLU 75 75 75 GLU GLU A . n 
A 1 76 MET 76 76 76 MET MET A . n 
A 1 77 ARG 77 77 77 ARG ARG A . n 
A 1 78 LYS 78 78 78 LYS LYS A . n 
A 1 79 ASN 79 79 79 ASN ASN A . n 
A 1 80 MET 80 80 80 MET MET A . n 
A 1 81 ASP 81 81 81 ASP ASP A . n 
A 1 82 GLN 82 82 82 GLN GLN A . n 
A 1 83 LEU 83 83 83 LEU LEU A . n 
A 1 84 LYS 84 84 84 LYS LYS A . n 
A 1 85 GLU 85 85 85 GLU GLU A . n 
A 1 86 LYS 86 86 86 LYS LYS A . n 
A 1 87 ILE 87 87 87 ILE ILE A . n 
A 1 88 ASN 88 88 88 ASN ASN A . n 
A 1 89 SER 89 89 89 SER SER A . n 
A 1 90 VAL 90 90 90 VAL VAL A . n 
A 1 91 LEU 91 91 91 LEU LEU A . n 
A 1 92 SER 92 92 92 SER SER A . n 
A 1 93 ILE 93 93 ?  ?   ?   A . n 
A 1 94 ARG 94 94 ?  ?   ?   A . n 
A 1 95 GLN 95 95 ?  ?   ?   A . n 
# 
loop_
_pdbx_nonpoly_scheme.asym_id 
_pdbx_nonpoly_scheme.entity_id 
_pdbx_nonpoly_scheme.mon_id 
_pdbx_nonpoly_scheme.ndb_seq_num 
_pdbx_nonpoly_scheme.pdb_seq_num 
_pdbx_nonpoly_scheme.auth_seq_num 
_pdbx_nonpoly_scheme.pdb_mon_id 
_pdbx_nonpoly_scheme.auth_mon_id 
_pdbx_nonpoly_scheme.pdb_strand_id 
_pdbx_nonpoly_scheme.pdb_ins_code 
B 2 HOH 1   96  1   HOH TIP A . 
B 2 HOH 2   97  2   HOH TIP A . 
B 2 HOH 3   98  3   HOH TIP A . 
B 2 HOH 4   99  4   HOH TIP A . 
B 2 HOH 5   100 5   HOH TIP A . 
B 2 HOH 6   101 6   HOH TIP A . 
B 2 HOH 7   102 7   HOH TIP A . 
B 2 HOH 8   103 8   HOH TIP A . 
B 2 HOH 9   104 9   HOH TIP A . 
B 2 HOH 10  105 10  HOH TIP A . 
B 2 HOH 11  106 11  HOH TIP A . 
B 2 HOH 12  107 12  HOH TIP A . 
B 2 HOH 13  108 13  HOH TIP A . 
B 2 HOH 14  109 14  HOH TIP A . 
B 2 HOH 15  110 15  HOH TIP A . 
B 2 HOH 16  111 16  HOH TIP A . 
B 2 HOH 17  112 17  HOH TIP A . 
B 2 HOH 18  113 18  HOH TIP A . 
B 2 HOH 19  114 19  HOH TIP A . 
B 2 HOH 20  115 20  HOH TIP A . 
B 2 HOH 21  116 21  HOH TIP A . 
B 2 HOH 22  117 22  HOH TIP A . 
B 2 HOH 23  118 23  HOH TIP A . 
B 2 HOH 24  119 24  HOH TIP A . 
B 2 HOH 25  120 25  HOH TIP A . 
B 2 HOH 26  121 26  HOH TIP A . 
B 2 HOH 27  122 27  HOH TIP A . 
B 2 HOH 28  123 28  HOH TIP A . 
B 2 HOH 29  124 29  HOH TIP A . 
B 2 HOH 30  125 30  HOH TIP A . 
B 2 HOH 31  126 31  HOH TIP A . 
B 2 HOH 32  127 32  HOH TIP A . 
B 2 HOH 33  128 33  HOH TIP A . 
B 2 HOH 34  129 34  HOH TIP A . 
B 2 HOH 35  130 35  HOH TIP A . 
B 2 HOH 36  131 36  HOH TIP A . 
B 2 HOH 37  132 37  HOH TIP A . 
B 2 HOH 38  133 38  HOH TIP A . 
B 2 HOH 39  134 39  HOH TIP A . 
B 2 HOH 40  135 40  HOH TIP A . 
B 2 HOH 41  136 41  HOH TIP A . 
B 2 HOH 42  137 42  HOH TIP A . 
B 2 HOH 43  138 43  HOH TIP A . 
B 2 HOH 44  139 44  HOH TIP A . 
B 2 HOH 45  140 45  HOH TIP A . 
B 2 HOH 46  141 46  HOH TIP A . 
B 2 HOH 47  142 47  HOH TIP A . 
B 2 HOH 48  143 48  HOH TIP A . 
B 2 HOH 49  144 49  HOH TIP A . 
B 2 HOH 50  145 50  HOH TIP A . 
B 2 HOH 51  146 51  HOH TIP A . 
B 2 HOH 52  147 52  HOH TIP A . 
B 2 HOH 53  148 53  HOH TIP A . 
B 2 HOH 54  149 54  HOH TIP A . 
B 2 HOH 55  150 55  HOH TIP A . 
B 2 HOH 56  151 56  HOH TIP A . 
B 2 HOH 57  152 57  HOH TIP A . 
B 2 HOH 58  153 58  HOH TIP A . 
B 2 HOH 59  154 59  HOH TIP A . 
B 2 HOH 60  155 60  HOH TIP A . 
B 2 HOH 61  156 61  HOH TIP A . 
B 2 HOH 62  157 62  HOH TIP A . 
B 2 HOH 63  158 63  HOH TIP A . 
B 2 HOH 64  159 64  HOH TIP A . 
B 2 HOH 65  160 65  HOH TIP A . 
B 2 HOH 66  161 66  HOH TIP A . 
B 2 HOH 67  162 67  HOH TIP A . 
B 2 HOH 68  163 68  HOH TIP A . 
B 2 HOH 69  164 69  HOH TIP A . 
B 2 HOH 70  165 70  HOH TIP A . 
B 2 HOH 71  166 71  HOH TIP A . 
B 2 HOH 72  167 72  HOH TIP A . 
B 2 HOH 73  168 73  HOH TIP A . 
B 2 HOH 74  169 74  HOH TIP A . 
B 2 HOH 75  170 75  HOH TIP A . 
B 2 HOH 76  171 76  HOH TIP A . 
B 2 HOH 77  172 77  HOH TIP A . 
B 2 HOH 78  173 78  HOH TIP A . 
B 2 HOH 79  174 79  HOH TIP A . 
B 2 HOH 80  175 80  HOH TIP A . 
B 2 HOH 81  176 81  HOH TIP A . 
B 2 HOH 82  177 82  HOH TIP A . 
B 2 HOH 83  178 83  HOH TIP A . 
B 2 HOH 84  179 84  HOH TIP A . 
B 2 HOH 85  180 85  HOH TIP A . 
B 2 HOH 86  181 86  HOH TIP A . 
B 2 HOH 87  182 87  HOH TIP A . 
B 2 HOH 88  183 88  HOH TIP A . 
B 2 HOH 89  184 89  HOH TIP A . 
B 2 HOH 90  185 90  HOH TIP A . 
B 2 HOH 91  186 91  HOH TIP A . 
B 2 HOH 92  187 92  HOH TIP A . 
B 2 HOH 93  188 93  HOH TIP A . 
B 2 HOH 94  189 94  HOH TIP A . 
B 2 HOH 95  190 95  HOH TIP A . 
B 2 HOH 96  191 96  HOH TIP A . 
B 2 HOH 97  192 97  HOH TIP A . 
B 2 HOH 98  193 98  HOH TIP A . 
B 2 HOH 99  194 99  HOH TIP A . 
B 2 HOH 100 195 100 HOH TIP A . 
B 2 HOH 101 196 101 HOH TIP A . 
B 2 HOH 102 197 102 HOH TIP A . 
B 2 HOH 103 198 103 HOH TIP A . 
B 2 HOH 104 199 104 HOH TIP A . 
B 2 HOH 105 200 105 HOH TIP A . 
B 2 HOH 106 201 106 HOH TIP A . 
B 2 HOH 107 202 107 HOH TIP A . 
B 2 HOH 108 203 108 HOH TIP A . 
B 2 HOH 109 204 109 HOH TIP A . 
B 2 HOH 110 205 110 HOH TIP A . 
B 2 HOH 111 206 111 HOH TIP A . 
B 2 HOH 112 207 112 HOH TIP A . 
B 2 HOH 113 208 113 HOH TIP A . 
B 2 HOH 114 209 114 HOH TIP A . 
B 2 HOH 115 210 115 HOH TIP A . 
B 2 HOH 116 211 116 HOH TIP A . 
B 2 HOH 117 212 117 HOH TIP A . 
B 2 HOH 118 213 118 HOH TIP A . 
B 2 HOH 119 214 119 HOH TIP A . 
B 2 HOH 120 215 120 HOH TIP A . 
B 2 HOH 121 216 121 HOH TIP A . 
B 2 HOH 122 217 122 HOH TIP A . 
B 2 HOH 123 218 123 HOH TIP A . 
B 2 HOH 124 219 124 HOH TIP A . 
B 2 HOH 125 220 125 HOH TIP A . 
B 2 HOH 126 221 126 HOH TIP A . 
B 2 HOH 127 222 127 HOH TIP A . 
B 2 HOH 128 223 128 HOH TIP A . 
B 2 HOH 129 224 129 HOH TIP A . 
B 2 HOH 130 225 130 HOH TIP A . 
B 2 HOH 131 226 131 HOH TIP A . 
B 2 HOH 132 227 132 HOH TIP A . 
B 2 HOH 133 228 133 HOH TIP A . 
B 2 HOH 134 229 134 HOH TIP A . 
B 2 HOH 135 230 135 HOH TIP A . 
B 2 HOH 136 231 136 HOH TIP A . 
B 2 HOH 137 232 137 HOH TIP A . 
B 2 HOH 138 233 138 HOH TIP A . 
B 2 HOH 139 234 139 HOH TIP A . 
B 2 HOH 140 235 140 HOH TIP A . 
B 2 HOH 141 236 141 HOH TIP A . 
B 2 HOH 142 237 142 HOH TIP A . 
B 2 HOH 143 238 143 HOH TIP A . 
B 2 HOH 144 239 144 HOH TIP A . 
B 2 HOH 145 240 145 HOH TIP A . 
B 2 HOH 146 241 146 HOH TIP A . 
B 2 HOH 147 242 147 HOH TIP A . 
B 2 HOH 148 243 148 HOH TIP A . 
B 2 HOH 149 244 149 HOH TIP A . 
B 2 HOH 150 245 150 HOH TIP A . 
B 2 HOH 151 246 151 HOH TIP A . 
B 2 HOH 152 247 152 HOH TIP A . 
B 2 HOH 153 248 153 HOH TIP A . 
B 2 HOH 154 249 154 HOH TIP A . 
B 2 HOH 155 250 155 HOH TIP A . 
B 2 HOH 156 251 156 HOH TIP A . 
B 2 HOH 157 252 157 HOH TIP A . 
B 2 HOH 158 253 158 HOH TIP A . 
B 2 HOH 159 254 159 HOH TIP A . 
B 2 HOH 160 255 160 HOH TIP A . 
B 2 HOH 161 256 161 HOH TIP A . 
B 2 HOH 162 257 162 HOH TIP A . 
B 2 HOH 163 258 163 HOH TIP A . 
B 2 HOH 164 259 164 HOH TIP A . 
B 2 HOH 165 260 165 HOH TIP A . 
B 2 HOH 166 261 166 HOH TIP A . 
B 2 HOH 167 262 167 HOH TIP A . 
B 2 HOH 168 263 168 HOH TIP A . 
B 2 HOH 169 264 169 HOH TIP A . 
B 2 HOH 170 265 170 HOH TIP A . 
B 2 HOH 171 266 171 HOH TIP A . 
B 2 HOH 172 267 172 HOH TIP A . 
B 2 HOH 173 268 173 HOH TIP A . 
B 2 HOH 174 269 174 HOH TIP A . 
B 2 HOH 175 270 175 HOH TIP A . 
# 
loop_
_software.name 
_software.classification 
_software.version 
_software.citation_id 
_software.pdbx_ordinal 
CNS       refinement       1.0 ? 1 
HKL-2000  'data reduction' .   ? 2 
SCALEPACK 'data scaling'   .   ? 3 
SOLVE     phasing          .   ? 4 
RESOLVE   phasing          .   ? 5 
ISAS      phasing          .   ? 6 
ARP/wARP  'model building' .   ? 7 
# 
_cell.entry_id           1R7J 
_cell.length_a           57.940 
_cell.length_b           72.300 
_cell.length_c           30.290 
_cell.angle_alpha        90.00 
_cell.angle_beta         90.00 
_cell.angle_gamma        90.00 
_cell.Z_PDB              4 
_cell.pdbx_unique_axis   ? 
# 
_symmetry.entry_id                         1R7J 
_symmetry.space_group_name_H-M             'P 21 21 2' 
_symmetry.pdbx_full_space_group_name_H-M   ? 
_symmetry.cell_setting                     ? 
_symmetry.Int_Tables_number                18 
_symmetry.space_group_name_Hall            ? 
# 
_exptl.entry_id          1R7J 
_exptl.method            'X-RAY DIFFRACTION' 
_exptl.crystals_number   1 
# 
_exptl_crystal.id                    1 
_exptl_crystal.density_meas          ? 
_exptl_crystal.density_Matthews      2.86 
_exptl_crystal.density_percent_sol   56.94 
_exptl_crystal.description           ? 
_exptl_crystal.F_000                 ? 
_exptl_crystal.preparation           ? 
# 
_exptl_crystal_grow.crystal_id      1 
_exptl_crystal_grow.method          'VAPOR DIFFUSION, HANGING DROP' 
_exptl_crystal_grow.temp            298.0 
_exptl_crystal_grow.temp_details    ? 
_exptl_crystal_grow.pH              7.4 
_exptl_crystal_grow.pdbx_details    'PEG 3350, potassium fluoride, pH 7.4, VAPOR DIFFUSION, HANGING DROP, temperature 298.0K' 
_exptl_crystal_grow.pdbx_pH_range   . 
# 
_diffrn.id                     1 
_diffrn.ambient_temp           100.0 
_diffrn.ambient_temp_details   ? 
_diffrn.crystal_id             1 
# 
_diffrn_detector.diffrn_id              1 
_diffrn_detector.detector               CCD 
_diffrn_detector.type                   MARRESEARCH 
_diffrn_detector.pdbx_collection_date   2003-08-10 
_diffrn_detector.details                Mirrors 
# 
_diffrn_radiation.diffrn_id                        1 
_diffrn_radiation.wavelength_id                    1 
_diffrn_radiation.pdbx_monochromatic_or_laue_m_l   M 
_diffrn_radiation.monochromator                    Filter 
_diffrn_radiation.pdbx_diffrn_protocol             'SINGLE WAVELENGTH' 
_diffrn_radiation.pdbx_scattering_type             x-ray 
# 
_diffrn_radiation_wavelength.id           1 
_diffrn_radiation_wavelength.wavelength   1.0000 
_diffrn_radiation_wavelength.wt           1.0 
# 
_diffrn_source.diffrn_id                   1 
_diffrn_source.source                      SYNCHROTRON 
_diffrn_source.type                        'APS BEAMLINE 22-ID' 
_diffrn_source.pdbx_synchrotron_site       APS 
_diffrn_source.pdbx_synchrotron_beamline   22-ID 
_diffrn_source.pdbx_wavelength             ? 
_diffrn_source.pdbx_wavelength_list        1.0000 
# 
_reflns.entry_id                     1R7J 
_reflns.observed_criterion_sigma_I   0 
_reflns.observed_criterion_sigma_F   0 
_reflns.d_resolution_low             18.86 
_reflns.d_resolution_high            1.47 
_reflns.number_obs                   21672 
_reflns.number_all                   21672 
_reflns.percent_possible_obs         96.5 
_reflns.pdbx_Rmerge_I_obs            0.042 
_reflns.pdbx_Rsym_value              0.042 
_reflns.pdbx_netI_over_sigmaI        18.4 
_reflns.B_iso_Wilson_estimate        19.8 
_reflns.pdbx_redundancy              12.8 
_reflns.R_free_details               ? 
_reflns.limit_h_max                  ? 
_reflns.limit_h_min                  ? 
_reflns.limit_k_max                  ? 
_reflns.limit_k_min                  ? 
_reflns.limit_l_max                  ? 
_reflns.limit_l_min                  ? 
_reflns.observed_criterion_F_max     ? 
_reflns.observed_criterion_F_min     ? 
_reflns.pdbx_chi_squared             ? 
_reflns.pdbx_scaling_rejects         ? 
_reflns.pdbx_ordinal                 1 
_reflns.pdbx_diffrn_id               1 
# 
_reflns_shell.d_res_high             1.47 
_reflns_shell.d_res_low              1.52 
_reflns_shell.percent_possible_all   69.2 
_reflns_shell.Rmerge_I_obs           0.264 
_reflns_shell.pdbx_Rsym_value        0.264 
_reflns_shell.meanI_over_sigI_obs    4.6 
_reflns_shell.pdbx_redundancy        5.3 
_reflns_shell.percent_possible_obs   ? 
_reflns_shell.number_unique_all      1538 
_reflns_shell.number_measured_all    ? 
_reflns_shell.number_measured_obs    ? 
_reflns_shell.number_unique_obs      ? 
_reflns_shell.pdbx_chi_squared       ? 
_reflns_shell.pdbx_ordinal           1 
_reflns_shell.pdbx_diffrn_id         1 
# 
_refine.entry_id                                 1R7J 
_refine.ls_number_reflns_obs                     20838 
_refine.ls_number_reflns_all                     20838 
_refine.pdbx_ls_sigma_I                          0.0 
_refine.pdbx_ls_sigma_F                          0.0 
_refine.pdbx_data_cutoff_high_absF               699335.84 
_refine.pdbx_data_cutoff_low_absF                0.000000 
_refine.pdbx_data_cutoff_high_rms_absF           ? 
_refine.ls_d_res_low                             18.86 
_refine.ls_d_res_high                            1.47 
_refine.ls_percent_reflns_obs                    93.8 
_refine.ls_R_factor_obs                          0.232 
_refine.ls_R_factor_all                          0.232 
_refine.ls_R_factor_R_work                       0.232 
_refine.ls_R_factor_R_free                       0.244 
_refine.ls_R_factor_R_free_error                 0.008 
_refine.ls_R_factor_R_free_error_details         ? 
_refine.ls_percent_reflns_R_free                 4.9 
_refine.ls_number_reflns_R_free                  1021 
_refine.ls_number_parameters                     ? 
_refine.ls_number_restraints                     ? 
_refine.occupancy_min                            ? 
_refine.occupancy_max                            ? 
_refine.correlation_coeff_Fo_to_Fc               ? 
_refine.correlation_coeff_Fo_to_Fc_free          ? 
_refine.B_iso_mean                               21.5 
_refine.aniso_B[1][1]                            1.54 
_refine.aniso_B[2][2]                            -5.18 
_refine.aniso_B[3][3]                            3.64 
_refine.aniso_B[1][2]                            0.00 
_refine.aniso_B[1][3]                            0.00 
_refine.aniso_B[2][3]                            0.00 
_refine.solvent_model_details                    'FLAT MODEL' 
_refine.solvent_model_param_ksol                 0.429311 
_refine.solvent_model_param_bsol                 56.7247 
_refine.pdbx_solvent_vdw_probe_radii             ? 
_refine.pdbx_solvent_ion_probe_radii             ? 
_refine.pdbx_solvent_shrinkage_radii             ? 
_refine.pdbx_ls_cross_valid_method               THROUGHOUT 
_refine.details                                  ? 
_refine.pdbx_starting_model                      ? 
_refine.pdbx_method_to_determine_struct          'Sulfur-SAS on Cr X-ray source' 
_refine.pdbx_isotropic_thermal_model             RESTRAINED 
_refine.pdbx_stereochemistry_target_values       'Engh & Huber' 
_refine.pdbx_stereochem_target_val_spec_case     ? 
_refine.pdbx_R_Free_selection_details            RANDOM 
_refine.pdbx_overall_ESU_R                       ? 
_refine.pdbx_overall_ESU_R_Free                  ? 
_refine.overall_SU_ML                            ? 
_refine.overall_SU_B                             ? 
_refine.ls_redundancy_reflns_obs                 ? 
_refine.B_iso_min                                ? 
_refine.B_iso_max                                ? 
_refine.overall_SU_R_Cruickshank_DPI             ? 
_refine.overall_SU_R_free                        ? 
_refine.ls_wR_factor_R_free                      ? 
_refine.ls_wR_factor_R_work                      ? 
_refine.overall_FOM_free_R_set                   ? 
_refine.overall_FOM_work_R_set                   ? 
_refine.pdbx_refine_id                           'X-RAY DIFFRACTION' 
_refine.pdbx_diffrn_id                           1 
_refine.pdbx_TLS_residual_ADP_flag               ? 
_refine.pdbx_overall_phase_error                 ? 
_refine.pdbx_overall_SU_R_free_Cruickshank_DPI   ? 
_refine.pdbx_overall_SU_R_Blow_DPI               ? 
_refine.pdbx_overall_SU_R_free_Blow_DPI          ? 
# 
_refine_analyze.entry_id                        1R7J 
_refine_analyze.Luzzati_coordinate_error_obs    0.20 
_refine_analyze.Luzzati_sigma_a_obs             0.15 
_refine_analyze.Luzzati_d_res_low_obs           5.00 
_refine_analyze.Luzzati_coordinate_error_free   0.21 
_refine_analyze.Luzzati_sigma_a_free            0.12 
_refine_analyze.Luzzati_d_res_low_free          ? 
_refine_analyze.number_disordered_residues      ? 
_refine_analyze.occupancy_sum_hydrogen          ? 
_refine_analyze.occupancy_sum_non_hydrogen      ? 
_refine_analyze.pdbx_Luzzati_d_res_high_obs     ? 
_refine_analyze.pdbx_refine_id                  'X-RAY DIFFRACTION' 
# 
_refine_hist.pdbx_refine_id                   'X-RAY DIFFRACTION' 
_refine_hist.cycle_id                         LAST 
_refine_hist.pdbx_number_atoms_protein        729 
_refine_hist.pdbx_number_atoms_nucleic_acid   0 
_refine_hist.pdbx_number_atoms_ligand         0 
_refine_hist.number_atoms_solvent             175 
_refine_hist.number_atoms_total               904 
_refine_hist.d_res_high                       1.47 
_refine_hist.d_res_low                        18.86 
# 
loop_
_refine_ls_restr.type 
_refine_ls_restr.dev_ideal 
_refine_ls_restr.dev_ideal_target 
_refine_ls_restr.weight 
_refine_ls_restr.number 
_refine_ls_restr.pdbx_refine_id 
_refine_ls_restr.pdbx_restraint_function 
c_bond_d           0.004 ?    ? ? 'X-RAY DIFFRACTION' ? 
c_angle_deg        1.0   ?    ? ? 'X-RAY DIFFRACTION' ? 
c_dihedral_angle_d 17.2  ?    ? ? 'X-RAY DIFFRACTION' ? 
c_improper_angle_d 0.67  ?    ? ? 'X-RAY DIFFRACTION' ? 
c_mcbond_it        1.22  1.50 ? ? 'X-RAY DIFFRACTION' ? 
c_mcangle_it       1.87  2.00 ? ? 'X-RAY DIFFRACTION' ? 
c_scbond_it        2.96  2.00 ? ? 'X-RAY DIFFRACTION' ? 
c_scangle_it       4.24  2.50 ? ? 'X-RAY DIFFRACTION' ? 
# 
_refine_ls_shell.pdbx_total_number_of_bins_used   6 
_refine_ls_shell.d_res_high                       1.47 
_refine_ls_shell.d_res_low                        1.56 
_refine_ls_shell.number_reflns_R_work             2535 
_refine_ls_shell.R_factor_R_work                  0.329 
_refine_ls_shell.percent_reflns_obs               72.9 
_refine_ls_shell.R_factor_R_free                  0.341 
_refine_ls_shell.R_factor_R_free_error            0.030 
_refine_ls_shell.percent_reflns_R_free            4.9 
_refine_ls_shell.number_reflns_R_free             132 
_refine_ls_shell.number_reflns_obs                2535 
_refine_ls_shell.redundancy_reflns_obs            ? 
_refine_ls_shell.number_reflns_all                ? 
_refine_ls_shell.pdbx_refine_id                   'X-RAY DIFFRACTION' 
_refine_ls_shell.R_factor_all                     ? 
# 
loop_
_pdbx_xplor_file.serial_no 
_pdbx_xplor_file.param_file 
_pdbx_xplor_file.topol_file 
_pdbx_xplor_file.pdbx_refine_id 
1 PROTEIN_REP.PARAM PROTEIN.TOP 'X-RAY DIFFRACTION' 
2 WATER_REP.PARAM   WATER.TOP   'X-RAY DIFFRACTION' 
# 
_struct.entry_id                  1R7J 
_struct.title                     'Crystal structure of the DNA-binding protein Sso10a from Sulfolobus solfataricus' 
_struct.pdbx_model_details        ? 
_struct.pdbx_CASP_flag            ? 
_struct.pdbx_model_type_details   ? 
# 
_struct_keywords.entry_id        1R7J 
_struct_keywords.pdbx_keywords   'DNA BINDING PROTEIN' 
_struct_keywords.text            
;Winged helix-turn-helix, two-stranded antiparallel coiled coil, Structural Genomics, PSI, Protein Structure Initiative, Southeast Collaboratory for Structural Genomics, SECSG, DNA BINDING PROTEIN
;
# 
loop_
_struct_asym.id 
_struct_asym.pdbx_blank_PDB_chainid_flag 
_struct_asym.pdbx_modified 
_struct_asym.entity_id 
_struct_asym.details 
A N N 1 ? 
B N N 2 ? 
# 
_struct_ref.id                         1 
_struct_ref.db_name                    UNP 
_struct_ref.db_code                    Q5W1E8_SULSO 
_struct_ref.pdbx_db_accession          Q5W1E8 
_struct_ref.entity_id                  1 
_struct_ref.pdbx_seq_one_letter_code   
;AKKRSKLEIIQAILEACKSGSPKTRIMYGANLSYALTGRYIKMLMDLEIIKQEGKQYMLTKKGEELLEDIRRFNDMRKNM
DQLKEKINSVLSIK
;
_struct_ref.pdbx_align_begin           1 
_struct_ref.pdbx_db_isoform            ? 
# 
_struct_ref_seq.align_id                      1 
_struct_ref_seq.ref_id                        1 
_struct_ref_seq.pdbx_PDB_id_code              1R7J 
_struct_ref_seq.pdbx_strand_id                A 
_struct_ref_seq.seq_align_beg                 1 
_struct_ref_seq.pdbx_seq_align_beg_ins_code   ? 
_struct_ref_seq.seq_align_end                 94 
_struct_ref_seq.pdbx_seq_align_end_ins_code   ? 
_struct_ref_seq.pdbx_db_accession             Q5W1E8 
_struct_ref_seq.db_align_beg                  2 
_struct_ref_seq.pdbx_db_align_beg_ins_code    ? 
_struct_ref_seq.db_align_end                  95 
_struct_ref_seq.pdbx_db_align_end_ins_code    ? 
_struct_ref_seq.pdbx_auth_seq_align_beg       1 
_struct_ref_seq.pdbx_auth_seq_align_end       94 
# 
loop_
_struct_ref_seq_dif.align_id 
_struct_ref_seq_dif.pdbx_pdb_id_code 
_struct_ref_seq_dif.mon_id 
_struct_ref_seq_dif.pdbx_pdb_strand_id 
_struct_ref_seq_dif.seq_num 
_struct_ref_seq_dif.pdbx_pdb_ins_code 
_struct_ref_seq_dif.pdbx_seq_db_name 
_struct_ref_seq_dif.pdbx_seq_db_accession_code 
_struct_ref_seq_dif.db_mon_id 
_struct_ref_seq_dif.pdbx_seq_db_seq_num 
_struct_ref_seq_dif.details 
_struct_ref_seq_dif.pdbx_auth_seq_num 
_struct_ref_seq_dif.pdbx_ordinal 
1 1R7J LYS A 4  ? UNP Q5W1E8 ARG 5  'SEE REMARK 999' 4  1 
1 1R7J ARG A 51 ? UNP Q5W1E8 LYS 52 'SEE REMARK 999' 51 2 
1 1R7J LYS A 72 ? UNP Q5W1E8 ARG 73 'SEE REMARK 999' 72 3 
1 1R7J GLU A 75 ? UNP Q5W1E8 ASP 76 'SEE REMARK 999' 75 4 
1 1R7J ARG A 94 ? UNP Q5W1E8 LYS 95 'SEE REMARK 999' 94 5 
1 1R7J GLN A 95 ? UNP Q5W1E8 ?   ?  'SEE REMARK 999' 95 6 
# 
_pdbx_struct_assembly.id                   1 
_pdbx_struct_assembly.details              author_and_software_defined_assembly 
_pdbx_struct_assembly.method_details       PISA,PQS 
_pdbx_struct_assembly.oligomeric_details   dimeric 
_pdbx_struct_assembly.oligomeric_count     2 
# 
loop_
_pdbx_struct_assembly_prop.biol_id 
_pdbx_struct_assembly_prop.type 
_pdbx_struct_assembly_prop.value 
_pdbx_struct_assembly_prop.details 
1 'ABSA (A^2)' 2050  ? 
1 MORE         -26   ? 
1 'SSA (A^2)'  10950 ? 
# 
_pdbx_struct_assembly_gen.assembly_id       1 
_pdbx_struct_assembly_gen.oper_expression   1,2 
_pdbx_struct_assembly_gen.asym_id_list      A,B 
# 
loop_
_pdbx_struct_oper_list.id 
_pdbx_struct_oper_list.type 
_pdbx_struct_oper_list.name 
_pdbx_struct_oper_list.symmetry_operation 
_pdbx_struct_oper_list.matrix[1][1] 
_pdbx_struct_oper_list.matrix[1][2] 
_pdbx_struct_oper_list.matrix[1][3] 
_pdbx_struct_oper_list.vector[1] 
_pdbx_struct_oper_list.matrix[2][1] 
_pdbx_struct_oper_list.matrix[2][2] 
_pdbx_struct_oper_list.matrix[2][3] 
_pdbx_struct_oper_list.vector[2] 
_pdbx_struct_oper_list.matrix[3][1] 
_pdbx_struct_oper_list.matrix[3][2] 
_pdbx_struct_oper_list.matrix[3][3] 
_pdbx_struct_oper_list.vector[3] 
1 'identity operation'         1_555 x,y,z     1.0000000000  0.0000000000 0.0000000000 0.0000000000  0.0000000000 1.0000000000  0.0000000000 0.0000000000   0.0000000000 0.0000000000 1.0000000000 0.0000000000 
2 'crystal symmetry operation' 2_655 -x+1,-y,z -0.9817587371 0.0421062819 0.1854099328 -2.8400227675 0.0421062819 -0.9028061279 0.4279814908 -34.4157599866 0.1854099328 0.4279814908 0.8845648650 8.0951719846 
# 
_struct_biol.id   1 
# 
loop_
_struct_conf.conf_type_id 
_struct_conf.id 
_struct_conf.pdbx_PDB_helix_id 
_struct_conf.beg_label_comp_id 
_struct_conf.beg_label_asym_id 
_struct_conf.beg_label_seq_id 
_struct_conf.pdbx_beg_PDB_ins_code 
_struct_conf.end_label_comp_id 
_struct_conf.end_label_asym_id 
_struct_conf.end_label_seq_id 
_struct_conf.pdbx_end_PDB_ins_code 
_struct_conf.beg_auth_comp_id 
_struct_conf.beg_auth_asym_id 
_struct_conf.beg_auth_seq_id 
_struct_conf.end_auth_comp_id 
_struct_conf.end_auth_asym_id 
_struct_conf.end_auth_seq_id 
_struct_conf.pdbx_PDB_helix_class 
_struct_conf.details 
_struct_conf.pdbx_PDB_helix_length 
HELX_P HELX_P1 1 SER A 5  ? LYS A 18 ? SER A 5  LYS A 18 1 ? 14 
HELX_P HELX_P2 2 PRO A 22 ? ASN A 31 ? PRO A 22 ASN A 31 1 ? 10 
HELX_P HELX_P3 3 SER A 33 ? LEU A 47 ? SER A 33 LEU A 47 1 ? 15 
HELX_P HELX_P4 4 THR A 60 ? SER A 92 ? THR A 60 SER A 92 1 ? 33 
# 
_struct_conf_type.id          HELX_P 
_struct_conf_type.criteria    ? 
_struct_conf_type.reference   ? 
# 
_struct_sheet.id               A 
_struct_sheet.type             ? 
_struct_sheet.number_strands   2 
_struct_sheet.details          ? 
# 
_struct_sheet_order.sheet_id     A 
_struct_sheet_order.range_id_1   1 
_struct_sheet_order.range_id_2   2 
_struct_sheet_order.offset       ? 
_struct_sheet_order.sense        anti-parallel 
# 
loop_
_struct_sheet_range.sheet_id 
_struct_sheet_range.id 
_struct_sheet_range.beg_label_comp_id 
_struct_sheet_range.beg_label_asym_id 
_struct_sheet_range.beg_label_seq_id 
_struct_sheet_range.pdbx_beg_PDB_ins_code 
_struct_sheet_range.end_label_comp_id 
_struct_sheet_range.end_label_asym_id 
_struct_sheet_range.end_label_seq_id 
_struct_sheet_range.pdbx_end_PDB_ins_code 
_struct_sheet_range.beg_auth_comp_id 
_struct_sheet_range.beg_auth_asym_id 
_struct_sheet_range.beg_auth_seq_id 
_struct_sheet_range.end_auth_comp_id 
_struct_sheet_range.end_auth_asym_id 
_struct_sheet_range.end_auth_seq_id 
A 1 ILE A 50 ? GLU A 53 ? ILE A 50 GLU A 53 
A 2 GLN A 56 ? LEU A 59 ? GLN A 56 LEU A 59 
# 
_pdbx_struct_sheet_hbond.sheet_id                A 
_pdbx_struct_sheet_hbond.range_id_1              1 
_pdbx_struct_sheet_hbond.range_id_2              2 
_pdbx_struct_sheet_hbond.range_1_label_atom_id   N 
_pdbx_struct_sheet_hbond.range_1_label_comp_id   ARG 
_pdbx_struct_sheet_hbond.range_1_label_asym_id   A 
_pdbx_struct_sheet_hbond.range_1_label_seq_id    51 
_pdbx_struct_sheet_hbond.range_1_PDB_ins_code    ? 
_pdbx_struct_sheet_hbond.range_1_auth_atom_id    N 
_pdbx_struct_sheet_hbond.range_1_auth_comp_id    ARG 
_pdbx_struct_sheet_hbond.range_1_auth_asym_id    A 
_pdbx_struct_sheet_hbond.range_1_auth_seq_id     51 
_pdbx_struct_sheet_hbond.range_2_label_atom_id   O 
_pdbx_struct_sheet_hbond.range_2_label_comp_id   MET 
_pdbx_struct_sheet_hbond.range_2_label_asym_id   A 
_pdbx_struct_sheet_hbond.range_2_label_seq_id    58 
_pdbx_struct_sheet_hbond.range_2_PDB_ins_code    ? 
_pdbx_struct_sheet_hbond.range_2_auth_atom_id    O 
_pdbx_struct_sheet_hbond.range_2_auth_comp_id    MET 
_pdbx_struct_sheet_hbond.range_2_auth_asym_id    A 
_pdbx_struct_sheet_hbond.range_2_auth_seq_id     58 
# 
_pdbx_SG_project.id                    1 
_pdbx_SG_project.project_name          'PSI, Protein Structure Initiative' 
_pdbx_SG_project.full_name_of_center   'Southeast Collaboratory for Structural Genomics' 
_pdbx_SG_project.initial_of_center     SECSG 
# 
_pdbx_database_remark.id     999 
_pdbx_database_remark.text   
;SEQUENCE
AUTHORS INFORMED THAT THE DIFFERENCES BETWEEN 
THEIR SEQUENCE AND THE DATABASE REFERENCE SEQUENCE 
WERE DUE TO THEIR USING A SLIGHTLY DIFFERENT STRAIN 
IN CLONING.
;
# 
loop_
_pdbx_unobs_or_zero_occ_residues.id 
_pdbx_unobs_or_zero_occ_residues.PDB_model_num 
_pdbx_unobs_or_zero_occ_residues.polymer_flag 
_pdbx_unobs_or_zero_occ_residues.occupancy_flag 
_pdbx_unobs_or_zero_occ_residues.auth_asym_id 
_pdbx_unobs_or_zero_occ_residues.auth_comp_id 
_pdbx_unobs_or_zero_occ_residues.auth_seq_id 
_pdbx_unobs_or_zero_occ_residues.PDB_ins_code 
_pdbx_unobs_or_zero_occ_residues.label_asym_id 
_pdbx_unobs_or_zero_occ_residues.label_comp_id 
_pdbx_unobs_or_zero_occ_residues.label_seq_id 
1 1 Y 1 A ALA 1  ? A ALA 1  
2 1 Y 1 A LYS 2  ? A LYS 2  
3 1 Y 1 A ILE 93 ? A ILE 93 
4 1 Y 1 A ARG 94 ? A ARG 94 
5 1 Y 1 A GLN 95 ? A GLN 95 
# 
loop_
_chem_comp_atom.comp_id 
_chem_comp_atom.atom_id 
_chem_comp_atom.type_symbol 
_chem_comp_atom.pdbx_aromatic_flag 
_chem_comp_atom.pdbx_stereo_config 
_chem_comp_atom.pdbx_ordinal 
ALA N    N N N 1   
ALA CA   C N S 2   
ALA C    C N N 3   
ALA O    O N N 4   
ALA CB   C N N 5   
ALA OXT  O N N 6   
ALA H    H N N 7   
ALA H2   H N N 8   
ALA HA   H N N 9   
ALA HB1  H N N 10  
ALA HB2  H N N 11  
ALA HB3  H N N 12  
ALA HXT  H N N 13  
ARG N    N N N 14  
ARG CA   C N S 15  
ARG C    C N N 16  
ARG O    O N N 17  
ARG CB   C N N 18  
ARG CG   C N N 19  
ARG CD   C N N 20  
ARG NE   N N N 21  
ARG CZ   C N N 22  
ARG NH1  N N N 23  
ARG NH2  N N N 24  
ARG OXT  O N N 25  
ARG H    H N N 26  
ARG H2   H N N 27  
ARG HA   H N N 28  
ARG HB2  H N N 29  
ARG HB3  H N N 30  
ARG HG2  H N N 31  
ARG HG3  H N N 32  
ARG HD2  H N N 33  
ARG HD3  H N N 34  
ARG HE   H N N 35  
ARG HH11 H N N 36  
ARG HH12 H N N 37  
ARG HH21 H N N 38  
ARG HH22 H N N 39  
ARG HXT  H N N 40  
ASN N    N N N 41  
ASN CA   C N S 42  
ASN C    C N N 43  
ASN O    O N N 44  
ASN CB   C N N 45  
ASN CG   C N N 46  
ASN OD1  O N N 47  
ASN ND2  N N N 48  
ASN OXT  O N N 49  
ASN H    H N N 50  
ASN H2   H N N 51  
ASN HA   H N N 52  
ASN HB2  H N N 53  
ASN HB3  H N N 54  
ASN HD21 H N N 55  
ASN HD22 H N N 56  
ASN HXT  H N N 57  
ASP N    N N N 58  
ASP CA   C N S 59  
ASP C    C N N 60  
ASP O    O N N 61  
ASP CB   C N N 62  
ASP CG   C N N 63  
ASP OD1  O N N 64  
ASP OD2  O N N 65  
ASP OXT  O N N 66  
ASP H    H N N 67  
ASP H2   H N N 68  
ASP HA   H N N 69  
ASP HB2  H N N 70  
ASP HB3  H N N 71  
ASP HD2  H N N 72  
ASP HXT  H N N 73  
CYS N    N N N 74  
CYS CA   C N R 75  
CYS C    C N N 76  
CYS O    O N N 77  
CYS CB   C N N 78  
CYS SG   S N N 79  
CYS OXT  O N N 80  
CYS H    H N N 81  
CYS H2   H N N 82  
CYS HA   H N N 83  
CYS HB2  H N N 84  
CYS HB3  H N N 85  
CYS HG   H N N 86  
CYS HXT  H N N 87  
GLN N    N N N 88  
GLN CA   C N S 89  
GLN C    C N N 90  
GLN O    O N N 91  
GLN CB   C N N 92  
GLN CG   C N N 93  
GLN CD   C N N 94  
GLN OE1  O N N 95  
GLN NE2  N N N 96  
GLN OXT  O N N 97  
GLN H    H N N 98  
GLN H2   H N N 99  
GLN HA   H N N 100 
GLN HB2  H N N 101 
GLN HB3  H N N 102 
GLN HG2  H N N 103 
GLN HG3  H N N 104 
GLN HE21 H N N 105 
GLN HE22 H N N 106 
GLN HXT  H N N 107 
GLU N    N N N 108 
GLU CA   C N S 109 
GLU C    C N N 110 
GLU O    O N N 111 
GLU CB   C N N 112 
GLU CG   C N N 113 
GLU CD   C N N 114 
GLU OE1  O N N 115 
GLU OE2  O N N 116 
GLU OXT  O N N 117 
GLU H    H N N 118 
GLU H2   H N N 119 
GLU HA   H N N 120 
GLU HB2  H N N 121 
GLU HB3  H N N 122 
GLU HG2  H N N 123 
GLU HG3  H N N 124 
GLU HE2  H N N 125 
GLU HXT  H N N 126 
GLY N    N N N 127 
GLY CA   C N N 128 
GLY C    C N N 129 
GLY O    O N N 130 
GLY OXT  O N N 131 
GLY H    H N N 132 
GLY H2   H N N 133 
GLY HA2  H N N 134 
GLY HA3  H N N 135 
GLY HXT  H N N 136 
HOH O    O N N 137 
HOH H1   H N N 138 
HOH H2   H N N 139 
ILE N    N N N 140 
ILE CA   C N S 141 
ILE C    C N N 142 
ILE O    O N N 143 
ILE CB   C N S 144 
ILE CG1  C N N 145 
ILE CG2  C N N 146 
ILE CD1  C N N 147 
ILE OXT  O N N 148 
ILE H    H N N 149 
ILE H2   H N N 150 
ILE HA   H N N 151 
ILE HB   H N N 152 
ILE HG12 H N N 153 
ILE HG13 H N N 154 
ILE HG21 H N N 155 
ILE HG22 H N N 156 
ILE HG23 H N N 157 
ILE HD11 H N N 158 
ILE HD12 H N N 159 
ILE HD13 H N N 160 
ILE HXT  H N N 161 
LEU N    N N N 162 
LEU CA   C N S 163 
LEU C    C N N 164 
LEU O    O N N 165 
LEU CB   C N N 166 
LEU CG   C N N 167 
LEU CD1  C N N 168 
LEU CD2  C N N 169 
LEU OXT  O N N 170 
LEU H    H N N 171 
LEU H2   H N N 172 
LEU HA   H N N 173 
LEU HB2  H N N 174 
LEU HB3  H N N 175 
LEU HG   H N N 176 
LEU HD11 H N N 177 
LEU HD12 H N N 178 
LEU HD13 H N N 179 
LEU HD21 H N N 180 
LEU HD22 H N N 181 
LEU HD23 H N N 182 
LEU HXT  H N N 183 
LYS N    N N N 184 
LYS CA   C N S 185 
LYS C    C N N 186 
LYS O    O N N 187 
LYS CB   C N N 188 
LYS CG   C N N 189 
LYS CD   C N N 190 
LYS CE   C N N 191 
LYS NZ   N N N 192 
LYS OXT  O N N 193 
LYS H    H N N 194 
LYS H2   H N N 195 
LYS HA   H N N 196 
LYS HB2  H N N 197 
LYS HB3  H N N 198 
LYS HG2  H N N 199 
LYS HG3  H N N 200 
LYS HD2  H N N 201 
LYS HD3  H N N 202 
LYS HE2  H N N 203 
LYS HE3  H N N 204 
LYS HZ1  H N N 205 
LYS HZ2  H N N 206 
LYS HZ3  H N N 207 
LYS HXT  H N N 208 
MET N    N N N 209 
MET CA   C N S 210 
MET C    C N N 211 
MET O    O N N 212 
MET CB   C N N 213 
MET CG   C N N 214 
MET SD   S N N 215 
MET CE   C N N 216 
MET OXT  O N N 217 
MET H    H N N 218 
MET H2   H N N 219 
MET HA   H N N 220 
MET HB2  H N N 221 
MET HB3  H N N 222 
MET HG2  H N N 223 
MET HG3  H N N 224 
MET HE1  H N N 225 
MET HE2  H N N 226 
MET HE3  H N N 227 
MET HXT  H N N 228 
PHE N    N N N 229 
PHE CA   C N S 230 
PHE C    C N N 231 
PHE O    O N N 232 
PHE CB   C N N 233 
PHE CG   C Y N 234 
PHE CD1  C Y N 235 
PHE CD2  C Y N 236 
PHE CE1  C Y N 237 
PHE CE2  C Y N 238 
PHE CZ   C Y N 239 
PHE OXT  O N N 240 
PHE H    H N N 241 
PHE H2   H N N 242 
PHE HA   H N N 243 
PHE HB2  H N N 244 
PHE HB3  H N N 245 
PHE HD1  H N N 246 
PHE HD2  H N N 247 
PHE HE1  H N N 248 
PHE HE2  H N N 249 
PHE HZ   H N N 250 
PHE HXT  H N N 251 
PRO N    N N N 252 
PRO CA   C N S 253 
PRO C    C N N 254 
PRO O    O N N 255 
PRO CB   C N N 256 
PRO CG   C N N 257 
PRO CD   C N N 258 
PRO OXT  O N N 259 
PRO H    H N N 260 
PRO HA   H N N 261 
PRO HB2  H N N 262 
PRO HB3  H N N 263 
PRO HG2  H N N 264 
PRO HG3  H N N 265 
PRO HD2  H N N 266 
PRO HD3  H N N 267 
PRO HXT  H N N 268 
SER N    N N N 269 
SER CA   C N S 270 
SER C    C N N 271 
SER O    O N N 272 
SER CB   C N N 273 
SER OG   O N N 274 
SER OXT  O N N 275 
SER H    H N N 276 
SER H2   H N N 277 
SER HA   H N N 278 
SER HB2  H N N 279 
SER HB3  H N N 280 
SER HG   H N N 281 
SER HXT  H N N 282 
THR N    N N N 283 
THR CA   C N S 284 
THR C    C N N 285 
THR O    O N N 286 
THR CB   C N R 287 
THR OG1  O N N 288 
THR CG2  C N N 289 
THR OXT  O N N 290 
THR H    H N N 291 
THR H2   H N N 292 
THR HA   H N N 293 
THR HB   H N N 294 
THR HG1  H N N 295 
THR HG21 H N N 296 
THR HG22 H N N 297 
THR HG23 H N N 298 
THR HXT  H N N 299 
TYR N    N N N 300 
TYR CA   C N S 301 
TYR C    C N N 302 
TYR O    O N N 303 
TYR CB   C N N 304 
TYR CG   C Y N 305 
TYR CD1  C Y N 306 
TYR CD2  C Y N 307 
TYR CE1  C Y N 308 
TYR CE2  C Y N 309 
TYR CZ   C Y N 310 
TYR OH   O N N 311 
TYR OXT  O N N 312 
TYR H    H N N 313 
TYR H2   H N N 314 
TYR HA   H N N 315 
TYR HB2  H N N 316 
TYR HB3  H N N 317 
TYR HD1  H N N 318 
TYR HD2  H N N 319 
TYR HE1  H N N 320 
TYR HE2  H N N 321 
TYR HH   H N N 322 
TYR HXT  H N N 323 
VAL N    N N N 324 
VAL CA   C N S 325 
VAL C    C N N 326 
VAL O    O N N 327 
VAL CB   C N N 328 
VAL CG1  C N N 329 
VAL CG2  C N N 330 
VAL OXT  O N N 331 
VAL H    H N N 332 
VAL H2   H N N 333 
VAL HA   H N N 334 
VAL HB   H N N 335 
VAL HG11 H N N 336 
VAL HG12 H N N 337 
VAL HG13 H N N 338 
VAL HG21 H N N 339 
VAL HG22 H N N 340 
VAL HG23 H N N 341 
VAL HXT  H N N 342 
# 
loop_
_chem_comp_bond.comp_id 
_chem_comp_bond.atom_id_1 
_chem_comp_bond.atom_id_2 
_chem_comp_bond.value_order 
_chem_comp_bond.pdbx_aromatic_flag 
_chem_comp_bond.pdbx_stereo_config 
_chem_comp_bond.pdbx_ordinal 
ALA N   CA   sing N N 1   
ALA N   H    sing N N 2   
ALA N   H2   sing N N 3   
ALA CA  C    sing N N 4   
ALA CA  CB   sing N N 5   
ALA CA  HA   sing N N 6   
ALA C   O    doub N N 7   
ALA C   OXT  sing N N 8   
ALA CB  HB1  sing N N 9   
ALA CB  HB2  sing N N 10  
ALA CB  HB3  sing N N 11  
ALA OXT HXT  sing N N 12  
ARG N   CA   sing N N 13  
ARG N   H    sing N N 14  
ARG N   H2   sing N N 15  
ARG CA  C    sing N N 16  
ARG CA  CB   sing N N 17  
ARG CA  HA   sing N N 18  
ARG C   O    doub N N 19  
ARG C   OXT  sing N N 20  
ARG CB  CG   sing N N 21  
ARG CB  HB2  sing N N 22  
ARG CB  HB3  sing N N 23  
ARG CG  CD   sing N N 24  
ARG CG  HG2  sing N N 25  
ARG CG  HG3  sing N N 26  
ARG CD  NE   sing N N 27  
ARG CD  HD2  sing N N 28  
ARG CD  HD3  sing N N 29  
ARG NE  CZ   sing N N 30  
ARG NE  HE   sing N N 31  
ARG CZ  NH1  sing N N 32  
ARG CZ  NH2  doub N N 33  
ARG NH1 HH11 sing N N 34  
ARG NH1 HH12 sing N N 35  
ARG NH2 HH21 sing N N 36  
ARG NH2 HH22 sing N N 37  
ARG OXT HXT  sing N N 38  
ASN N   CA   sing N N 39  
ASN N   H    sing N N 40  
ASN N   H2   sing N N 41  
ASN CA  C    sing N N 42  
ASN CA  CB   sing N N 43  
ASN CA  HA   sing N N 44  
ASN C   O    doub N N 45  
ASN C   OXT  sing N N 46  
ASN CB  CG   sing N N 47  
ASN CB  HB2  sing N N 48  
ASN CB  HB3  sing N N 49  
ASN CG  OD1  doub N N 50  
ASN CG  ND2  sing N N 51  
ASN ND2 HD21 sing N N 52  
ASN ND2 HD22 sing N N 53  
ASN OXT HXT  sing N N 54  
ASP N   CA   sing N N 55  
ASP N   H    sing N N 56  
ASP N   H2   sing N N 57  
ASP CA  C    sing N N 58  
ASP CA  CB   sing N N 59  
ASP CA  HA   sing N N 60  
ASP C   O    doub N N 61  
ASP C   OXT  sing N N 62  
ASP CB  CG   sing N N 63  
ASP CB  HB2  sing N N 64  
ASP CB  HB3  sing N N 65  
ASP CG  OD1  doub N N 66  
ASP CG  OD2  sing N N 67  
ASP OD2 HD2  sing N N 68  
ASP OXT HXT  sing N N 69  
CYS N   CA   sing N N 70  
CYS N   H    sing N N 71  
CYS N   H2   sing N N 72  
CYS CA  C    sing N N 73  
CYS CA  CB   sing N N 74  
CYS CA  HA   sing N N 75  
CYS C   O    doub N N 76  
CYS C   OXT  sing N N 77  
CYS CB  SG   sing N N 78  
CYS CB  HB2  sing N N 79  
CYS CB  HB3  sing N N 80  
CYS SG  HG   sing N N 81  
CYS OXT HXT  sing N N 82  
GLN N   CA   sing N N 83  
GLN N   H    sing N N 84  
GLN N   H2   sing N N 85  
GLN CA  C    sing N N 86  
GLN CA  CB   sing N N 87  
GLN CA  HA   sing N N 88  
GLN C   O    doub N N 89  
GLN C   OXT  sing N N 90  
GLN CB  CG   sing N N 91  
GLN CB  HB2  sing N N 92  
GLN CB  HB3  sing N N 93  
GLN CG  CD   sing N N 94  
GLN CG  HG2  sing N N 95  
GLN CG  HG3  sing N N 96  
GLN CD  OE1  doub N N 97  
GLN CD  NE2  sing N N 98  
GLN NE2 HE21 sing N N 99  
GLN NE2 HE22 sing N N 100 
GLN OXT HXT  sing N N 101 
GLU N   CA   sing N N 102 
GLU N   H    sing N N 103 
GLU N   H2   sing N N 104 
GLU CA  C    sing N N 105 
GLU CA  CB   sing N N 106 
GLU CA  HA   sing N N 107 
GLU C   O    doub N N 108 
GLU C   OXT  sing N N 109 
GLU CB  CG   sing N N 110 
GLU CB  HB2  sing N N 111 
GLU CB  HB3  sing N N 112 
GLU CG  CD   sing N N 113 
GLU CG  HG2  sing N N 114 
GLU CG  HG3  sing N N 115 
GLU CD  OE1  doub N N 116 
GLU CD  OE2  sing N N 117 
GLU OE2 HE2  sing N N 118 
GLU OXT HXT  sing N N 119 
GLY N   CA   sing N N 120 
GLY N   H    sing N N 121 
GLY N   H2   sing N N 122 
GLY CA  C    sing N N 123 
GLY CA  HA2  sing N N 124 
GLY CA  HA3  sing N N 125 
GLY C   O    doub N N 126 
GLY C   OXT  sing N N 127 
GLY OXT HXT  sing N N 128 
HOH O   H1   sing N N 129 
HOH O   H2   sing N N 130 
ILE N   CA   sing N N 131 
ILE N   H    sing N N 132 
ILE N   H2   sing N N 133 
ILE CA  C    sing N N 134 
ILE CA  CB   sing N N 135 
ILE CA  HA   sing N N 136 
ILE C   O    doub N N 137 
ILE C   OXT  sing N N 138 
ILE CB  CG1  sing N N 139 
ILE CB  CG2  sing N N 140 
ILE CB  HB   sing N N 141 
ILE CG1 CD1  sing N N 142 
ILE CG1 HG12 sing N N 143 
ILE CG1 HG13 sing N N 144 
ILE CG2 HG21 sing N N 145 
ILE CG2 HG22 sing N N 146 
ILE CG2 HG23 sing N N 147 
ILE CD1 HD11 sing N N 148 
ILE CD1 HD12 sing N N 149 
ILE CD1 HD13 sing N N 150 
ILE OXT HXT  sing N N 151 
LEU N   CA   sing N N 152 
LEU N   H    sing N N 153 
LEU N   H2   sing N N 154 
LEU CA  C    sing N N 155 
LEU CA  CB   sing N N 156 
LEU CA  HA   sing N N 157 
LEU C   O    doub N N 158 
LEU C   OXT  sing N N 159 
LEU CB  CG   sing N N 160 
LEU CB  HB2  sing N N 161 
LEU CB  HB3  sing N N 162 
LEU CG  CD1  sing N N 163 
LEU CG  CD2  sing N N 164 
LEU CG  HG   sing N N 165 
LEU CD1 HD11 sing N N 166 
LEU CD1 HD12 sing N N 167 
LEU CD1 HD13 sing N N 168 
LEU CD2 HD21 sing N N 169 
LEU CD2 HD22 sing N N 170 
LEU CD2 HD23 sing N N 171 
LEU OXT HXT  sing N N 172 
LYS N   CA   sing N N 173 
LYS N   H    sing N N 174 
LYS N   H2   sing N N 175 
LYS CA  C    sing N N 176 
LYS CA  CB   sing N N 177 
LYS CA  HA   sing N N 178 
LYS C   O    doub N N 179 
LYS C   OXT  sing N N 180 
LYS CB  CG   sing N N 181 
LYS CB  HB2  sing N N 182 
LYS CB  HB3  sing N N 183 
LYS CG  CD   sing N N 184 
LYS CG  HG2  sing N N 185 
LYS CG  HG3  sing N N 186 
LYS CD  CE   sing N N 187 
LYS CD  HD2  sing N N 188 
LYS CD  HD3  sing N N 189 
LYS CE  NZ   sing N N 190 
LYS CE  HE2  sing N N 191 
LYS CE  HE3  sing N N 192 
LYS NZ  HZ1  sing N N 193 
LYS NZ  HZ2  sing N N 194 
LYS NZ  HZ3  sing N N 195 
LYS OXT HXT  sing N N 196 
MET N   CA   sing N N 197 
MET N   H    sing N N 198 
MET N   H2   sing N N 199 
MET CA  C    sing N N 200 
MET CA  CB   sing N N 201 
MET CA  HA   sing N N 202 
MET C   O    doub N N 203 
MET C   OXT  sing N N 204 
MET CB  CG   sing N N 205 
MET CB  HB2  sing N N 206 
MET CB  HB3  sing N N 207 
MET CG  SD   sing N N 208 
MET CG  HG2  sing N N 209 
MET CG  HG3  sing N N 210 
MET SD  CE   sing N N 211 
MET CE  HE1  sing N N 212 
MET CE  HE2  sing N N 213 
MET CE  HE3  sing N N 214 
MET OXT HXT  sing N N 215 
PHE N   CA   sing N N 216 
PHE N   H    sing N N 217 
PHE N   H2   sing N N 218 
PHE CA  C    sing N N 219 
PHE CA  CB   sing N N 220 
PHE CA  HA   sing N N 221 
PHE C   O    doub N N 222 
PHE C   OXT  sing N N 223 
PHE CB  CG   sing N N 224 
PHE CB  HB2  sing N N 225 
PHE CB  HB3  sing N N 226 
PHE CG  CD1  doub Y N 227 
PHE CG  CD2  sing Y N 228 
PHE CD1 CE1  sing Y N 229 
PHE CD1 HD1  sing N N 230 
PHE CD2 CE2  doub Y N 231 
PHE CD2 HD2  sing N N 232 
PHE CE1 CZ   doub Y N 233 
PHE CE1 HE1  sing N N 234 
PHE CE2 CZ   sing Y N 235 
PHE CE2 HE2  sing N N 236 
PHE CZ  HZ   sing N N 237 
PHE OXT HXT  sing N N 238 
PRO N   CA   sing N N 239 
PRO N   CD   sing N N 240 
PRO N   H    sing N N 241 
PRO CA  C    sing N N 242 
PRO CA  CB   sing N N 243 
PRO CA  HA   sing N N 244 
PRO C   O    doub N N 245 
PRO C   OXT  sing N N 246 
PRO CB  CG   sing N N 247 
PRO CB  HB2  sing N N 248 
PRO CB  HB3  sing N N 249 
PRO CG  CD   sing N N 250 
PRO CG  HG2  sing N N 251 
PRO CG  HG3  sing N N 252 
PRO CD  HD2  sing N N 253 
PRO CD  HD3  sing N N 254 
PRO OXT HXT  sing N N 255 
SER N   CA   sing N N 256 
SER N   H    sing N N 257 
SER N   H2   sing N N 258 
SER CA  C    sing N N 259 
SER CA  CB   sing N N 260 
SER CA  HA   sing N N 261 
SER C   O    doub N N 262 
SER C   OXT  sing N N 263 
SER CB  OG   sing N N 264 
SER CB  HB2  sing N N 265 
SER CB  HB3  sing N N 266 
SER OG  HG   sing N N 267 
SER OXT HXT  sing N N 268 
THR N   CA   sing N N 269 
THR N   H    sing N N 270 
THR N   H2   sing N N 271 
THR CA  C    sing N N 272 
THR CA  CB   sing N N 273 
THR CA  HA   sing N N 274 
THR C   O    doub N N 275 
THR C   OXT  sing N N 276 
THR CB  OG1  sing N N 277 
THR CB  CG2  sing N N 278 
THR CB  HB   sing N N 279 
THR OG1 HG1  sing N N 280 
THR CG2 HG21 sing N N 281 
THR CG2 HG22 sing N N 282 
THR CG2 HG23 sing N N 283 
THR OXT HXT  sing N N 284 
TYR N   CA   sing N N 285 
TYR N   H    sing N N 286 
TYR N   H2   sing N N 287 
TYR CA  C    sing N N 288 
TYR CA  CB   sing N N 289 
TYR CA  HA   sing N N 290 
TYR C   O    doub N N 291 
TYR C   OXT  sing N N 292 
TYR CB  CG   sing N N 293 
TYR CB  HB2  sing N N 294 
TYR CB  HB3  sing N N 295 
TYR CG  CD1  doub Y N 296 
TYR CG  CD2  sing Y N 297 
TYR CD1 CE1  sing Y N 298 
TYR CD1 HD1  sing N N 299 
TYR CD2 CE2  doub Y N 300 
TYR CD2 HD2  sing N N 301 
TYR CE1 CZ   doub Y N 302 
TYR CE1 HE1  sing N N 303 
TYR CE2 CZ   sing Y N 304 
TYR CE2 HE2  sing N N 305 
TYR CZ  OH   sing N N 306 
TYR OH  HH   sing N N 307 
TYR OXT HXT  sing N N 308 
VAL N   CA   sing N N 309 
VAL N   H    sing N N 310 
VAL N   H2   sing N N 311 
VAL CA  C    sing N N 312 
VAL CA  CB   sing N N 313 
VAL CA  HA   sing N N 314 
VAL C   O    doub N N 315 
VAL C   OXT  sing N N 316 
VAL CB  CG1  sing N N 317 
VAL CB  CG2  sing N N 318 
VAL CB  HB   sing N N 319 
VAL CG1 HG11 sing N N 320 
VAL CG1 HG12 sing N N 321 
VAL CG1 HG13 sing N N 322 
VAL CG2 HG21 sing N N 323 
VAL CG2 HG22 sing N N 324 
VAL CG2 HG23 sing N N 325 
VAL OXT HXT  sing N N 326 
# 
_atom_sites.entry_id                    1R7J 
_atom_sites.fract_transf_matrix[1][1]   -0.01581933 
_atom_sites.fract_transf_matrix[1][2]   0.00690086 
_atom_sites.fract_transf_matrix[1][3]   -0.00001082 
_atom_sites.fract_transf_matrix[2][1]   0.00537015 
_atom_sites.fract_transf_matrix[2][2]   0.01230516 
_atom_sites.fract_transf_matrix[2][3]   -0.00332281 
_atom_sites.fract_transf_matrix[3][1]   -0.00315290 
_atom_sites.fract_transf_matrix[3][2]   -0.00727784 
_atom_sites.fract_transf_matrix[3][3]   -0.03204710 
_atom_sites.fract_transf_vector[1]      0.596323 
_atom_sites.fract_transf_vector[2]      0.232821 
_atom_sites.fract_transf_vector[3]      0.033399 
# 
loop_
_atom_type.symbol 
C 
N 
O 
S 
# 
loop_
_atom_site.group_PDB 
_atom_site.id 
_atom_site.type_symbol 
_atom_site.label_atom_id 
_atom_site.label_alt_id 
_atom_site.label_comp_id 
_atom_site.label_asym_id 
_atom_site.label_entity_id 
_atom_site.label_seq_id 
_atom_site.pdbx_PDB_ins_code 
_atom_site.Cartn_x 
_atom_site.Cartn_y 
_atom_site.Cartn_z 
_atom_site.occupancy 
_atom_site.B_iso_or_equiv 
_atom_site.pdbx_formal_charge 
_atom_site.auth_seq_id 
_atom_site.auth_comp_id 
_atom_site.auth_asym_id 
_atom_site.auth_atom_id 
_atom_site.pdbx_PDB_model_num 
ATOM   1   N N   . LYS A 1 3  ? -7.320  -0.266  12.821  1.00 36.96 ? 3   LYS A N   1 
ATOM   2   C CA  . LYS A 1 3  ? -5.927  0.250   12.684  1.00 36.38 ? 3   LYS A CA  1 
ATOM   3   C C   . LYS A 1 3  ? -5.194  -0.476  11.559  1.00 35.19 ? 3   LYS A C   1 
ATOM   4   O O   . LYS A 1 3  ? -5.127  -1.704  11.544  1.00 35.71 ? 3   LYS A O   1 
ATOM   5   C CB  . LYS A 1 3  ? -5.169  0.060   14.001  1.00 37.37 ? 3   LYS A CB  1 
ATOM   6   C CG  . LYS A 1 3  ? -3.749  0.607   13.992  1.00 38.96 ? 3   LYS A CG  1 
ATOM   7   C CD  . LYS A 1 3  ? -3.082  0.446   15.350  1.00 40.43 ? 3   LYS A CD  1 
ATOM   8   C CE  . LYS A 1 3  ? -1.671  1.015   15.346  1.00 40.67 ? 3   LYS A CE  1 
ATOM   9   N NZ  . LYS A 1 3  ? -1.012  0.890   16.676  1.00 42.06 ? 3   LYS A NZ  1 
ATOM   10  N N   . LYS A 1 4  ? -4.650  0.289   10.617  1.00 33.49 ? 4   LYS A N   1 
ATOM   11  C CA  . LYS A 1 4  ? -3.921  -0.291  9.491   1.00 31.28 ? 4   LYS A CA  1 
ATOM   12  C C   . LYS A 1 4  ? -2.550  -0.805  9.915   1.00 30.16 ? 4   LYS A C   1 
ATOM   13  O O   . LYS A 1 4  ? -1.899  -0.222  10.779  1.00 30.00 ? 4   LYS A O   1 
ATOM   14  C CB  . LYS A 1 4  ? -3.725  0.749   8.382   1.00 30.07 ? 4   LYS A CB  1 
ATOM   15  C CG  . LYS A 1 4  ? -4.983  1.165   7.639   1.00 29.92 ? 4   LYS A CG  1 
ATOM   16  C CD  . LYS A 1 4  ? -4.654  2.222   6.588   1.00 29.06 ? 4   LYS A CD  1 
ATOM   17  C CE  . LYS A 1 4  ? -5.895  2.690   5.844   1.00 29.02 ? 4   LYS A CE  1 
ATOM   18  N NZ  . LYS A 1 4  ? -6.500  1.606   5.019   1.00 28.01 ? 4   LYS A NZ  1 
ATOM   19  N N   . SER A 1 5  ? -2.116  -1.901  9.303   1.00 28.53 ? 5   SER A N   1 
ATOM   20  C CA  . SER A 1 5  ? -0.802  -2.458  9.596   1.00 27.35 ? 5   SER A CA  1 
ATOM   21  C C   . SER A 1 5  ? 0.186   -1.651  8.760   1.00 26.37 ? 5   SER A C   1 
ATOM   22  O O   . SER A 1 5  ? -0.221  -0.869  7.901   1.00 23.72 ? 5   SER A O   1 
ATOM   23  C CB  . SER A 1 5  ? -0.735  -3.928  9.184   1.00 27.36 ? 5   SER A CB  1 
ATOM   24  O OG  . SER A 1 5  ? -0.856  -4.062  7.776   1.00 26.61 ? 5   SER A OG  1 
ATOM   25  N N   . LYS A 1 6  ? 1.479   -1.835  9.004   1.00 26.05 ? 6   LYS A N   1 
ATOM   26  C CA  . LYS A 1 6  ? 2.486   -1.102  8.248   1.00 25.77 ? 6   LYS A CA  1 
ATOM   27  C C   . LYS A 1 6  ? 2.322   -1.371  6.753   1.00 23.46 ? 6   LYS A C   1 
ATOM   28  O O   . LYS A 1 6  ? 2.404   -0.453  5.936   1.00 20.51 ? 6   LYS A O   1 
ATOM   29  C CB  . LYS A 1 6  ? 3.891   -1.504  8.699   1.00 29.33 ? 6   LYS A CB  1 
ATOM   30  C CG  . LYS A 1 6  ? 5.002   -0.696  8.046   1.00 33.00 ? 6   LYS A CG  1 
ATOM   31  C CD  . LYS A 1 6  ? 6.364   -1.029  8.641   1.00 36.19 ? 6   LYS A CD  1 
ATOM   32  C CE  . LYS A 1 6  ? 7.461   -0.180  8.012   1.00 37.48 ? 6   LYS A CE  1 
ATOM   33  N NZ  . LYS A 1 6  ? 8.798   -0.451  8.612   1.00 39.09 ? 6   LYS A NZ  1 
ATOM   34  N N   . LEU A 1 7  ? 2.079   -2.628  6.398   1.00 21.76 ? 7   LEU A N   1 
ATOM   35  C CA  . LEU A 1 7  ? 1.906   -2.993  4.997   1.00 20.10 ? 7   LEU A CA  1 
ATOM   36  C C   . LEU A 1 7  ? 0.641   -2.372  4.414   1.00 18.90 ? 7   LEU A C   1 
ATOM   37  O O   . LEU A 1 7  ? 0.608   -2.000  3.239   1.00 17.78 ? 7   LEU A O   1 
ATOM   38  C CB  . LEU A 1 7  ? 1.860   -4.517  4.841   1.00 22.76 ? 7   LEU A CB  1 
ATOM   39  C CG  . LEU A 1 7  ? 1.879   -5.055  3.404   1.00 23.90 ? 7   LEU A CG  1 
ATOM   40  C CD1 . LEU A 1 7  ? 3.150   -4.604  2.693   1.00 23.01 ? 7   LEU A CD1 1 
ATOM   41  C CD2 . LEU A 1 7  ? 1.797   -6.575  3.428   1.00 26.04 ? 7   LEU A CD2 1 
ATOM   42  N N   . GLU A 1 8  ? -0.407  -2.266  5.226   1.00 17.65 ? 8   GLU A N   1 
ATOM   43  C CA  . GLU A 1 8  ? -1.649  -1.670  4.755   1.00 17.39 ? 8   GLU A CA  1 
ATOM   44  C C   . GLU A 1 8  ? -1.446  -0.174  4.538   1.00 14.80 ? 8   GLU A C   1 
ATOM   45  O O   . GLU A 1 8  ? -2.013  0.409   3.619   1.00 14.11 ? 8   GLU A O   1 
ATOM   46  C CB  . GLU A 1 8  ? -2.778  -1.913  5.759   1.00 20.13 ? 8   GLU A CB  1 
ATOM   47  C CG  . GLU A 1 8  ? -3.088  -3.387  5.965   1.00 25.55 ? 8   GLU A CG  1 
ATOM   48  C CD  . GLU A 1 8  ? -4.270  -3.620  6.882   1.00 27.41 ? 8   GLU A CD  1 
ATOM   49  O OE1 . GLU A 1 8  ? -4.253  -3.104  8.019   1.00 28.49 ? 8   GLU A OE1 1 
ATOM   50  O OE2 . GLU A 1 8  ? -5.211  -4.328  6.466   1.00 30.75 ? 8   GLU A OE2 1 
ATOM   51  N N   . ILE A 1 9  ? -0.632  0.446   5.388   1.00 13.95 ? 9   ILE A N   1 
ATOM   52  C CA  . ILE A 1 9  ? -0.350  1.868   5.243   1.00 13.73 ? 9   ILE A CA  1 
ATOM   53  C C   . ILE A 1 9  ? 0.412   2.068   3.935   1.00 13.36 ? 9   ILE A C   1 
ATOM   54  O O   . ILE A 1 9  ? 0.059   2.921   3.113   1.00 12.24 ? 9   ILE A O   1 
ATOM   55  C CB  . ILE A 1 9  ? 0.498   2.399   6.420   1.00 13.71 ? 9   ILE A CB  1 
ATOM   56  C CG1 . ILE A 1 9  ? -0.345  2.394   7.699   1.00 16.62 ? 9   ILE A CG1 1 
ATOM   57  C CG2 . ILE A 1 9  ? 1.010   3.804   6.110   1.00 15.99 ? 9   ILE A CG2 1 
ATOM   58  C CD1 . ILE A 1 9  ? 0.433   2.723   8.955   1.00 18.01 ? 9   ILE A CD1 1 
ATOM   59  N N   . ILE A 1 10 ? 1.459   1.274   3.738   1.00 13.37 ? 10  ILE A N   1 
ATOM   60  C CA  . ILE A 1 10 ? 2.249   1.371   2.519   1.00 12.98 ? 10  ILE A CA  1 
ATOM   61  C C   . ILE A 1 10 ? 1.372   1.139   1.295   1.00 12.52 ? 10  ILE A C   1 
ATOM   62  O O   . ILE A 1 10 ? 1.471   1.878   0.318   1.00 12.82 ? 10  ILE A O   1 
ATOM   63  C CB  . ILE A 1 10 ? 3.416   0.362   2.525   1.00 14.96 ? 10  ILE A CB  1 
ATOM   64  C CG1 . ILE A 1 10 ? 4.397   0.734   3.640   1.00 18.70 ? 10  ILE A CG1 1 
ATOM   65  C CG2 . ILE A 1 10 ? 4.131   0.371   1.174   1.00 16.23 ? 10  ILE A CG2 1 
ATOM   66  C CD1 . ILE A 1 10 ? 5.510   -0.273  3.857   1.00 21.52 ? 10  ILE A CD1 1 
ATOM   67  N N   . GLN A 1 11 ? 0.509   0.127   1.333   1.00 12.37 ? 11  GLN A N   1 
ATOM   68  C CA  . GLN A 1 11 ? -0.358  -0.115  0.186   1.00 11.69 ? 11  GLN A CA  1 
ATOM   69  C C   . GLN A 1 11 ? -1.247  1.091   -0.104  1.00 12.34 ? 11  GLN A C   1 
ATOM   70  O O   . GLN A 1 11 ? -1.438  1.456   -1.259  1.00 11.84 ? 11  GLN A O   1 
ATOM   71  C CB  . GLN A 1 11 ? -1.240  -1.348  0.390   1.00 12.95 ? 11  GLN A CB  1 
ATOM   72  C CG  . GLN A 1 11 ? -2.251  -1.502  -0.734  1.00 14.19 ? 11  GLN A CG  1 
ATOM   73  C CD  . GLN A 1 11 ? -2.978  -2.829  -0.723  1.00 15.47 ? 11  GLN A CD  1 
ATOM   74  O OE1 . GLN A 1 11 ? -3.090  -3.493  0.309   1.00 17.65 ? 11  GLN A OE1 1 
ATOM   75  N NE2 . GLN A 1 11 ? -3.489  -3.217  -1.883  1.00 17.92 ? 11  GLN A NE2 1 
ATOM   76  N N   . ALA A 1 12 ? -1.799  1.709   0.937   1.00 12.28 ? 12  ALA A N   1 
ATOM   77  C CA  . ALA A 1 12 ? -2.658  2.871   0.735   1.00 11.54 ? 12  ALA A CA  1 
ATOM   78  C C   . ALA A 1 12 ? -1.891  3.995   0.038   1.00 11.53 ? 12  ALA A C   1 
ATOM   79  O O   . ALA A 1 12 ? -2.427  4.681   -0.834  1.00 12.48 ? 12  ALA A O   1 
ATOM   80  C CB  . ALA A 1 12 ? -3.202  3.359   2.071   1.00 12.92 ? 12  ALA A CB  1 
ATOM   81  N N   . ILE A 1 13 ? -0.636  4.188   0.427   1.00 10.69 ? 13  ILE A N   1 
ATOM   82  C CA  . ILE A 1 13 ? 0.179   5.231   -0.180  1.00 10.26 ? 13  ILE A CA  1 
ATOM   83  C C   . ILE A 1 13 ? 0.450   4.917   -1.649  1.00 10.55 ? 13  ILE A C   1 
ATOM   84  O O   . ILE A 1 13 ? 0.306   5.778   -2.514  1.00 10.58 ? 13  ILE A O   1 
ATOM   85  C CB  . ILE A 1 13 ? 1.518   5.392   0.574   1.00 10.17 ? 13  ILE A CB  1 
ATOM   86  C CG1 . ILE A 1 13 ? 1.240   5.840   2.012   1.00 11.26 ? 13  ILE A CG1 1 
ATOM   87  C CG2 . ILE A 1 13 ? 2.411   6.401   -0.151  1.00 11.20 ? 13  ILE A CG2 1 
ATOM   88  C CD1 . ILE A 1 13 ? 2.479   5.916   2.887   1.00 14.13 ? 13  ILE A CD1 1 
ATOM   89  N N   . LEU A 1 14 ? 0.828   3.677   -1.936  1.00 10.70 ? 14  LEU A N   1 
ATOM   90  C CA  . LEU A 1 14 ? 1.110   3.288   -3.310  1.00 9.70  ? 14  LEU A CA  1 
ATOM   91  C C   . LEU A 1 14 ? -0.139  3.368   -4.189  1.00 11.61 ? 14  LEU A C   1 
ATOM   92  O O   . LEU A 1 14 ? -0.064  3.789   -5.342  1.00 13.81 ? 14  LEU A O   1 
ATOM   93  C CB  . LEU A 1 14 ? 1.699   1.875   -3.348  1.00 11.78 ? 14  LEU A CB  1 
ATOM   94  C CG  . LEU A 1 14 ? 2.975   1.683   -2.517  1.00 12.57 ? 14  LEU A CG  1 
ATOM   95  C CD1 . LEU A 1 14 ? 3.521   0.284   -2.739  1.00 12.79 ? 14  LEU A CD1 1 
ATOM   96  C CD2 . LEU A 1 14 ? 4.025   2.726   -2.899  1.00 13.60 ? 14  LEU A CD2 1 
ATOM   97  N N   . GLU A 1 15 ? -1.286  2.969   -3.648  1.00 12.84 ? 15  GLU A N   1 
ATOM   98  C CA  . GLU A 1 15 ? -2.526  3.019   -4.414  1.00 15.03 ? 15  GLU A CA  1 
ATOM   99  C C   . GLU A 1 15 ? -2.836  4.461   -4.816  1.00 14.95 ? 15  GLU A C   1 
ATOM   100 O O   . GLU A 1 15 ? -3.280  4.723   -5.933  1.00 16.71 ? 15  GLU A O   1 
ATOM   101 C CB  . GLU A 1 15 ? -3.685  2.436   -3.595  1.00 14.69 ? 15  GLU A CB  1 
ATOM   102 C CG  . GLU A 1 15 ? -3.581  0.936   -3.319  1.00 17.53 ? 15  GLU A CG  1 
ATOM   103 C CD  . GLU A 1 15 ? -4.001  0.072   -4.497  1.00 18.57 ? 15  GLU A CD  1 
ATOM   104 O OE1 . GLU A 1 15 ? -4.243  0.614   -5.597  1.00 20.82 ? 15  GLU A OE1 1 
ATOM   105 O OE2 . GLU A 1 15 ? -4.087  -1.162  -4.314  1.00 19.35 ? 15  GLU A OE2 1 
ATOM   106 N N   . ALA A 1 16 ? -2.592  5.402   -3.909  1.00 14.10 ? 16  ALA A N   1 
ATOM   107 C CA  . ALA A 1 16 ? -2.855  6.804   -4.215  1.00 13.72 ? 16  ALA A CA  1 
ATOM   108 C C   . ALA A 1 16 ? -1.880  7.308   -5.277  1.00 14.44 ? 16  ALA A C   1 
ATOM   109 O O   . ALA A 1 16 ? -2.261  8.058   -6.181  1.00 15.05 ? 16  ALA A O   1 
ATOM   110 C CB  . ALA A 1 16 ? -2.738  7.656   -2.946  1.00 13.76 ? 16  ALA A CB  1 
ATOM   111 N N   . CYS A 1 17 ? -0.627  6.879   -5.178  1.00 13.07 ? 17  CYS A N   1 
ATOM   112 C CA  . CYS A 1 17 ? 0.410   7.305   -6.114  1.00 13.75 ? 17  CYS A CA  1 
ATOM   113 C C   . CYS A 1 17 ? 0.313   6.663   -7.494  1.00 15.20 ? 17  CYS A C   1 
ATOM   114 O O   . CYS A 1 17 ? 0.909   7.158   -8.452  1.00 16.36 ? 17  CYS A O   1 
ATOM   115 C CB  . CYS A 1 17 ? 1.793   7.027   -5.519  1.00 13.52 ? 17  CYS A CB  1 
ATOM   116 S SG  . CYS A 1 17 ? 2.201   8.049   -4.095  1.00 13.34 ? 17  CYS A SG  1 
ATOM   117 N N   . LYS A 1 18 ? -0.444  5.577   -7.600  1.00 16.89 ? 18  LYS A N   1 
ATOM   118 C CA  . LYS A 1 18 ? -0.595  4.878   -8.872  1.00 20.21 ? 18  LYS A CA  1 
ATOM   119 C C   . LYS A 1 18 ? -0.973  5.824   -10.016 1.00 20.60 ? 18  LYS A C   1 
ATOM   120 O O   . LYS A 1 18 ? -0.421  5.726   -11.112 1.00 21.94 ? 18  LYS A O   1 
ATOM   121 C CB  . LYS A 1 18 ? -1.641  3.765   -8.732  1.00 21.83 ? 18  LYS A CB  1 
ATOM   122 C CG  . LYS A 1 18 ? -1.759  2.859   -9.947  1.00 26.15 ? 18  LYS A CG  1 
ATOM   123 C CD  . LYS A 1 18 ? -2.734  1.724   -9.680  1.00 28.70 ? 18  LYS A CD  1 
ATOM   124 C CE  . LYS A 1 18 ? -2.912  0.838   -10.902 1.00 31.68 ? 18  LYS A CE  1 
ATOM   125 N NZ  . LYS A 1 18 ? -1.621  0.259   -11.370 1.00 32.55 ? 18  LYS A NZ  1 
ATOM   126 N N   . SER A 1 19 ? -1.895  6.747   -9.760  1.00 20.62 ? 19  SER A N   1 
ATOM   127 C CA  . SER A 1 19 ? -2.318  7.691   -10.790 1.00 22.13 ? 19  SER A CA  1 
ATOM   128 C C   . SER A 1 19 ? -1.851  9.113   -10.496 1.00 21.96 ? 19  SER A C   1 
ATOM   129 O O   . SER A 1 19 ? -2.296  10.066  -11.134 1.00 23.15 ? 19  SER A O   1 
ATOM   130 C CB  . SER A 1 19 ? -3.841  7.679   -10.924 1.00 25.56 ? 19  SER A CB  1 
ATOM   131 O OG  . SER A 1 19 ? -4.463  8.079   -9.716  1.00 30.33 ? 19  SER A OG  1 
ATOM   132 N N   . GLY A 1 20 ? -0.944  9.250   -9.534  1.00 19.46 ? 20  GLY A N   1 
ATOM   133 C CA  . GLY A 1 20 ? -0.444  10.566  -9.172  1.00 18.59 ? 20  GLY A CA  1 
ATOM   134 C C   . GLY A 1 20 ? -1.288  11.139  -8.054  1.00 16.99 ? 20  GLY A C   1 
ATOM   135 O O   . GLY A 1 20 ? -2.515  11.167  -8.155  1.00 18.39 ? 20  GLY A O   1 
ATOM   136 N N   . SER A 1 21 ? -0.648  11.614  -6.991  1.00 15.87 ? 21  SER A N   1 
ATOM   137 C CA  . SER A 1 21 ? -1.403  12.148  -5.868  1.00 15.52 ? 21  SER A CA  1 
ATOM   138 C C   . SER A 1 21 ? -0.687  13.192  -5.023  1.00 14.23 ? 21  SER A C   1 
ATOM   139 O O   . SER A 1 21 ? 0.529   13.131  -4.841  1.00 14.27 ? 21  SER A O   1 
ATOM   140 C CB  . SER A 1 21 ? -1.822  10.991  -4.957  1.00 16.65 ? 21  SER A CB  1 
ATOM   141 O OG  . SER A 1 21 ? -2.303  11.460  -3.713  1.00 15.53 ? 21  SER A OG  1 
ATOM   142 N N   . PRO A 1 22 ? -1.436  14.185  -4.510  1.00 14.27 ? 22  PRO A N   1 
ATOM   143 C CA  . PRO A 1 22 ? -0.805  15.204  -3.672  1.00 14.17 ? 22  PRO A CA  1 
ATOM   144 C C   . PRO A 1 22 ? -0.643  14.599  -2.274  1.00 13.26 ? 22  PRO A C   1 
ATOM   145 O O   . PRO A 1 22 ? -1.233  13.559  -1.963  1.00 12.77 ? 22  PRO A O   1 
ATOM   146 C CB  . PRO A 1 22 ? -1.814  16.351  -3.704  1.00 13.03 ? 22  PRO A CB  1 
ATOM   147 C CG  . PRO A 1 22 ? -3.118  15.632  -3.793  1.00 16.02 ? 22  PRO A CG  1 
ATOM   148 C CD  . PRO A 1 22 ? -2.835  14.542  -4.810  1.00 14.78 ? 22  PRO A CD  1 
ATOM   149 N N   . LYS A 1 23 ? 0.158   15.249  -1.440  1.00 12.06 ? 23  LYS A N   1 
ATOM   150 C CA  . LYS A 1 23 ? 0.422   14.772  -0.092  1.00 13.14 ? 23  LYS A CA  1 
ATOM   151 C C   . LYS A 1 23 ? -0.834  14.617  0.762   1.00 11.21 ? 23  LYS A C   1 
ATOM   152 O O   . LYS A 1 23 ? -0.979  13.624  1.470   1.00 11.47 ? 23  LYS A O   1 
ATOM   153 C CB  . LYS A 1 23 ? 1.419   15.707  0.597   1.00 12.60 ? 23  LYS A CB  1 
ATOM   154 C CG  . LYS A 1 23 ? 1.923   15.215  1.941   1.00 15.85 ? 23  LYS A CG  1 
ATOM   155 C CD  . LYS A 1 23 ? 3.081   16.079  2.411   1.00 16.30 ? 23  LYS A CD  1 
ATOM   156 C CE  . LYS A 1 23 ? 3.676   15.574  3.714   1.00 17.22 ? 23  LYS A CE  1 
ATOM   157 N NZ  . LYS A 1 23 ? 4.891   16.355  4.089   1.00 19.25 ? 23  LYS A NZ  1 
ATOM   158 N N   . THR A 1 24 ? -1.749  15.581  0.696   1.00 12.34 ? 24  THR A N   1 
ATOM   159 C CA  . THR A 1 24 ? -2.971  15.497  1.496   1.00 13.41 ? 24  THR A CA  1 
ATOM   160 C C   . THR A 1 24 ? -3.811  14.268  1.170   1.00 12.69 ? 24  THR A C   1 
ATOM   161 O O   . THR A 1 24 ? -4.408  13.664  2.064   1.00 13.03 ? 24  THR A O   1 
ATOM   162 C CB  . THR A 1 24 ? -3.852  16.749  1.321   1.00 14.21 ? 24  THR A CB  1 
ATOM   163 O OG1 . THR A 1 24 ? -4.079  16.983  -0.072  1.00 16.41 ? 24  THR A OG1 1 
ATOM   164 C CG2 . THR A 1 24 ? -3.180  17.957  1.939   1.00 16.82 ? 24  THR A CG2 1 
ATOM   165 N N   . ARG A 1 25 ? -3.867  13.896  -0.104  1.00 11.98 ? 25  ARG A N   1 
ATOM   166 C CA  . ARG A 1 25 ? -4.641  12.726  -0.506  1.00 13.79 ? 25  ARG A CA  1 
ATOM   167 C C   . ARG A 1 25 ? -4.010  11.465  0.077   1.00 13.77 ? 25  ARG A C   1 
ATOM   168 O O   . ARG A 1 25 ? -4.709  10.561  0.526   1.00 14.81 ? 25  ARG A O   1 
ATOM   169 C CB  . ARG A 1 25 ? -4.699  12.619  -2.031  1.00 14.60 ? 25  ARG A CB  1 
ATOM   170 C CG  . ARG A 1 25 ? -5.521  11.442  -2.546  1.00 16.91 ? 25  ARG A CG  1 
ATOM   171 C CD  . ARG A 1 25 ? -5.563  11.456  -4.065  1.00 18.50 ? 25  ARG A CD  1 
ATOM   172 N NE  . ARG A 1 25 ? -6.062  12.738  -4.555  1.00 19.08 ? 25  ARG A NE  1 
ATOM   173 C CZ  . ARG A 1 25 ? -5.895  13.187  -5.794  1.00 21.21 ? 25  ARG A CZ  1 
ATOM   174 N NH1 . ARG A 1 25 ? -5.240  12.458  -6.688  1.00 22.56 ? 25  ARG A NH1 1 
ATOM   175 N NH2 . ARG A 1 25 ? -6.367  14.379  -6.136  1.00 21.47 ? 25  ARG A NH2 1 
ATOM   176 N N   . ILE A 1 26 ? -2.683  11.413  0.068   1.00 12.37 ? 26  ILE A N   1 
ATOM   177 C CA  . ILE A 1 26 ? -1.961  10.270  0.620   1.00 12.37 ? 26  ILE A CA  1 
ATOM   178 C C   . ILE A 1 26 ? -2.235  10.190  2.117   1.00 12.41 ? 26  ILE A C   1 
ATOM   179 O O   . ILE A 1 26 ? -2.474  9.112   2.666   1.00 13.48 ? 26  ILE A O   1 
ATOM   180 C CB  . ILE A 1 26 ? -0.447  10.422  0.387   1.00 11.85 ? 26  ILE A CB  1 
ATOM   181 C CG1 . ILE A 1 26 ? -0.158  10.335  -1.109  1.00 12.47 ? 26  ILE A CG1 1 
ATOM   182 C CG2 . ILE A 1 26 ? 0.322   9.335   1.136   1.00 11.30 ? 26  ILE A CG2 1 
ATOM   183 C CD1 . ILE A 1 26 ? 1.267   10.698  -1.490  1.00 13.26 ? 26  ILE A CD1 1 
ATOM   184 N N   . MET A 1 27 ? -2.201  11.344  2.770   1.00 12.32 ? 27  MET A N   1 
ATOM   185 C CA  . MET A 1 27 ? -2.446  11.429  4.202   1.00 12.17 ? 27  MET A CA  1 
ATOM   186 C C   . MET A 1 27 ? -3.791  10.828  4.612   1.00 12.49 ? 27  MET A C   1 
ATOM   187 O O   . MET A 1 27 ? -3.856  9.999   5.521   1.00 12.75 ? 27  MET A O   1 
ATOM   188 C CB  . MET A 1 27 ? -2.370  12.889  4.651   1.00 13.10 ? 27  MET A CB  1 
ATOM   189 C CG  . MET A 1 27 ? -2.711  13.096  6.113   1.00 15.80 ? 27  MET A CG  1 
ATOM   190 S SD  . MET A 1 27 ? -2.613  14.822  6.601   1.00 18.26 ? 27  MET A SD  1 
ATOM   191 C CE  . MET A 1 27 ? -4.051  15.476  5.798   1.00 19.78 ? 27  MET A CE  1 
ATOM   192 N N   . TYR A 1 28 ? -4.866  11.242  3.947   1.00 12.95 ? 28  TYR A N   1 
ATOM   193 C CA  . TYR A 1 28 ? -6.186  10.727  4.284   1.00 12.70 ? 28  TYR A CA  1 
ATOM   194 C C   . TYR A 1 28 ? -6.362  9.279   3.857   1.00 13.63 ? 28  TYR A C   1 
ATOM   195 O O   . TYR A 1 28 ? -7.024  8.502   4.544   1.00 15.25 ? 28  TYR A O   1 
ATOM   196 C CB  . TYR A 1 28 ? -7.281  11.606  3.663   1.00 12.90 ? 28  TYR A CB  1 
ATOM   197 C CG  . TYR A 1 28 ? -7.346  12.986  4.278   1.00 11.72 ? 28  TYR A CG  1 
ATOM   198 C CD1 . TYR A 1 28 ? -7.549  13.140  5.648   1.00 13.26 ? 28  TYR A CD1 1 
ATOM   199 C CD2 . TYR A 1 28 ? -7.186  14.134  3.499   1.00 11.60 ? 28  TYR A CD2 1 
ATOM   200 C CE1 . TYR A 1 28 ? -7.590  14.400  6.234   1.00 12.68 ? 28  TYR A CE1 1 
ATOM   201 C CE2 . TYR A 1 28 ? -7.230  15.403  4.077   1.00 12.14 ? 28  TYR A CE2 1 
ATOM   202 C CZ  . TYR A 1 28 ? -7.429  15.527  5.443   1.00 12.64 ? 28  TYR A CZ  1 
ATOM   203 O OH  . TYR A 1 28 ? -7.465  16.775  6.025   1.00 15.42 ? 28  TYR A OH  1 
ATOM   204 N N   . GLY A 1 29 ? -5.755  8.911   2.732   1.00 12.27 ? 29  GLY A N   1 
ATOM   205 C CA  . GLY A 1 29 ? -5.866  7.542   2.258   1.00 12.54 ? 29  GLY A CA  1 
ATOM   206 C C   . GLY A 1 29 ? -5.231  6.538   3.203   1.00 14.04 ? 29  GLY A C   1 
ATOM   207 O O   . GLY A 1 29 ? -5.760  5.445   3.407   1.00 15.70 ? 29  GLY A O   1 
ATOM   208 N N   . ALA A 1 30 ? -4.097  6.909   3.789   1.00 13.67 ? 30  ALA A N   1 
ATOM   209 C CA  . ALA A 1 30 ? -3.388  6.022   4.704   1.00 14.04 ? 30  ALA A CA  1 
ATOM   210 C C   . ALA A 1 30 ? -3.775  6.269   6.159   1.00 15.12 ? 30  ALA A C   1 
ATOM   211 O O   . ALA A 1 30 ? -3.311  5.566   7.055   1.00 15.00 ? 30  ALA A O   1 
ATOM   212 C CB  . ALA A 1 30 ? -1.880  6.197   4.524   1.00 14.01 ? 30  ALA A CB  1 
ATOM   213 N N   . ASN A 1 31 ? -4.627  7.269   6.375   1.00 15.76 ? 31  ASN A N   1 
ATOM   214 C CA  . ASN A 1 31 ? -5.091  7.652   7.706   1.00 16.15 ? 31  ASN A CA  1 
ATOM   215 C C   . ASN A 1 31 ? -3.929  7.932   8.658   1.00 17.37 ? 31  ASN A C   1 
ATOM   216 O O   . ASN A 1 31 ? -3.849  7.375   9.754   1.00 18.67 ? 31  ASN A O   1 
ATOM   217 C CB  . ASN A 1 31 ? -6.003  6.571   8.287   1.00 18.36 ? 31  ASN A CB  1 
ATOM   218 C CG  . ASN A 1 31 ? -6.695  7.024   9.553   1.00 22.22 ? 31  ASN A CG  1 
ATOM   219 O OD1 . ASN A 1 31 ? -7.089  8.186   9.673   1.00 23.51 ? 31  ASN A OD1 1 
ATOM   220 N ND2 . ASN A 1 31 ? -6.864  6.111   10.498  1.00 23.28 ? 31  ASN A ND2 1 
ATOM   221 N N   . LEU A 1 32 ? -3.038  8.820   8.224   1.00 15.43 ? 32  LEU A N   1 
ATOM   222 C CA  . LEU A 1 32 ? -1.861  9.202   8.994   1.00 15.72 ? 32  LEU A CA  1 
ATOM   223 C C   . LEU A 1 32 ? -1.875  10.698  9.278   1.00 15.52 ? 32  LEU A C   1 
ATOM   224 O O   . LEU A 1 32 ? -2.581  11.459  8.616   1.00 17.07 ? 32  LEU A O   1 
ATOM   225 C CB  . LEU A 1 32 ? -0.595  8.882   8.196   1.00 16.74 ? 32  LEU A CB  1 
ATOM   226 C CG  . LEU A 1 32 ? -0.413  7.481   7.599   1.00 15.93 ? 32  LEU A CG  1 
ATOM   227 C CD1 . LEU A 1 32 ? 0.745   7.502   6.615   1.00 18.70 ? 32  LEU A CD1 1 
ATOM   228 C CD2 . LEU A 1 32 ? -0.162  6.475   8.707   1.00 18.13 ? 32  LEU A CD2 1 
ATOM   229 N N   . SER A 1 33 ? -1.094  11.116  10.266  1.00 16.32 ? 33  SER A N   1 
ATOM   230 C CA  . SER A 1 33 ? -0.983  12.532  10.581  1.00 16.24 ? 33  SER A CA  1 
ATOM   231 C C   . SER A 1 33 ? -0.167  13.121  9.432   1.00 16.12 ? 33  SER A C   1 
ATOM   232 O O   . SER A 1 33 ? 0.468   12.384  8.674   1.00 15.78 ? 33  SER A O   1 
ATOM   233 C CB  . SER A 1 33 ? -0.223  12.737  11.892  1.00 18.02 ? 33  SER A CB  1 
ATOM   234 O OG  . SER A 1 33 ? 1.128   12.324  11.766  1.00 16.20 ? 33  SER A OG  1 
ATOM   235 N N   . TYR A 1 34 ? -0.173  14.441  9.301   1.00 16.00 ? 34  TYR A N   1 
ATOM   236 C CA  . TYR A 1 34 ? 0.586   15.078  8.233   1.00 16.62 ? 34  TYR A CA  1 
ATOM   237 C C   . TYR A 1 34 ? 2.068   14.757  8.407   1.00 16.42 ? 34  TYR A C   1 
ATOM   238 O O   . TYR A 1 34 ? 2.759   14.430  7.444   1.00 15.41 ? 34  TYR A O   1 
ATOM   239 C CB  . TYR A 1 34 ? 0.377   16.592  8.269   1.00 17.68 ? 34  TYR A CB  1 
ATOM   240 C CG  . TYR A 1 34 ? 0.860   17.317  7.030   1.00 18.25 ? 34  TYR A CG  1 
ATOM   241 C CD1 . TYR A 1 34 ? 0.162   17.219  5.827   1.00 19.05 ? 34  TYR A CD1 1 
ATOM   242 C CD2 . TYR A 1 34 ? 2.005   18.112  7.063   1.00 18.69 ? 34  TYR A CD2 1 
ATOM   243 C CE1 . TYR A 1 34 ? 0.589   17.900  4.687   1.00 20.15 ? 34  TYR A CE1 1 
ATOM   244 C CE2 . TYR A 1 34 ? 2.441   18.798  5.928   1.00 20.20 ? 34  TYR A CE2 1 
ATOM   245 C CZ  . TYR A 1 34 ? 1.728   18.686  4.745   1.00 20.72 ? 34  TYR A CZ  1 
ATOM   246 O OH  . TYR A 1 34 ? 2.141   19.371  3.622   1.00 22.29 ? 34  TYR A OH  1 
ATOM   247 N N   . ALA A 1 35 ? 2.549   14.846  9.644   1.00 16.32 ? 35  ALA A N   1 
ATOM   248 C CA  . ALA A 1 35 ? 3.948   14.571  9.943   1.00 16.09 ? 35  ALA A CA  1 
ATOM   249 C C   . ALA A 1 35 ? 4.351   13.141  9.599   1.00 14.56 ? 35  ALA A C   1 
ATOM   250 O O   . ALA A 1 35 ? 5.409   12.916  9.016   1.00 16.58 ? 35  ALA A O   1 
ATOM   251 C CB  . ALA A 1 35 ? 4.232   14.854  11.416  1.00 19.66 ? 35  ALA A CB  1 
ATOM   252 N N   . LEU A 1 36 ? 3.514   12.174  9.958   1.00 13.43 ? 36  LEU A N   1 
ATOM   253 C CA  . LEU A 1 36 ? 3.833   10.781  9.667   1.00 13.73 ? 36  LEU A CA  1 
ATOM   254 C C   . LEU A 1 36 ? 3.775   10.520  8.168   1.00 12.14 ? 36  LEU A C   1 
ATOM   255 O O   . LEU A 1 36 ? 4.525   9.701   7.648   1.00 12.28 ? 36  LEU A O   1 
ATOM   256 C CB  . LEU A 1 36 ? 2.872   9.843   10.401  1.00 15.93 ? 36  LEU A CB  1 
ATOM   257 C CG  . LEU A 1 36 ? 3.186   8.345   10.335  1.00 17.15 ? 36  LEU A CG  1 
ATOM   258 C CD1 . LEU A 1 36 ? 4.644   8.089   10.706  1.00 17.91 ? 36  LEU A CD1 1 
ATOM   259 C CD2 . LEU A 1 36 ? 2.253   7.599   11.279  1.00 19.96 ? 36  LEU A CD2 1 
ATOM   260 N N   . THR A 1 37 ? 2.881   11.218  7.476   1.00 12.13 ? 37  THR A N   1 
ATOM   261 C CA  . THR A 1 37 ? 2.769   11.053  6.028   1.00 11.61 ? 37  THR A CA  1 
ATOM   262 C C   . THR A 1 37 ? 4.099   11.457  5.396   1.00 11.72 ? 37  THR A C   1 
ATOM   263 O O   . THR A 1 37 ? 4.600   10.791  4.487   1.00 11.40 ? 37  THR A O   1 
ATOM   264 C CB  . THR A 1 37 ? 1.638   11.933  5.457   1.00 12.64 ? 37  THR A CB  1 
ATOM   265 O OG1 . THR A 1 37 ? 0.389   11.526  6.026   1.00 13.85 ? 37  THR A OG1 1 
ATOM   266 C CG2 . THR A 1 37 ? 1.559   11.800  3.940   1.00 12.29 ? 37  THR A CG2 1 
ATOM   267 N N   . GLY A 1 38 ? 4.670   12.551  5.887   1.00 10.88 ? 38  GLY A N   1 
ATOM   268 C CA  . GLY A 1 38 ? 5.945   13.007  5.370   1.00 12.30 ? 38  GLY A CA  1 
ATOM   269 C C   . GLY A 1 38 ? 7.042   11.982  5.588   1.00 12.35 ? 38  GLY A C   1 
ATOM   270 O O   . GLY A 1 38 ? 7.880   11.758  4.716   1.00 12.54 ? 38  GLY A O   1 
ATOM   271 N N   . ARG A 1 39 ? 7.049   11.354  6.758   1.00 12.51 ? 39  ARG A N   1 
ATOM   272 C CA  . ARG A 1 39 ? 8.060   10.348  7.064   1.00 12.50 ? 39  ARG A CA  1 
ATOM   273 C C   . ARG A 1 39 ? 7.943   9.119   6.156   1.00 11.30 ? 39  ARG A C   1 
ATOM   274 O O   . ARG A 1 39 ? 8.956   8.570   5.711   1.00 13.66 ? 39  ARG A O   1 
ATOM   275 C CB  . ARG A 1 39 ? 7.953   9.951   8.533   1.00 14.55 ? 39  ARG A CB  1 
ATOM   276 C CG  . ARG A 1 39 ? 8.392   11.074  9.457   1.00 17.10 ? 39  ARG A CG  1 
ATOM   277 C CD  . ARG A 1 39 ? 7.945   10.841  10.882  1.00 18.00 ? 39  ARG A CD  1 
ATOM   278 N NE  . ARG A 1 39 ? 8.434   9.575   11.411  1.00 19.45 ? 39  ARG A NE  1 
ATOM   279 C CZ  . ARG A 1 39 ? 8.179   9.141   12.640  1.00 20.14 ? 39  ARG A CZ  1 
ATOM   280 N NH1 . ARG A 1 39 ? 7.439   9.877   13.459  1.00 22.37 ? 39  ARG A NH1 1 
ATOM   281 N NH2 . ARG A 1 39 ? 8.657   7.974   13.049  1.00 23.34 ? 39  ARG A NH2 1 
ATOM   282 N N   . TYR A 1 40 ? 6.719   8.683   5.872   1.00 11.47 ? 40  TYR A N   1 
ATOM   283 C CA  . TYR A 1 40 ? 6.542   7.536   4.993   1.00 10.70 ? 40  TYR A CA  1 
ATOM   284 C C   . TYR A 1 40 ? 6.938   7.898   3.571   1.00 11.06 ? 40  TYR A C   1 
ATOM   285 O O   . TYR A 1 40 ? 7.551   7.096   2.870   1.00 11.90 ? 40  TYR A O   1 
ATOM   286 C CB  . TYR A 1 40 ? 5.092   7.044   5.012   1.00 12.20 ? 40  TYR A CB  1 
ATOM   287 C CG  . TYR A 1 40 ? 4.827   5.986   6.056   1.00 12.33 ? 40  TYR A CG  1 
ATOM   288 C CD1 . TYR A 1 40 ? 4.413   6.330   7.342   1.00 13.31 ? 40  TYR A CD1 1 
ATOM   289 C CD2 . TYR A 1 40 ? 5.014   4.634   5.762   1.00 13.06 ? 40  TYR A CD2 1 
ATOM   290 C CE1 . TYR A 1 40 ? 4.193   5.349   8.312   1.00 14.89 ? 40  TYR A CE1 1 
ATOM   291 C CE2 . TYR A 1 40 ? 4.795   3.648   6.720   1.00 15.14 ? 40  TYR A CE2 1 
ATOM   292 C CZ  . TYR A 1 40 ? 4.385   4.013   7.989   1.00 15.12 ? 40  TYR A CZ  1 
ATOM   293 O OH  . TYR A 1 40 ? 4.162   3.033   8.931   1.00 17.20 ? 40  TYR A OH  1 
ATOM   294 N N   . ILE A 1 41 ? 6.576   9.103   3.144   1.00 12.67 ? 41  ILE A N   1 
ATOM   295 C CA  . ILE A 1 41 ? 6.915   9.558   1.802   1.00 12.63 ? 41  ILE A CA  1 
ATOM   296 C C   . ILE A 1 41 ? 8.431   9.614   1.636   1.00 12.96 ? 41  ILE A C   1 
ATOM   297 O O   . ILE A 1 41 ? 8.963   9.165   0.625   1.00 13.24 ? 41  ILE A O   1 
ATOM   298 C CB  . ILE A 1 41 ? 6.296   10.946  1.518   1.00 11.13 ? 41  ILE A CB  1 
ATOM   299 C CG1 . ILE A 1 41 ? 4.794   10.787  1.273   1.00 12.22 ? 41  ILE A CG1 1 
ATOM   300 C CG2 . ILE A 1 41 ? 6.976   11.605  0.318   1.00 13.80 ? 41  ILE A CG2 1 
ATOM   301 C CD1 . ILE A 1 41 ? 4.046   12.097  1.081   1.00 13.01 ? 41  ILE A CD1 1 
ATOM   302 N N   . LYS A 1 42 ? 9.126   10.153  2.636   1.00 12.88 ? 42  LYS A N   1 
ATOM   303 C CA  . LYS A 1 42 ? 10.581  10.242  2.580   1.00 13.21 ? 42  LYS A CA  1 
ATOM   304 C C   . LYS A 1 42 ? 11.189  8.848   2.481   1.00 13.09 ? 42  LYS A C   1 
ATOM   305 O O   . LYS A 1 42 ? 12.120  8.620   1.713   1.00 13.72 ? 42  LYS A O   1 
ATOM   306 C CB  . LYS A 1 42 ? 11.124  10.955  3.821   1.00 14.64 ? 42  LYS A CB  1 
ATOM   307 C CG  . LYS A 1 42 ? 12.644  11.039  3.854   1.00 19.92 ? 42  LYS A CG  1 
ATOM   308 C CD  . LYS A 1 42 ? 13.134  11.829  5.058   1.00 26.07 ? 42  LYS A CD  1 
ATOM   309 C CE  . LYS A 1 42 ? 14.655  11.847  5.113   1.00 31.06 ? 42  LYS A CE  1 
ATOM   310 N NZ  . LYS A 1 42 ? 15.241  12.371  3.849   1.00 33.27 ? 42  LYS A NZ  1 
ATOM   311 N N   . MET A 1 43 ? 10.661  7.918   3.267   1.00 13.40 ? 43  MET A N   1 
ATOM   312 C CA  . MET A 1 43 ? 11.163  6.553   3.248   1.00 14.04 ? 43  MET A CA  1 
ATOM   313 C C   . MET A 1 43 ? 10.997  5.921   1.864   1.00 13.17 ? 43  MET A C   1 
ATOM   314 O O   . MET A 1 43 ? 11.926  5.308   1.335   1.00 13.08 ? 43  MET A O   1 
ATOM   315 C CB  . MET A 1 43 ? 10.428  5.716   4.301   1.00 18.03 ? 43  MET A CB  1 
ATOM   316 C CG  . MET A 1 43 ? 10.883  4.273   4.398   1.00 20.95 ? 43  MET A CG  1 
ATOM   317 S SD  . MET A 1 43 ? 9.853   3.348   5.550   1.00 33.73 ? 43  MET A SD  1 
ATOM   318 C CE  . MET A 1 43 ? 8.370   3.080   4.532   1.00 26.10 ? 43  MET A CE  1 
ATOM   319 N N   . LEU A 1 44 ? 9.819   6.079   1.268   1.00 12.14 ? 44  LEU A N   1 
ATOM   320 C CA  . LEU A 1 44 ? 9.561   5.498   -0.043  1.00 10.29 ? 44  LEU A CA  1 
ATOM   321 C C   . LEU A 1 44 ? 10.339  6.195   -1.151  1.00 10.70 ? 44  LEU A C   1 
ATOM   322 O O   . LEU A 1 44 ? 10.697  5.574   -2.152  1.00 12.56 ? 44  LEU A O   1 
ATOM   323 C CB  . LEU A 1 44 ? 8.059   5.518   -0.342  1.00 10.46 ? 44  LEU A CB  1 
ATOM   324 C CG  . LEU A 1 44 ? 7.201   4.668   0.607   1.00 10.01 ? 44  LEU A CG  1 
ATOM   325 C CD1 . LEU A 1 44 ? 5.733   5.000   0.406   1.00 12.45 ? 44  LEU A CD1 1 
ATOM   326 C CD2 . LEU A 1 44 ? 7.466   3.183   0.370   1.00 12.17 ? 44  LEU A CD2 1 
ATOM   327 N N   . MET A 1 45 ? 10.610  7.485   -0.973  1.00 12.02 ? 45  MET A N   1 
ATOM   328 C CA  . MET A 1 45 ? 11.375  8.218   -1.968  1.00 14.00 ? 45  MET A CA  1 
ATOM   329 C C   . MET A 1 45 ? 12.834  7.783   -1.894  1.00 13.87 ? 45  MET A C   1 
ATOM   330 O O   . MET A 1 45 ? 13.488  7.623   -2.926  1.00 12.87 ? 45  MET A O   1 
ATOM   331 C CB  . MET A 1 45 ? 11.242  9.727   -1.742  1.00 15.55 ? 45  MET A CB  1 
ATOM   332 C CG  . MET A 1 45 ? 9.856   10.255  -2.076  1.00 19.17 ? 45  MET A CG  1 
ATOM   333 S SD  . MET A 1 45 ? 9.748   12.049  -2.057  1.00 28.25 ? 45  MET A SD  1 
ATOM   334 C CE  . MET A 1 45 ? 10.862  12.473  -3.432  1.00 20.11 ? 45  MET A CE  1 
ATOM   335 N N   . ASP A 1 46 ? 13.338  7.571   -0.681  1.00 14.30 ? 46  ASP A N   1 
ATOM   336 C CA  . ASP A 1 46 ? 14.724  7.140   -0.511  1.00 15.18 ? 46  ASP A CA  1 
ATOM   337 C C   . ASP A 1 46 ? 14.942  5.761   -1.128  1.00 15.77 ? 46  ASP A C   1 
ATOM   338 O O   . ASP A 1 46 ? 16.028  5.465   -1.630  1.00 15.87 ? 46  ASP A O   1 
ATOM   339 C CB  . ASP A 1 46 ? 15.118  7.110   0.971   1.00 16.07 ? 46  ASP A CB  1 
ATOM   340 C CG  . ASP A 1 46 ? 15.321  8.500   1.554   1.00 18.07 ? 46  ASP A CG  1 
ATOM   341 O OD1 . ASP A 1 46 ? 15.454  9.463   0.772   1.00 19.78 ? 46  ASP A OD1 1 
ATOM   342 O OD2 . ASP A 1 46 ? 15.355  8.625   2.795   1.00 21.33 ? 46  ASP A OD2 1 
ATOM   343 N N   . LEU A 1 47 ? 13.911  4.920   -1.091  1.00 13.93 ? 47  LEU A N   1 
ATOM   344 C CA  . LEU A 1 47 ? 13.998  3.579   -1.667  1.00 14.65 ? 47  LEU A CA  1 
ATOM   345 C C   . LEU A 1 47 ? 13.639  3.597   -3.149  1.00 14.16 ? 47  LEU A C   1 
ATOM   346 O O   . LEU A 1 47 ? 13.626  2.554   -3.808  1.00 14.97 ? 47  LEU A O   1 
ATOM   347 C CB  . LEU A 1 47 ? 13.072  2.610   -0.924  1.00 13.99 ? 47  LEU A CB  1 
ATOM   348 C CG  . LEU A 1 47 ? 13.466  2.243   0.508   1.00 17.19 ? 47  LEU A CG  1 
ATOM   349 C CD1 . LEU A 1 47 ? 12.354  1.439   1.159   1.00 17.73 ? 47  LEU A CD1 1 
ATOM   350 C CD2 . LEU A 1 47 ? 14.762  1.447   0.498   1.00 20.10 ? 47  LEU A CD2 1 
ATOM   351 N N   . GLU A 1 48 ? 13.355  4.788   -3.667  1.00 14.22 ? 48  GLU A N   1 
ATOM   352 C CA  . GLU A 1 48 ? 13.011  4.971   -5.070  1.00 14.91 ? 48  GLU A CA  1 
ATOM   353 C C   . GLU A 1 48 ? 11.790  4.154   -5.477  1.00 12.48 ? 48  GLU A C   1 
ATOM   354 O O   . GLU A 1 48 ? 11.725  3.611   -6.577  1.00 15.18 ? 48  GLU A O   1 
ATOM   355 C CB  . GLU A 1 48 ? 14.205  4.612   -5.956  1.00 17.66 ? 48  GLU A CB  1 
ATOM   356 C CG  . GLU A 1 48 ? 15.457  5.426   -5.651  1.00 24.32 ? 48  GLU A CG  1 
ATOM   357 C CD  . GLU A 1 48 ? 16.583  5.151   -6.628  1.00 28.35 ? 48  GLU A CD  1 
ATOM   358 O OE1 . GLU A 1 48 ? 17.028  3.987   -6.720  1.00 31.88 ? 48  GLU A OE1 1 
ATOM   359 O OE2 . GLU A 1 48 ? 17.021  6.105   -7.303  1.00 31.91 ? 48  GLU A OE2 1 
ATOM   360 N N   . ILE A 1 49 ? 10.825  4.077   -4.566  1.00 11.22 ? 49  ILE A N   1 
ATOM   361 C CA  . ILE A 1 49 ? 9.575   3.356   -4.797  1.00 12.54 ? 49  ILE A CA  1 
ATOM   362 C C   . ILE A 1 49 ? 8.561   4.353   -5.370  1.00 11.11 ? 49  ILE A C   1 
ATOM   363 O O   . ILE A 1 49 ? 7.694   3.992   -6.167  1.00 11.36 ? 49  ILE A O   1 
ATOM   364 C CB  . ILE A 1 49 ? 9.090   2.733   -3.476  1.00 12.04 ? 49  ILE A CB  1 
ATOM   365 C CG1 . ILE A 1 49 ? 10.030  1.578   -3.112  1.00 14.06 ? 49  ILE A CG1 1 
ATOM   366 C CG2 . ILE A 1 49 ? 7.646   2.270   -3.590  1.00 11.24 ? 49  ILE A CG2 1 
ATOM   367 C CD1 . ILE A 1 49 ? 9.755   0.931   -1.785  1.00 11.11 ? 49  ILE A CD1 1 
ATOM   368 N N   . ILE A 1 50 ? 8.677   5.608   -4.943  1.00 12.29 ? 50  ILE A N   1 
ATOM   369 C CA  . ILE A 1 50 ? 7.827   6.671   -5.470  1.00 12.40 ? 50  ILE A CA  1 
ATOM   370 C C   . ILE A 1 50 ? 8.746   7.810   -5.893  1.00 13.04 ? 50  ILE A C   1 
ATOM   371 O O   . ILE A 1 50 ? 9.913   7.845   -5.508  1.00 13.59 ? 50  ILE A O   1 
ATOM   372 C CB  . ILE A 1 50 ? 6.782   7.199   -4.437  1.00 12.84 ? 50  ILE A CB  1 
ATOM   373 C CG1 . ILE A 1 50 ? 7.484   7.796   -3.219  1.00 13.19 ? 50  ILE A CG1 1 
ATOM   374 C CG2 . ILE A 1 50 ? 5.827   6.086   -4.045  1.00 13.91 ? 50  ILE A CG2 1 
ATOM   375 C CD1 . ILE A 1 50 ? 6.525   8.475   -2.244  1.00 16.07 ? 50  ILE A CD1 1 
ATOM   376 N N   . ARG A 1 51 ? 8.217   8.716   -6.706  1.00 12.16 ? 51  ARG A N   1 
ATOM   377 C CA  . ARG A 1 51 ? 8.975   9.865   -7.191  1.00 13.90 ? 51  ARG A CA  1 
ATOM   378 C C   . ARG A 1 51 ? 8.053   11.076  -7.156  1.00 15.20 ? 51  ARG A C   1 
ATOM   379 O O   . ARG A 1 51 ? 6.839   10.931  -7.049  1.00 15.67 ? 51  ARG A O   1 
ATOM   380 C CB  . ARG A 1 51 ? 9.486   9.613   -8.619  1.00 16.77 ? 51  ARG A CB  1 
ATOM   381 C CG  . ARG A 1 51 ? 8.400   9.373   -9.662  1.00 21.38 ? 51  ARG A CG  1 
ATOM   382 C CD  . ARG A 1 51 ? 9.018   9.014   -11.013 1.00 26.55 ? 51  ARG A CD  1 
ATOM   383 N NE  . ARG A 1 51 ? 8.013   8.725   -12.033 1.00 30.57 ? 51  ARG A NE  1 
ATOM   384 C CZ  . ARG A 1 51 ? 7.212   9.635   -12.580 1.00 33.26 ? 51  ARG A CZ  1 
ATOM   385 N NH1 . ARG A 1 51 ? 7.296   10.903  -12.205 1.00 34.72 ? 51  ARG A NH1 1 
ATOM   386 N NH2 . ARG A 1 51 ? 6.323   9.278   -13.498 1.00 34.15 ? 51  ARG A NH2 1 
ATOM   387 N N   . GLN A 1 52 ? 8.622   12.271  -7.241  1.00 17.54 ? 52  GLN A N   1 
ATOM   388 C CA  . GLN A 1 52 ? 7.805   13.473  -7.187  1.00 21.30 ? 52  GLN A CA  1 
ATOM   389 C C   . GLN A 1 52 ? 7.898   14.355  -8.429  1.00 23.77 ? 52  GLN A C   1 
ATOM   390 O O   . GLN A 1 52 ? 8.985   14.623  -8.940  1.00 25.72 ? 52  GLN A O   1 
ATOM   391 C CB  . GLN A 1 52 ? 8.166   14.271  -5.925  1.00 23.79 ? 52  GLN A CB  1 
ATOM   392 C CG  . GLN A 1 52 ? 7.488   15.630  -5.798  1.00 27.60 ? 52  GLN A CG  1 
ATOM   393 C CD  . GLN A 1 52 ? 7.542   16.177  -4.382  1.00 29.84 ? 52  GLN A CD  1 
ATOM   394 O OE1 . GLN A 1 52 ? 8.568   16.091  -3.709  1.00 28.41 ? 52  GLN A OE1 1 
ATOM   395 N NE2 . GLN A 1 52 ? 6.434   16.753  -3.926  1.00 32.75 ? 52  GLN A NE2 1 
ATOM   396 N N   . GLU A 1 53 ? 6.733   14.777  -8.917  1.00 24.33 ? 53  GLU A N   1 
ATOM   397 C CA  . GLU A 1 53 ? 6.626   15.660  -10.076 1.00 27.50 ? 53  GLU A CA  1 
ATOM   398 C C   . GLU A 1 53 ? 5.808   16.860  -9.622  1.00 27.12 ? 53  GLU A C   1 
ATOM   399 O O   . GLU A 1 53 ? 4.577   16.821  -9.630  1.00 26.39 ? 53  GLU A O   1 
ATOM   400 C CB  . GLU A 1 53 ? 5.906   14.971  -11.241 1.00 30.80 ? 53  GLU A CB  1 
ATOM   401 C CG  . GLU A 1 53 ? 6.760   13.992  -12.029 1.00 36.36 ? 53  GLU A CG  1 
ATOM   402 C CD  . GLU A 1 53 ? 6.111   13.573  -13.339 1.00 38.85 ? 53  GLU A CD  1 
ATOM   403 O OE1 . GLU A 1 53 ? 6.721   12.771  -14.077 1.00 41.21 ? 53  GLU A OE1 1 
ATOM   404 O OE2 . GLU A 1 53 ? 4.993   14.044  -13.632 1.00 40.83 ? 53  GLU A OE2 1 
ATOM   405 N N   . GLY A 1 54 ? 6.497   17.920  -9.218  1.00 26.69 ? 54  GLY A N   1 
ATOM   406 C CA  . GLY A 1 54 ? 5.808   19.105  -8.745  1.00 27.04 ? 54  GLY A CA  1 
ATOM   407 C C   . GLY A 1 54 ? 5.224   18.851  -7.370  1.00 26.14 ? 54  GLY A C   1 
ATOM   408 O O   . GLY A 1 54 ? 5.956   18.578  -6.417  1.00 28.60 ? 54  GLY A O   1 
ATOM   409 N N   . LYS A 1 55 ? 3.903   18.928  -7.269  1.00 25.49 ? 55  LYS A N   1 
ATOM   410 C CA  . LYS A 1 55 ? 3.214   18.708  -6.002  1.00 24.58 ? 55  LYS A CA  1 
ATOM   411 C C   . LYS A 1 55 ? 2.654   17.289  -5.950  1.00 23.17 ? 55  LYS A C   1 
ATOM   412 O O   . LYS A 1 55 ? 2.057   16.884  -4.952  1.00 22.48 ? 55  LYS A O   1 
ATOM   413 C CB  . LYS A 1 55 ? 2.065   19.710  -5.847  1.00 26.93 ? 55  LYS A CB  1 
ATOM   414 C CG  . LYS A 1 55 ? 2.468   21.168  -6.036  1.00 30.48 ? 55  LYS A CG  1 
ATOM   415 C CD  . LYS A 1 55 ? 1.253   22.087  -5.991  1.00 34.31 ? 55  LYS A CD  1 
ATOM   416 C CE  . LYS A 1 55 ? 1.637   23.534  -6.261  1.00 36.23 ? 55  LYS A CE  1 
ATOM   417 N NZ  . LYS A 1 55 ? 0.454   24.442  -6.261  1.00 38.37 ? 55  LYS A NZ  1 
ATOM   418 N N   . GLN A 1 56 ? 2.859   16.537  -7.027  1.00 20.76 ? 56  GLN A N   1 
ATOM   419 C CA  . GLN A 1 56 ? 2.351   15.174  -7.118  1.00 20.64 ? 56  GLN A CA  1 
ATOM   420 C C   . GLN A 1 56 ? 3.399   14.099  -6.856  1.00 17.17 ? 56  GLN A C   1 
ATOM   421 O O   . GLN A 1 56 ? 4.591   14.288  -7.110  1.00 17.28 ? 56  GLN A O   1 
ATOM   422 C CB  . GLN A 1 56 ? 1.744   14.931  -8.504  1.00 22.90 ? 56  GLN A CB  1 
ATOM   423 C CG  . GLN A 1 56 ? 0.577   15.845  -8.874  1.00 27.64 ? 56  GLN A CG  1 
ATOM   424 C CD  . GLN A 1 56 ? -0.618  15.685  -7.955  1.00 29.37 ? 56  GLN A CD  1 
ATOM   425 O OE1 . GLN A 1 56 ? -0.646  16.233  -6.854  1.00 34.23 ? 56  GLN A OE1 1 
ATOM   426 N NE2 . GLN A 1 56 ? -1.607  14.921  -8.399  1.00 30.59 ? 56  GLN A NE2 1 
ATOM   427 N N   . TYR A 1 57 ? 2.933   12.970  -6.334  1.00 14.07 ? 57  TYR A N   1 
ATOM   428 C CA  . TYR A 1 57 ? 3.787   11.821  -6.063  1.00 13.46 ? 57  TYR A CA  1 
ATOM   429 C C   . TYR A 1 57 ? 3.273   10.690  -6.938  1.00 13.64 ? 57  TYR A C   1 
ATOM   430 O O   . TYR A 1 57 ? 2.068   10.453  -7.018  1.00 14.04 ? 57  TYR A O   1 
ATOM   431 C CB  . TYR A 1 57 ? 3.705   11.425  -4.589  1.00 13.30 ? 57  TYR A CB  1 
ATOM   432 C CG  . TYR A 1 57 ? 4.303   12.454  -3.669  1.00 12.34 ? 57  TYR A CG  1 
ATOM   433 C CD1 . TYR A 1 57 ? 5.673   12.477  -3.411  1.00 13.82 ? 57  TYR A CD1 1 
ATOM   434 C CD2 . TYR A 1 57 ? 3.500   13.428  -3.074  1.00 13.16 ? 57  TYR A CD2 1 
ATOM   435 C CE1 . TYR A 1 57 ? 6.227   13.449  -2.574  1.00 15.70 ? 57  TYR A CE1 1 
ATOM   436 C CE2 . TYR A 1 57 ? 4.042   14.394  -2.243  1.00 15.78 ? 57  TYR A CE2 1 
ATOM   437 C CZ  . TYR A 1 57 ? 5.403   14.400  -1.997  1.00 16.76 ? 57  TYR A CZ  1 
ATOM   438 O OH  . TYR A 1 57 ? 5.931   15.362  -1.165  1.00 21.35 ? 57  TYR A OH  1 
ATOM   439 N N   . MET A 1 58 ? 4.194   10.004  -7.601  1.00 12.76 ? 58  MET A N   1 
ATOM   440 C CA  . MET A 1 58 ? 3.838   8.914   -8.495  1.00 14.69 ? 58  MET A CA  1 
ATOM   441 C C   . MET A 1 58 ? 4.706   7.697   -8.232  1.00 12.87 ? 58  MET A C   1 
ATOM   442 O O   . MET A 1 58 ? 5.723   7.783   -7.544  1.00 13.00 ? 58  MET A O   1 
ATOM   443 C CB  . MET A 1 58 ? 4.010   9.368   -9.948  1.00 18.67 ? 58  MET A CB  1 
ATOM   444 C CG  . MET A 1 58 ? 2.937   10.337  -10.421 1.00 27.06 ? 58  MET A CG  1 
ATOM   445 S SD  . MET A 1 58 ? 3.237   10.950  -12.085 1.00 37.05 ? 58  MET A SD  1 
ATOM   446 C CE  . MET A 1 58 ? 2.868   12.695  -11.867 1.00 36.17 ? 58  MET A CE  1 
ATOM   447 N N   . LEU A 1 59 ? 4.293   6.556   -8.770  1.00 13.76 ? 59  LEU A N   1 
ATOM   448 C CA  . LEU A 1 59 ? 5.054   5.333   -8.594  1.00 13.23 ? 59  LEU A CA  1 
ATOM   449 C C   . LEU A 1 59 ? 6.158   5.226   -9.632  1.00 14.94 ? 59  LEU A C   1 
ATOM   450 O O   . LEU A 1 59 ? 6.024   5.712   -10.760 1.00 17.22 ? 59  LEU A O   1 
ATOM   451 C CB  . LEU A 1 59 ? 4.147   4.105   -8.736  1.00 13.79 ? 59  LEU A CB  1 
ATOM   452 C CG  . LEU A 1 59 ? 2.977   3.900   -7.773  1.00 13.49 ? 59  LEU A CG  1 
ATOM   453 C CD1 . LEU A 1 59 ? 2.171   2.682   -8.211  1.00 14.17 ? 59  LEU A CD1 1 
ATOM   454 C CD2 . LEU A 1 59 ? 3.493   3.719   -6.353  1.00 14.74 ? 59  LEU A CD2 1 
ATOM   455 N N   . THR A 1 60 ? 7.256   4.600   -9.230  1.00 13.82 ? 60  THR A N   1 
ATOM   456 C CA  . THR A 1 60 ? 8.369   4.337   -10.131 1.00 14.22 ? 60  THR A CA  1 
ATOM   457 C C   . THR A 1 60 ? 8.056   2.916   -10.590 1.00 15.08 ? 60  THR A C   1 
ATOM   458 O O   . THR A 1 60 ? 7.116   2.300   -10.080 1.00 12.88 ? 60  THR A O   1 
ATOM   459 C CB  . THR A 1 60 ? 9.716   4.301   -9.394  1.00 14.11 ? 60  THR A CB  1 
ATOM   460 O OG1 . THR A 1 60 ? 9.673   3.294   -8.364  1.00 12.60 ? 60  THR A OG1 1 
ATOM   461 C CG2 . THR A 1 60 ? 10.036  5.659   -8.793  1.00 14.81 ? 60  THR A CG2 1 
ATOM   462 N N   . LYS A 1 61 ? 8.817   2.389   -11.542 1.00 15.01 ? 61  LYS A N   1 
ATOM   463 C CA  . LYS A 1 61 ? 8.583   1.024   -12.003 1.00 16.71 ? 61  LYS A CA  1 
ATOM   464 C C   . LYS A 1 61 ? 8.688   0.081   -10.799 1.00 13.88 ? 61  LYS A C   1 
ATOM   465 O O   . LYS A 1 61 ? 7.904   -0.862  -10.656 1.00 14.64 ? 61  LYS A O   1 
ATOM   466 C CB  . LYS A 1 61 ? 9.623   0.639   -13.061 1.00 19.30 ? 61  LYS A CB  1 
ATOM   467 C CG  . LYS A 1 61 ? 9.511   -0.794  -13.555 1.00 25.00 ? 61  LYS A CG  1 
ATOM   468 C CD  . LYS A 1 61 ? 8.208   -1.030  -14.301 1.00 30.04 ? 61  LYS A CD  1 
ATOM   469 C CE  . LYS A 1 61 ? 8.095   -2.472  -14.771 1.00 32.03 ? 61  LYS A CE  1 
ATOM   470 N NZ  . LYS A 1 61 ? 6.814   -2.705  -15.494 1.00 35.72 ? 61  LYS A NZ  1 
ATOM   471 N N   . LYS A 1 62 ? 9.664   0.343   -9.937  1.00 14.14 ? 62  LYS A N   1 
ATOM   472 C CA  . LYS A 1 62 ? 9.888   -0.452  -8.734  1.00 13.20 ? 62  LYS A CA  1 
ATOM   473 C C   . LYS A 1 62 ? 8.630   -0.420  -7.862  1.00 13.83 ? 62  LYS A C   1 
ATOM   474 O O   . LYS A 1 62 ? 8.196   -1.447  -7.335  1.00 12.21 ? 62  LYS A O   1 
ATOM   475 C CB  . LYS A 1 62 ? 11.077  0.128   -7.968  1.00 15.46 ? 62  LYS A CB  1 
ATOM   476 C CG  . LYS A 1 62 ? 11.488  -0.624  -6.719  1.00 13.44 ? 62  LYS A CG  1 
ATOM   477 C CD  . LYS A 1 62 ? 12.706  0.050   -6.095  1.00 14.35 ? 62  LYS A CD  1 
ATOM   478 C CE  . LYS A 1 62 ? 13.168  -0.650  -4.826  1.00 15.27 ? 62  LYS A CE  1 
ATOM   479 N NZ  . LYS A 1 62 ? 14.432  -0.053  -4.300  1.00 16.57 ? 62  LYS A NZ  1 
ATOM   480 N N   . GLY A 1 63 ? 8.046   0.765   -7.717  1.00 13.15 ? 63  GLY A N   1 
ATOM   481 C CA  . GLY A 1 63 ? 6.844   0.902   -6.915  1.00 11.80 ? 63  GLY A CA  1 
ATOM   482 C C   . GLY A 1 63 ? 5.649   0.187   -7.518  1.00 11.80 ? 63  GLY A C   1 
ATOM   483 O O   . GLY A 1 63 ? 4.804   -0.343  -6.789  1.00 10.49 ? 63  GLY A O   1 
ATOM   484 N N   . GLU A 1 64 ? 5.562   0.183   -8.847  1.00 12.08 ? 64  GLU A N   1 
ATOM   485 C CA  . GLU A 1 64 ? 4.462   -0.486  -9.535  1.00 13.53 ? 64  GLU A CA  1 
ATOM   486 C C   . GLU A 1 64 ? 4.537   -1.980  -9.267  1.00 12.92 ? 64  GLU A C   1 
ATOM   487 O O   . GLU A 1 64 ? 3.522   -2.619  -8.994  1.00 11.89 ? 64  GLU A O   1 
ATOM   488 C CB  . GLU A 1 64 ? 4.533   -0.232  -11.047 1.00 13.79 ? 64  GLU A CB  1 
ATOM   489 C CG  . GLU A 1 64 ? 4.423   1.234   -11.435 1.00 15.27 ? 64  GLU A CG  1 
ATOM   490 C CD  . GLU A 1 64 ? 4.460   1.451   -12.937 1.00 18.80 ? 64  GLU A CD  1 
ATOM   491 O OE1 . GLU A 1 64 ? 5.124   0.665   -13.644 1.00 21.16 ? 64  GLU A OE1 1 
ATOM   492 O OE2 . GLU A 1 64 ? 3.841   2.428   -13.406 1.00 21.98 ? 64  GLU A OE2 1 
ATOM   493 N N   . GLU A 1 65 ? 5.745   -2.528  -9.345  1.00 14.33 ? 65  GLU A N   1 
ATOM   494 C CA  . GLU A 1 65 ? 5.951   -3.950  -9.106  1.00 14.37 ? 65  GLU A CA  1 
ATOM   495 C C   . GLU A 1 65 ? 5.653   -4.286  -7.649  1.00 13.87 ? 65  GLU A C   1 
ATOM   496 O O   . GLU A 1 65 ? 5.084   -5.338  -7.355  1.00 13.27 ? 65  GLU A O   1 
ATOM   497 C CB  . GLU A 1 65 ? 7.387   -4.350  -9.450  1.00 16.80 ? 65  GLU A CB  1 
ATOM   498 C CG  . GLU A 1 65 ? 7.721   -4.228  -10.931 1.00 24.99 ? 65  GLU A CG  1 
ATOM   499 C CD  . GLU A 1 65 ? 9.131   -4.681  -11.251 1.00 29.40 ? 65  GLU A CD  1 
ATOM   500 O OE1 . GLU A 1 65 ? 10.090  -4.061  -10.744 1.00 33.08 ? 65  GLU A OE1 1 
ATOM   501 O OE2 . GLU A 1 65 ? 9.281   -5.661  -12.012 1.00 34.38 ? 65  GLU A OE2 1 
ATOM   502 N N   . LEU A 1 66 ? 6.025   -3.394  -6.737  1.00 12.22 ? 66  LEU A N   1 
ATOM   503 C CA  . LEU A 1 66 ? 5.766   -3.627  -5.323  1.00 11.26 ? 66  LEU A CA  1 
ATOM   504 C C   . LEU A 1 66 ? 4.269   -3.638  -5.054  1.00 10.78 ? 66  LEU A C   1 
ATOM   505 O O   . LEU A 1 66 ? 3.770   -4.507  -4.341  1.00 11.95 ? 66  LEU A O   1 
ATOM   506 C CB  . LEU A 1 66 ? 6.439   -2.552  -4.462  1.00 11.22 ? 66  LEU A CB  1 
ATOM   507 C CG  . LEU A 1 66 ? 6.144   -2.612  -2.957  1.00 10.04 ? 66  LEU A CG  1 
ATOM   508 C CD1 . LEU A 1 66 ? 6.588   -3.955  -2.373  1.00 12.84 ? 66  LEU A CD1 1 
ATOM   509 C CD2 . LEU A 1 66 ? 6.851   -1.459  -2.259  1.00 11.67 ? 66  LEU A CD2 1 
ATOM   510 N N   . LEU A 1 67 ? 3.542   -2.682  -5.624  1.00 10.86 ? 67  LEU A N   1 
ATOM   511 C CA  . LEU A 1 67 ? 2.103   -2.633  -5.414  1.00 11.29 ? 67  LEU A CA  1 
ATOM   512 C C   . LEU A 1 67 ? 1.451   -3.904  -5.940  1.00 12.46 ? 67  LEU A C   1 
ATOM   513 O O   . LEU A 1 67 ? 0.546   -4.447  -5.308  1.00 12.37 ? 67  LEU A O   1 
ATOM   514 C CB  . LEU A 1 67 ? 1.495   -1.404  -6.098  1.00 11.74 ? 67  LEU A CB  1 
ATOM   515 C CG  . LEU A 1 67 ? -0.031  -1.293  -5.987  1.00 11.36 ? 67  LEU A CG  1 
ATOM   516 C CD1 . LEU A 1 67 ? -0.466  -1.392  -4.527  1.00 13.80 ? 67  LEU A CD1 1 
ATOM   517 C CD2 . LEU A 1 67 ? -0.491  0.023   -6.594  1.00 11.74 ? 67  LEU A CD2 1 
ATOM   518 N N   . GLU A 1 68 ? 1.913   -4.379  -7.093  1.00 13.37 ? 68  GLU A N   1 
ATOM   519 C CA  . GLU A 1 68 ? 1.369   -5.602  -7.681  1.00 13.60 ? 68  GLU A CA  1 
ATOM   520 C C   . GLU A 1 68 ? 1.619   -6.791  -6.761  1.00 13.01 ? 68  GLU A C   1 
ATOM   521 O O   . GLU A 1 68 ? 0.734   -7.632  -6.569  1.00 13.19 ? 68  GLU A O   1 
ATOM   522 C CB  . GLU A 1 68 ? 1.990   -5.861  -9.056  1.00 15.94 ? 68  GLU A CB  1 
ATOM   523 C CG  . GLU A 1 68 ? 1.304   -5.107  -10.186 1.00 23.35 ? 68  GLU A CG  1 
ATOM   524 C CD  . GLU A 1 68 ? -0.144  -5.530  -10.362 1.00 27.53 ? 68  GLU A CD  1 
ATOM   525 O OE1 . GLU A 1 68 ? -0.389  -6.736  -10.571 1.00 31.84 ? 68  GLU A OE1 1 
ATOM   526 O OE2 . GLU A 1 68 ? -1.037  -4.661  -10.290 1.00 31.77 ? 68  GLU A OE2 1 
ATOM   527 N N   . ASP A 1 69 ? 2.818   -6.866  -6.189  1.00 12.39 ? 69  ASP A N   1 
ATOM   528 C CA  . ASP A 1 69 ? 3.144   -7.957  -5.275  1.00 12.13 ? 69  ASP A CA  1 
ATOM   529 C C   . ASP A 1 69 ? 2.257   -7.911  -4.039  1.00 11.57 ? 69  ASP A C   1 
ATOM   530 O O   . ASP A 1 69 ? 1.811   -8.950  -3.558  1.00 11.17 ? 69  ASP A O   1 
ATOM   531 C CB  . ASP A 1 69 ? 4.617   -7.907  -4.843  1.00 14.28 ? 69  ASP A CB  1 
ATOM   532 C CG  . ASP A 1 69 ? 5.569   -8.333  -5.946  1.00 18.36 ? 69  ASP A CG  1 
ATOM   533 O OD1 . ASP A 1 69 ? 5.176   -9.166  -6.788  1.00 21.01 ? 69  ASP A OD1 1 
ATOM   534 O OD2 . ASP A 1 69 ? 6.718   -7.848  -5.955  1.00 23.98 ? 69  ASP A OD2 1 
ATOM   535 N N   . ILE A 1 70 ? 1.999   -6.713  -3.521  1.00 10.98 ? 70  ILE A N   1 
ATOM   536 C CA  . ILE A 1 70 ? 1.154   -6.585  -2.340  1.00 10.50 ? 70  ILE A CA  1 
ATOM   537 C C   . ILE A 1 70 ? -0.273  -7.011  -2.675  1.00 11.00 ? 70  ILE A C   1 
ATOM   538 O O   . ILE A 1 70 ? -0.914  -7.722  -1.899  1.00 9.77  ? 70  ILE A O   1 
ATOM   539 C CB  . ILE A 1 70 ? 1.160   -5.134  -1.785  1.00 10.52 ? 70  ILE A CB  1 
ATOM   540 C CG1 . ILE A 1 70 ? 2.548   -4.791  -1.236  1.00 12.56 ? 70  ILE A CG1 1 
ATOM   541 C CG2 . ILE A 1 70 ? 0.114   -4.992  -0.686  1.00 12.47 ? 70  ILE A CG2 1 
ATOM   542 C CD1 . ILE A 1 70 ? 2.721   -3.332  -0.801  1.00 14.21 ? 70  ILE A CD1 1 
ATOM   543 N N   . ARG A 1 71 ? -0.775  -6.597  -3.832  1.00 11.03 ? 71  ARG A N   1 
ATOM   544 C CA  . ARG A 1 71 ? -2.127  -6.977  -4.229  1.00 11.97 ? 71  ARG A CA  1 
ATOM   545 C C   . ARG A 1 71 ? -2.225  -8.495  -4.375  1.00 11.59 ? 71  ARG A C   1 
ATOM   546 O O   . ARG A 1 71 ? -3.222  -9.107  -3.976  1.00 11.45 ? 71  ARG A O   1 
ATOM   547 C CB  . ARG A 1 71 ? -2.511  -6.314  -5.551  1.00 14.27 ? 71  ARG A CB  1 
ATOM   548 C CG  . ARG A 1 71 ? -2.774  -4.817  -5.467  1.00 18.51 ? 71  ARG A CG  1 
ATOM   549 C CD  . ARG A 1 71 ? -3.233  -4.304  -6.822  1.00 22.50 ? 71  ARG A CD  1 
ATOM   550 N NE  . ARG A 1 71 ? -3.625  -2.898  -6.799  1.00 26.96 ? 71  ARG A NE  1 
ATOM   551 C CZ  . ARG A 1 71 ? -4.079  -2.239  -7.861  1.00 30.59 ? 71  ARG A CZ  1 
ATOM   552 N NH1 . ARG A 1 71 ? -4.194  -2.863  -9.026  1.00 31.00 ? 71  ARG A NH1 1 
ATOM   553 N NH2 . ARG A 1 71 ? -4.419  -0.961  -7.764  1.00 30.16 ? 71  ARG A NH2 1 
ATOM   554 N N   . LYS A 1 72 ? -1.192  -9.098  -4.949  1.00 11.40 ? 72  LYS A N   1 
ATOM   555 C CA  . LYS A 1 72 ? -1.160  -10.544 -5.135  1.00 12.96 ? 72  LYS A CA  1 
ATOM   556 C C   . LYS A 1 72 ? -1.141  -11.226 -3.773  1.00 12.75 ? 72  LYS A C   1 
ATOM   557 O O   . LYS A 1 72 ? -1.819  -12.235 -3.559  1.00 12.90 ? 72  LYS A O   1 
ATOM   558 C CB  . LYS A 1 72 ? 0.083   -10.947 -5.929  1.00 15.67 ? 72  LYS A CB  1 
ATOM   559 C CG  . LYS A 1 72 ? 0.192   -12.441 -6.179  1.00 22.24 ? 72  LYS A CG  1 
ATOM   560 C CD  . LYS A 1 72 ? 1.370   -12.772 -7.076  1.00 27.40 ? 72  LYS A CD  1 
ATOM   561 C CE  . LYS A 1 72 ? 1.526   -14.275 -7.215  1.00 30.85 ? 72  LYS A CE  1 
ATOM   562 N NZ  . LYS A 1 72 ? 0.260   -14.899 -7.693  1.00 32.09 ? 72  LYS A NZ  1 
ATOM   563 N N   . PHE A 1 73 ? -0.356  -10.673 -2.856  1.00 11.61 ? 73  PHE A N   1 
ATOM   564 C CA  . PHE A 1 73 ? -0.244  -11.210 -1.506  1.00 11.59 ? 73  PHE A CA  1 
ATOM   565 C C   . PHE A 1 73 ? -1.610  -11.200 -0.817  1.00 11.49 ? 73  PHE A C   1 
ATOM   566 O O   . PHE A 1 73 ? -2.014  -12.192 -0.203  1.00 12.28 ? 73  PHE A O   1 
ATOM   567 C CB  . PHE A 1 73 ? 0.755   -10.372 -0.700  1.00 12.24 ? 73  PHE A CB  1 
ATOM   568 C CG  . PHE A 1 73 ? 0.931   -10.824 0.721   1.00 14.98 ? 73  PHE A CG  1 
ATOM   569 C CD1 . PHE A 1 73 ? 1.762   -11.896 1.030   1.00 14.69 ? 73  PHE A CD1 1 
ATOM   570 C CD2 . PHE A 1 73 ? 0.248   -10.185 1.753   1.00 18.62 ? 73  PHE A CD2 1 
ATOM   571 C CE1 . PHE A 1 73 ? 1.917   -12.321 2.347   1.00 19.58 ? 73  PHE A CE1 1 
ATOM   572 C CE2 . PHE A 1 73 ? 0.393   -10.601 3.076   1.00 21.66 ? 73  PHE A CE2 1 
ATOM   573 C CZ  . PHE A 1 73 ? 1.229   -11.676 3.372   1.00 21.93 ? 73  PHE A CZ  1 
ATOM   574 N N   . ASN A 1 74 ? -2.327  -10.086 -0.921  1.00 11.93 ? 74  ASN A N   1 
ATOM   575 C CA  . ASN A 1 74 ? -3.636  -9.979  -0.289  1.00 12.35 ? 74  ASN A CA  1 
ATOM   576 C C   . ASN A 1 74 ? -4.639  -10.949 -0.889  1.00 12.27 ? 74  ASN A C   1 
ATOM   577 O O   . ASN A 1 74 ? -5.502  -11.466 -0.179  1.00 12.67 ? 74  ASN A O   1 
ATOM   578 C CB  . ASN A 1 74 ? -4.173  -8.550  -0.394  1.00 13.73 ? 74  ASN A CB  1 
ATOM   579 C CG  . ASN A 1 74 ? -3.338  -7.560  0.393   1.00 14.31 ? 74  ASN A CG  1 
ATOM   580 O OD1 . ASN A 1 74 ? -2.655  -7.926  1.350   1.00 17.10 ? 74  ASN A OD1 1 
ATOM   581 N ND2 . ASN A 1 74 ? -3.407  -6.296  0.005   1.00 16.71 ? 74  ASN A ND2 1 
ATOM   582 N N   . GLU A 1 75 ? -4.531  -11.197 -2.188  1.00 12.69 ? 75  GLU A N   1 
ATOM   583 C CA  . GLU A 1 75 ? -5.440  -12.125 -2.849  1.00 14.98 ? 75  GLU A CA  1 
ATOM   584 C C   . GLU A 1 75 ? -5.125  -13.535 -2.353  1.00 15.03 ? 75  GLU A C   1 
ATOM   585 O O   . GLU A 1 75 ? -6.029  -14.344 -2.135  1.00 15.74 ? 75  GLU A O   1 
ATOM   586 C CB  . GLU A 1 75 ? -5.276  -12.046 -4.368  1.00 17.30 ? 75  GLU A CB  1 
ATOM   587 C CG  . GLU A 1 75 ? -6.238  -12.941 -5.135  1.00 24.53 ? 75  GLU A CG  1 
ATOM   588 C CD  . GLU A 1 75 ? -7.686  -12.718 -4.734  1.00 28.76 ? 75  GLU A CD  1 
ATOM   589 O OE1 . GLU A 1 75 ? -8.176  -11.575 -4.857  1.00 31.30 ? 75  GLU A OE1 1 
ATOM   590 O OE2 . GLU A 1 75 ? -8.339  -13.689 -4.295  1.00 33.72 ? 75  GLU A OE2 1 
ATOM   591 N N   . MET A 1 76 ? -3.842  -13.823 -2.162  1.00 12.95 ? 76  MET A N   1 
ATOM   592 C CA  . MET A 1 76 ? -3.433  -15.134 -1.668  1.00 13.65 ? 76  MET A CA  1 
ATOM   593 C C   . MET A 1 76 ? -4.002  -15.346 -0.274  1.00 13.43 ? 76  MET A C   1 
ATOM   594 O O   . MET A 1 76 ? -4.472  -16.439 0.055   1.00 13.36 ? 76  MET A O   1 
ATOM   595 C CB  . MET A 1 76 ? -1.908  -15.235 -1.597  1.00 14.65 ? 76  MET A CB  1 
ATOM   596 C CG  . MET A 1 76 ? -1.212  -15.322 -2.933  1.00 19.77 ? 76  MET A CG  1 
ATOM   597 S SD  . MET A 1 76 ? 0.560   -15.551 -2.701  1.00 25.29 ? 76  MET A SD  1 
ATOM   598 C CE  . MET A 1 76 ? 0.584   -17.253 -2.190  1.00 26.48 ? 76  MET A CE  1 
ATOM   599 N N   . ARG A 1 77 ? -3.955  -14.303 0.547   1.00 14.13 ? 77  ARG A N   1 
ATOM   600 C CA  . ARG A 1 77 ? -4.468  -14.391 1.908   1.00 14.76 ? 77  ARG A CA  1 
ATOM   601 C C   . ARG A 1 77 ? -5.961  -14.681 1.889   1.00 13.93 ? 77  ARG A C   1 
ATOM   602 O O   . ARG A 1 77 ? -6.452  -15.511 2.656   1.00 12.77 ? 77  ARG A O   1 
ATOM   603 C CB  . ARG A 1 77 ? -4.215  -13.087 2.674   1.00 15.59 ? 77  ARG A CB  1 
ATOM   604 C CG  . ARG A 1 77 ? -4.668  -13.159 4.126   1.00 21.83 ? 77  ARG A CG  1 
ATOM   605 C CD  . ARG A 1 77 ? -4.343  -11.898 4.909   1.00 26.36 ? 77  ARG A CD  1 
ATOM   606 N NE  . ARG A 1 77 ? -5.095  -10.739 4.439   1.00 29.51 ? 77  ARG A NE  1 
ATOM   607 C CZ  . ARG A 1 77 ? -4.550  -9.691  3.833   1.00 30.33 ? 77  ARG A CZ  1 
ATOM   608 N NH1 . ARG A 1 77 ? -3.241  -9.651  3.620   1.00 28.39 ? 77  ARG A NH1 1 
ATOM   609 N NH2 . ARG A 1 77 ? -5.313  -8.679  3.445   1.00 29.30 ? 77  ARG A NH2 1 
ATOM   610 N N   . LYS A 1 78 ? -6.683  -13.993 1.012   1.00 14.04 ? 78  LYS A N   1 
ATOM   611 C CA  . LYS A 1 78 ? -8.121  -14.189 0.892   1.00 14.21 ? 78  LYS A CA  1 
ATOM   612 C C   . LYS A 1 78 ? -8.436  -15.636 0.528   1.00 13.87 ? 78  LYS A C   1 
ATOM   613 O O   . LYS A 1 78 ? -9.296  -16.270 1.149   1.00 12.15 ? 78  LYS A O   1 
ATOM   614 C CB  . LYS A 1 78 ? -8.687  -13.250 -0.174  1.00 15.71 ? 78  LYS A CB  1 
ATOM   615 C CG  . LYS A 1 78 ? -10.170 -13.435 -0.454  1.00 15.42 ? 78  LYS A CG  1 
ATOM   616 C CD  . LYS A 1 78 ? -10.668 -12.396 -1.450  1.00 19.78 ? 78  LYS A CD  1 
ATOM   617 C CE  . LYS A 1 78 ? -12.131 -12.613 -1.812  1.00 21.24 ? 78  LYS A CE  1 
ATOM   618 N NZ  . LYS A 1 78 ? -12.342 -13.879 -2.571  1.00 23.04 ? 78  LYS A NZ  1 
ATOM   619 N N   . ASN A 1 79 ? -7.743  -16.164 -0.479  1.00 11.42 ? 79  ASN A N   1 
ATOM   620 C CA  . ASN A 1 79 ? -7.973  -17.542 -0.907  1.00 12.88 ? 79  ASN A CA  1 
ATOM   621 C C   . ASN A 1 79 ? -7.576  -18.533 0.174   1.00 12.43 ? 79  ASN A C   1 
ATOM   622 O O   . ASN A 1 79 ? -8.219  -19.568 0.344   1.00 12.13 ? 79  ASN A O   1 
ATOM   623 C CB  . ASN A 1 79 ? -7.201  -17.854 -2.191  1.00 14.51 ? 79  ASN A CB  1 
ATOM   624 C CG  . ASN A 1 79 ? -7.708  -17.068 -3.377  1.00 17.12 ? 79  ASN A CG  1 
ATOM   625 O OD1 . ASN A 1 79 ? -8.899  -16.769 -3.476  1.00 20.64 ? 79  ASN A OD1 1 
ATOM   626 N ND2 . ASN A 1 79 ? -6.811  -16.746 -4.299  1.00 19.10 ? 79  ASN A ND2 1 
ATOM   627 N N   . MET A 1 80 ? -6.510  -18.226 0.902   1.00 11.91 ? 80  MET A N   1 
ATOM   628 C CA  . MET A 1 80 ? -6.062  -19.112 1.965   1.00 13.25 ? 80  MET A CA  1 
ATOM   629 C C   . MET A 1 80 ? -7.107  -19.144 3.076   1.00 13.24 ? 80  MET A C   1 
ATOM   630 O O   . MET A 1 80 ? -7.472  -20.217 3.558   1.00 13.70 ? 80  MET A O   1 
ATOM   631 C CB  . MET A 1 80 ? -4.720  -18.638 2.524   1.00 16.63 ? 80  MET A CB  1 
ATOM   632 C CG  . MET A 1 80 ? -4.084  -19.611 3.495   1.00 22.35 ? 80  MET A CG  1 
ATOM   633 S SD  . MET A 1 80 ? -2.467  -19.042 4.010   1.00 31.51 ? 80  MET A SD  1 
ATOM   634 C CE  . MET A 1 80 ? -1.745  -18.755 2.427   1.00 17.21 ? 80  MET A CE  1 
ATOM   635 N N   . ASP A 1 81 ? -7.590  -17.973 3.482   1.00 12.22 ? 81  ASP A N   1 
ATOM   636 C CA  . ASP A 1 81 ? -8.601  -17.899 4.535   1.00 13.07 ? 81  ASP A CA  1 
ATOM   637 C C   . ASP A 1 81 ? -9.840  -18.693 4.144   1.00 12.23 ? 81  ASP A C   1 
ATOM   638 O O   . ASP A 1 81 ? -10.438 -19.371 4.982   1.00 11.30 ? 81  ASP A O   1 
ATOM   639 C CB  . ASP A 1 81 ? -9.022  -16.451 4.814   1.00 15.46 ? 81  ASP A CB  1 
ATOM   640 C CG  . ASP A 1 81 ? -7.956  -15.653 5.540   1.00 16.84 ? 81  ASP A CG  1 
ATOM   641 O OD1 . ASP A 1 81 ? -7.024  -16.258 6.114   1.00 19.51 ? 81  ASP A OD1 1 
ATOM   642 O OD2 . ASP A 1 81 ? -8.068  -14.408 5.546   1.00 21.19 ? 81  ASP A OD2 1 
ATOM   643 N N   . GLN A 1 82 ? -10.235 -18.609 2.876   1.00 11.54 ? 82  GLN A N   1 
ATOM   644 C CA  . GLN A 1 82 ? -11.419 -19.330 2.435   1.00 10.84 ? 82  GLN A CA  1 
ATOM   645 C C   . GLN A 1 82 ? -11.187 -20.834 2.456   1.00 11.58 ? 82  GLN A C   1 
ATOM   646 O O   . GLN A 1 82 ? -12.076 -21.593 2.844   1.00 10.65 ? 82  GLN A O   1 
ATOM   647 C CB  . GLN A 1 82 ? -11.850 -18.892 1.034   1.00 13.12 ? 82  GLN A CB  1 
ATOM   648 C CG  . GLN A 1 82 ? -13.213 -19.461 0.654   1.00 13.90 ? 82  GLN A CG  1 
ATOM   649 C CD  . GLN A 1 82 ? -13.747 -18.921 -0.658  1.00 17.12 ? 82  GLN A CD  1 
ATOM   650 O OE1 . GLN A 1 82 ? -13.598 -17.737 -0.963  1.00 16.57 ? 82  GLN A OE1 1 
ATOM   651 N NE2 . GLN A 1 82 ? -14.398 -19.783 -1.428  1.00 17.08 ? 82  GLN A NE2 1 
ATOM   652 N N   . LEU A 1 83 ? -9.996  -21.270 2.051   1.00 10.59 ? 83  LEU A N   1 
ATOM   653 C CA  . LEU A 1 83 ? -9.686  -22.696 2.051   1.00 11.13 ? 83  LEU A CA  1 
ATOM   654 C C   . LEU A 1 83 ? -9.638  -23.203 3.488   1.00 12.25 ? 83  LEU A C   1 
ATOM   655 O O   . LEU A 1 83 ? -10.004 -24.348 3.758   1.00 11.05 ? 83  LEU A O   1 
ATOM   656 C CB  . LEU A 1 83 ? -8.350  -22.954 1.346   1.00 12.38 ? 83  LEU A CB  1 
ATOM   657 C CG  . LEU A 1 83 ? -7.868  -24.408 1.251   1.00 11.58 ? 83  LEU A CG  1 
ATOM   658 C CD1 . LEU A 1 83 ? -8.936  -25.283 0.608   1.00 12.60 ? 83  LEU A CD1 1 
ATOM   659 C CD2 . LEU A 1 83 ? -6.583  -24.462 0.439   1.00 13.87 ? 83  LEU A CD2 1 
ATOM   660 N N   . LYS A 1 84 ? -9.196  -22.356 4.413   1.00 11.89 ? 84  LYS A N   1 
ATOM   661 C CA  . LYS A 1 84 ? -9.148  -22.746 5.814   1.00 11.14 ? 84  LYS A CA  1 
ATOM   662 C C   . LYS A 1 84 ? -10.575 -22.965 6.317   1.00 11.50 ? 84  LYS A C   1 
ATOM   663 O O   . LYS A 1 84 ? -10.819 -23.864 7.114   1.00 12.38 ? 84  LYS A O   1 
ATOM   664 C CB  . LYS A 1 84 ? -8.430  -21.680 6.656   1.00 13.81 ? 84  LYS A CB  1 
ATOM   665 C CG  . LYS A 1 84 ? -8.416  -21.962 8.159   1.00 18.63 ? 84  LYS A CG  1 
ATOM   666 C CD  . LYS A 1 84 ? -7.935  -23.373 8.485   1.00 23.82 ? 84  LYS A CD  1 
ATOM   667 C CE  . LYS A 1 84 ? -6.479  -23.588 8.107   1.00 25.96 ? 84  LYS A CE  1 
ATOM   668 N NZ  . LYS A 1 84 ? -5.573  -22.714 8.903   1.00 28.13 ? 84  LYS A NZ  1 
ATOM   669 N N   . GLU A 1 85 ? -11.514 -22.150 5.845   1.00 11.58 ? 85  GLU A N   1 
ATOM   670 C CA  . GLU A 1 85 ? -12.909 -22.300 6.255   1.00 11.55 ? 85  GLU A CA  1 
ATOM   671 C C   . GLU A 1 85 ? -13.441 -23.628 5.719   1.00 12.25 ? 85  GLU A C   1 
ATOM   672 O O   . GLU A 1 85 ? -14.214 -24.314 6.390   1.00 12.32 ? 85  GLU A O   1 
ATOM   673 C CB  . GLU A 1 85 ? -13.773 -21.156 5.707   1.00 13.83 ? 85  GLU A CB  1 
ATOM   674 C CG  . GLU A 1 85 ? -13.488 -19.781 6.301   1.00 14.30 ? 85  GLU A CG  1 
ATOM   675 C CD  . GLU A 1 85 ? -13.875 -19.657 7.765   1.00 19.02 ? 85  GLU A CD  1 
ATOM   676 O OE1 . GLU A 1 85 ? -14.407 -20.631 8.342   1.00 17.61 ? 85  GLU A OE1 1 
ATOM   677 O OE2 . GLU A 1 85 ? -13.645 -18.575 8.344   1.00 18.60 ? 85  GLU A OE2 1 
ATOM   678 N N   . LYS A 1 86 ? -13.025 -23.994 4.510   1.00 11.15 ? 86  LYS A N   1 
ATOM   679 C CA  . LYS A 1 86 ? -13.468 -25.244 3.896   1.00 11.39 ? 86  LYS A CA  1 
ATOM   680 C C   . LYS A 1 86 ? -12.958 -26.412 4.733   1.00 13.03 ? 86  LYS A C   1 
ATOM   681 O O   . LYS A 1 86 ? -13.709 -27.327 5.076   1.00 12.76 ? 86  LYS A O   1 
ATOM   682 C CB  . LYS A 1 86 ? -12.930 -25.336 2.466   1.00 13.11 ? 86  LYS A CB  1 
ATOM   683 C CG  . LYS A 1 86 ? -13.474 -26.498 1.647   1.00 15.40 ? 86  LYS A CG  1 
ATOM   684 C CD  . LYS A 1 86 ? -12.973 -26.401 0.215   1.00 17.90 ? 86  LYS A CD  1 
ATOM   685 C CE  . LYS A 1 86 ? -13.615 -27.443 -0.681  1.00 22.42 ? 86  LYS A CE  1 
ATOM   686 N NZ  . LYS A 1 86 ? -13.278 -28.825 -0.259  1.00 25.33 ? 86  LYS A NZ  1 
ATOM   687 N N   . ILE A 1 87 ? -11.675 -26.366 5.064   1.00 11.11 ? 87  ILE A N   1 
ATOM   688 C CA  . ILE A 1 87 ? -11.046 -27.404 5.867   1.00 11.57 ? 87  ILE A CA  1 
ATOM   689 C C   . ILE A 1 87 ? -11.721 -27.504 7.232   1.00 11.51 ? 87  ILE A C   1 
ATOM   690 O O   . ILE A 1 87 ? -12.064 -28.600 7.684   1.00 12.17 ? 87  ILE A O   1 
ATOM   691 C CB  . ILE A 1 87 ? -9.537  -27.106 6.040   1.00 11.01 ? 87  ILE A CB  1 
ATOM   692 C CG1 . ILE A 1 87 ? -8.831  -27.299 4.695   1.00 11.58 ? 87  ILE A CG1 1 
ATOM   693 C CG2 . ILE A 1 87 ? -8.929  -27.990 7.128   1.00 11.66 ? 87  ILE A CG2 1 
ATOM   694 C CD1 . ILE A 1 87 ? -7.405  -26.789 4.664   1.00 10.32 ? 87  ILE A CD1 1 
ATOM   695 N N   . ASN A 1 88 ? -11.929 -26.366 7.886   1.00 13.30 ? 88  ASN A N   1 
ATOM   696 C CA  . ASN A 1 88 ? -12.560 -26.390 9.195   1.00 14.64 ? 88  ASN A CA  1 
ATOM   697 C C   . ASN A 1 88 ? -13.987 -26.925 9.155   1.00 14.80 ? 88  ASN A C   1 
ATOM   698 O O   . ASN A 1 88 ? -14.416 -27.597 10.089  1.00 15.85 ? 88  ASN A O   1 
ATOM   699 C CB  . ASN A 1 88 ? -12.525 -25.001 9.838   1.00 14.69 ? 88  ASN A CB  1 
ATOM   700 C CG  . ASN A 1 88 ? -11.133 -24.615 10.305  1.00 15.86 ? 88  ASN A CG  1 
ATOM   701 O OD1 . ASN A 1 88 ? -10.274 -25.477 10.489  1.00 18.97 ? 88  ASN A OD1 1 
ATOM   702 N ND2 . ASN A 1 88 ? -10.910 -23.324 10.521  1.00 16.64 ? 88  ASN A ND2 1 
ATOM   703 N N   . SER A 1 89 ? -14.716 -26.646 8.079   1.00 13.49 ? 89  SER A N   1 
ATOM   704 C CA  . SER A 1 89 ? -16.092 -27.128 7.966   1.00 15.11 ? 89  SER A CA  1 
ATOM   705 C C   . SER A 1 89 ? -16.141 -28.656 7.916   1.00 14.81 ? 89  SER A C   1 
ATOM   706 O O   . SER A 1 89 ? -17.079 -29.270 8.425   1.00 17.06 ? 89  SER A O   1 
ATOM   707 C CB  . SER A 1 89 ? -16.767 -26.555 6.717   1.00 16.18 ? 89  SER A CB  1 
ATOM   708 O OG  . SER A 1 89 ? -16.264 -27.155 5.536   1.00 20.79 ? 89  SER A OG  1 
ATOM   709 N N   . VAL A 1 90 ? -15.132 -29.264 7.302   1.00 13.46 ? 90  VAL A N   1 
ATOM   710 C CA  . VAL A 1 90 ? -15.072 -30.720 7.197   1.00 14.37 ? 90  VAL A CA  1 
ATOM   711 C C   . VAL A 1 90 ? -14.724 -31.332 8.551   1.00 15.00 ? 90  VAL A C   1 
ATOM   712 O O   . VAL A 1 90 ? -15.227 -32.398 8.908   1.00 14.84 ? 90  VAL A O   1 
ATOM   713 C CB  . VAL A 1 90 ? -14.007 -31.163 6.154   1.00 13.85 ? 90  VAL A CB  1 
ATOM   714 C CG1 . VAL A 1 90 ? -13.901 -32.683 6.114   1.00 16.29 ? 90  VAL A CG1 1 
ATOM   715 C CG2 . VAL A 1 90 ? -14.372 -30.627 4.783   1.00 15.74 ? 90  VAL A CG2 1 
ATOM   716 N N   . LEU A 1 91 ? -13.868 -30.654 9.306   1.00 14.64 ? 91  LEU A N   1 
ATOM   717 C CA  . LEU A 1 91 ? -13.440 -31.143 10.612  1.00 16.81 ? 91  LEU A CA  1 
ATOM   718 C C   . LEU A 1 91 ? -14.332 -30.663 11.746  1.00 20.11 ? 91  LEU A C   1 
ATOM   719 O O   . LEU A 1 91 ? -14.183 -31.097 12.886  1.00 19.97 ? 91  LEU A O   1 
ATOM   720 C CB  . LEU A 1 91 ? -11.997 -30.704 10.874  1.00 15.31 ? 91  LEU A CB  1 
ATOM   721 C CG  . LEU A 1 91 ? -10.969 -31.415 9.986   1.00 14.10 ? 91  LEU A CG  1 
ATOM   722 C CD1 . LEU A 1 91 ? -9.633  -30.695 10.046  1.00 15.83 ? 91  LEU A CD1 1 
ATOM   723 C CD2 . LEU A 1 91 ? -10.828 -32.865 10.437  1.00 15.90 ? 91  LEU A CD2 1 
ATOM   724 N N   . SER A 1 92 ? -15.258 -29.767 11.429  1.00 24.52 ? 92  SER A N   1 
ATOM   725 C CA  . SER A 1 92 ? -16.159 -29.214 12.431  1.00 29.99 ? 92  SER A CA  1 
ATOM   726 C C   . SER A 1 92 ? -17.192 -28.310 11.772  1.00 32.18 ? 92  SER A C   1 
ATOM   727 O O   . SER A 1 92 ? -17.166 -27.092 12.043  1.00 35.61 ? 92  SER A O   1 
ATOM   728 C CB  . SER A 1 92 ? -15.364 -28.417 13.469  1.00 32.28 ? 92  SER A CB  1 
ATOM   729 O OG  . SER A 1 92 ? -14.592 -27.403 12.845  1.00 35.96 ? 92  SER A OG  1 
HETATM 730 O O   . HOH B 2 .  ? -5.347  -5.556  -2.047  1.00 18.99 ? 96  HOH A O   1 
HETATM 731 O O   . HOH B 2 .  ? -13.272 -15.164 0.276   1.00 20.10 ? 97  HOH A O   1 
HETATM 732 O O   . HOH B 2 .  ? -11.547 -15.204 2.344   1.00 17.76 ? 98  HOH A O   1 
HETATM 733 O O   . HOH B 2 .  ? -15.528 -23.151 8.460   1.00 20.26 ? 99  HOH A O   1 
HETATM 734 O O   . HOH B 2 .  ? -9.845  -20.828 -1.490  1.00 21.94 ? 100 HOH A O   1 
HETATM 735 O O   . HOH B 2 .  ? -5.055  5.479   -0.727  1.00 24.76 ? 101 HOH A O   1 
HETATM 736 O O   . HOH B 2 .  ? 1.507   17.550  -2.479  1.00 16.93 ? 102 HOH A O   1 
HETATM 737 O O   . HOH B 2 .  ? -5.474  19.147  -0.714  1.00 17.28 ? 103 HOH A O   1 
HETATM 738 O O   . HOH B 2 .  ? 5.207   15.955  6.778   1.00 24.67 ? 104 HOH A O   1 
HETATM 739 O O   . HOH B 2 .  ? 9.508   -3.782  -6.433  1.00 19.79 ? 105 HOH A O   1 
HETATM 740 O O   . HOH B 2 .  ? -9.631  18.553  5.749   1.00 20.06 ? 106 HOH A O   1 
HETATM 741 O O   . HOH B 2 .  ? 13.335  2.989   -8.887  1.00 20.58 ? 107 HOH A O   1 
HETATM 742 O O   . HOH B 2 .  ? 8.830   13.772  2.920   1.00 26.86 ? 108 HOH A O   1 
HETATM 743 O O   . HOH B 2 .  ? 3.134   3.747   11.292  1.00 25.61 ? 109 HOH A O   1 
HETATM 744 O O   . HOH B 2 .  ? -0.937  18.181  -0.452  1.00 16.88 ? 110 HOH A O   1 
HETATM 745 O O   . HOH B 2 .  ? -12.333 -16.605 6.813   1.00 20.00 ? 111 HOH A O   1 
HETATM 746 O O   . HOH B 2 .  ? -5.584  -7.772  -3.787  1.00 21.44 ? 112 HOH A O   1 
HETATM 747 O O   . HOH B 2 .  ? -1.880  15.960  10.923  1.00 27.41 ? 113 HOH A O   1 
HETATM 748 O O   . HOH B 2 .  ? -13.000 -21.455 10.556  1.00 22.54 ? 114 HOH A O   1 
HETATM 749 O O   . HOH B 2 .  ? -17.713 -33.077 8.058   1.00 21.59 ? 115 HOH A O   1 
HETATM 750 O O   . HOH B 2 .  ? -7.525  16.696  8.734   1.00 30.80 ? 116 HOH A O   1 
HETATM 751 O O   . HOH B 2 .  ? -7.296  9.648   -0.192  1.00 23.64 ? 117 HOH A O   1 
HETATM 752 O O   . HOH B 2 .  ? 11.538  12.400  -7.150  1.00 21.03 ? 118 HOH A O   1 
HETATM 753 O O   . HOH B 2 .  ? 10.898  3.907   -12.847 1.00 25.34 ? 119 HOH A O   1 
HETATM 754 O O   . HOH B 2 .  ? 12.014  1.851   -10.844 1.00 20.17 ? 120 HOH A O   1 
HETATM 755 O O   . HOH B 2 .  ? -1.610  -4.178  2.384   1.00 31.67 ? 121 HOH A O   1 
HETATM 756 O O   . HOH B 2 .  ? 1.042   -1.423  -9.715  1.00 24.84 ? 122 HOH A O   1 
HETATM 757 O O   . HOH B 2 .  ? -10.101 -18.654 7.780   1.00 26.34 ? 123 HOH A O   1 
HETATM 758 O O   . HOH B 2 .  ? 1.142   16.190  11.874  1.00 23.87 ? 124 HOH A O   1 
HETATM 759 O O   . HOH B 2 .  ? -11.130 -16.413 -1.968  1.00 26.63 ? 125 HOH A O   1 
HETATM 760 O O   . HOH B 2 .  ? -4.580  -0.307  2.571   1.00 24.21 ? 126 HOH A O   1 
HETATM 761 O O   . HOH B 2 .  ? 2.455   6.367   -10.898 1.00 27.14 ? 127 HOH A O   1 
HETATM 762 O O   . HOH B 2 .  ? -12.109 -32.221 14.210  1.00 26.15 ? 128 HOH A O   1 
HETATM 763 O O   . HOH B 2 .  ? -5.083  2.638   -7.118  1.00 33.53 ? 129 HOH A O   1 
HETATM 764 O O   . HOH B 2 .  ? 7.472   14.609  8.798   1.00 26.46 ? 130 HOH A O   1 
HETATM 765 O O   . HOH B 2 .  ? -8.601  -22.086 11.874  1.00 34.27 ? 131 HOH A O   1 
HETATM 766 O O   . HOH B 2 .  ? 11.449  8.629   6.879   1.00 23.59 ? 132 HOH A O   1 
HETATM 767 O O   . HOH B 2 .  ? -0.719  9.192   12.488  1.00 29.33 ? 133 HOH A O   1 
HETATM 768 O O   . HOH B 2 .  ? -2.998  4.394   9.573   1.00 33.11 ? 134 HOH A O   1 
HETATM 769 O O   . HOH B 2 .  ? 0.710   19.148  1.430   1.00 22.05 ? 135 HOH A O   1 
HETATM 770 O O   . HOH B 2 .  ? 2.533   -5.052  8.059   1.00 29.07 ? 136 HOH A O   1 
HETATM 771 O O   . HOH B 2 .  ? 14.171  4.416   3.072   1.00 29.49 ? 137 HOH A O   1 
HETATM 772 O O   . HOH B 2 .  ? -5.155  12.348  8.798   1.00 39.51 ? 138 HOH A O   1 
HETATM 773 O O   . HOH B 2 .  ? -8.825  6.081   3.999   1.00 34.91 ? 139 HOH A O   1 
HETATM 774 O O   . HOH B 2 .  ? -18.018 -29.267 4.818   1.00 34.49 ? 140 HOH A O   1 
HETATM 775 O O   . HOH B 2 .  ? 2.667   12.372  13.959  1.00 39.54 ? 141 HOH A O   1 
HETATM 776 O O   . HOH B 2 .  ? 6.430   14.940  2.220   1.00 25.19 ? 142 HOH A O   1 
HETATM 777 O O   . HOH B 2 .  ? -4.630  6.256   -7.823  1.00 37.27 ? 143 HOH A O   1 
HETATM 778 O O   . HOH B 2 .  ? -4.679  9.495   -6.612  1.00 26.09 ? 144 HOH A O   1 
HETATM 779 O O   . HOH B 2 .  ? -4.959  -14.536 7.081   1.00 38.38 ? 145 HOH A O   1 
HETATM 780 O O   . HOH B 2 .  ? -19.537 -28.033 8.837   1.00 33.38 ? 146 HOH A O   1 
HETATM 781 O O   . HOH B 2 .  ? -1.400  -6.794  6.161   1.00 42.66 ? 147 HOH A O   1 
HETATM 782 O O   . HOH B 2 .  ? -5.620  3.325   10.338  1.00 37.48 ? 148 HOH A O   1 
HETATM 783 O O   . HOH B 2 .  ? -10.314 -13.215 4.097   1.00 24.25 ? 149 HOH A O   1 
HETATM 784 O O   . HOH B 2 .  ? 1.800   3.850   -11.945 1.00 38.01 ? 150 HOH A O   1 
HETATM 785 O O   . HOH B 2 .  ? 8.951   6.689   10.075  1.00 39.33 ? 151 HOH A O   1 
HETATM 786 O O   . HOH B 2 .  ? 2.187   20.093  -9.394  1.00 43.26 ? 152 HOH A O   1 
HETATM 787 O O   . HOH B 2 .  ? -16.259 -28.014 3.155   1.00 41.49 ? 153 HOH A O   1 
HETATM 788 O O   . HOH B 2 .  ? 19.237  5.472   -8.900  1.00 38.78 ? 154 HOH A O   1 
HETATM 789 O O   . HOH B 2 .  ? 2.744   16.877  -11.772 1.00 42.35 ? 155 HOH A O   1 
HETATM 790 O O   . HOH B 2 .  ? -15.277 -29.757 1.433   1.00 33.03 ? 156 HOH A O   1 
HETATM 791 O O   . HOH B 2 .  ? -7.348  10.534  8.332   1.00 37.07 ? 157 HOH A O   1 
HETATM 792 O O   . HOH B 2 .  ? 2.578   -3.608  10.953  1.00 34.75 ? 158 HOH A O   1 
HETATM 793 O O   . HOH B 2 .  ? -6.940  -10.349 1.808   1.00 29.19 ? 159 HOH A O   1 
HETATM 794 O O   . HOH B 2 .  ? -4.194  14.207  -8.521  1.00 36.37 ? 160 HOH A O   1 
HETATM 795 O O   . HOH B 2 .  ? 11.160  16.054  -4.093  1.00 34.41 ? 161 HOH A O   1 
HETATM 796 O O   . HOH B 2 .  ? -2.616  -13.797 -5.941  1.00 31.39 ? 162 HOH A O   1 
HETATM 797 O O   . HOH B 2 .  ? 12.601  8.274   -6.002  1.00 28.98 ? 163 HOH A O   1 
HETATM 798 O O   . HOH B 2 .  ? -7.829  -15.487 -6.914  1.00 32.84 ? 164 HOH A O   1 
HETATM 799 O O   . HOH B 2 .  ? -3.582  12.521  -10.671 1.00 39.36 ? 165 HOH A O   1 
HETATM 800 O O   . HOH B 2 .  ? -1.612  -2.395  -12.381 1.00 46.46 ? 166 HOH A O   1 
HETATM 801 O O   . HOH B 2 .  ? -4.208  -17.999 -4.251  1.00 30.93 ? 167 HOH A O   1 
HETATM 802 O O   . HOH B 2 .  ? -0.043  19.797  -2.672  1.00 30.44 ? 168 HOH A O   1 
HETATM 803 O O   . HOH B 2 .  ? -5.221  0.453   0.034   1.00 28.05 ? 169 HOH A O   1 
HETATM 804 O O   . HOH B 2 .  ? -2.226  -6.326  3.704   1.00 30.15 ? 170 HOH A O   1 
HETATM 805 O O   . HOH B 2 .  ? -0.619  21.290  2.035   1.00 26.32 ? 171 HOH A O   1 
HETATM 806 O O   . HOH B 2 .  ? 3.936   17.955  -1.147  1.00 31.93 ? 172 HOH A O   1 
HETATM 807 O O   . HOH B 2 .  ? -7.678  -9.336  -2.710  1.00 26.81 ? 173 HOH A O   1 
HETATM 808 O O   . HOH B 2 .  ? -15.411 -13.932 -3.053  1.00 30.60 ? 174 HOH A O   1 
HETATM 809 O O   . HOH B 2 .  ? -14.330 -16.260 -3.207  1.00 28.08 ? 175 HOH A O   1 
HETATM 810 O O   . HOH B 2 .  ? 14.624  10.912  -1.284  1.00 32.57 ? 176 HOH A O   1 
HETATM 811 O O   . HOH B 2 .  ? -16.197 -24.473 10.751  1.00 30.94 ? 177 HOH A O   1 
HETATM 812 O O   . HOH B 2 .  ? 0.900   4.421   12.461  1.00 31.92 ? 178 HOH A O   1 
HETATM 813 O O   . HOH B 2 .  ? -18.223 -31.813 5.676   1.00 29.68 ? 179 HOH A O   1 
HETATM 814 O O   . HOH B 2 .  ? -10.862 18.368  8.496   1.00 31.05 ? 180 HOH A O   1 
HETATM 815 O O   . HOH B 2 .  ? 12.158  -4.243  -7.085  1.00 35.45 ? 181 HOH A O   1 
HETATM 816 O O   . HOH B 2 .  ? 15.858  9.250   -4.080  1.00 34.60 ? 182 HOH A O   1 
HETATM 817 O O   . HOH B 2 .  ? -8.803  -22.514 -3.494  1.00 35.98 ? 183 HOH A O   1 
HETATM 818 O O   . HOH B 2 .  ? 8.448   5.225   7.933   1.00 37.18 ? 184 HOH A O   1 
HETATM 819 O O   . HOH B 2 .  ? -19.215 -31.791 9.825   1.00 37.15 ? 185 HOH A O   1 
HETATM 820 O O   . HOH B 2 .  ? -16.355 -18.306 -3.308  1.00 29.60 ? 186 HOH A O   1 
HETATM 821 O O   . HOH B 2 .  ? -6.234  2.873   -0.212  1.00 36.97 ? 187 HOH A O   1 
HETATM 822 O O   . HOH B 2 .  ? 13.758  10.654  -5.849  1.00 35.67 ? 188 HOH A O   1 
HETATM 823 O O   . HOH B 2 .  ? 17.101  1.326   -3.346  1.00 36.71 ? 189 HOH A O   1 
HETATM 824 O O   . HOH B 2 .  ? 10.585  13.165  0.603   1.00 29.63 ? 190 HOH A O   1 
HETATM 825 O O   . HOH B 2 .  ? -3.076  18.153  9.861   1.00 40.76 ? 191 HOH A O   1 
HETATM 826 O O   . HOH B 2 .  ? 16.686  3.852   2.084   1.00 37.67 ? 192 HOH A O   1 
HETATM 827 O O   . HOH B 2 .  ? -8.640  8.905   6.680   1.00 38.08 ? 193 HOH A O   1 
HETATM 828 O O   . HOH B 2 .  ? -9.515  -10.863 2.482   1.00 36.09 ? 194 HOH A O   1 
HETATM 829 O O   . HOH B 2 .  ? 5.036   19.041  3.216   1.00 30.67 ? 195 HOH A O   1 
HETATM 830 O O   . HOH B 2 .  ? 11.347  15.280  -10.152 1.00 31.88 ? 196 HOH A O   1 
HETATM 831 O O   . HOH B 2 .  ? 9.907   12.141  -11.286 1.00 39.44 ? 197 HOH A O   1 
HETATM 832 O O   . HOH B 2 .  ? -1.552  -11.189 5.789   1.00 35.60 ? 198 HOH A O   1 
HETATM 833 O O   . HOH B 2 .  ? -13.654 -31.107 -1.836  1.00 39.37 ? 199 HOH A O   1 
HETATM 834 O O   . HOH B 2 .  ? 14.040  1.852   4.743   1.00 42.72 ? 200 HOH A O   1 
HETATM 835 O O   . HOH B 2 .  ? 1.156   15.093  14.544  1.00 40.03 ? 201 HOH A O   1 
HETATM 836 O O   . HOH B 2 .  ? -7.477  3.937   1.848   1.00 44.30 ? 202 HOH A O   1 
HETATM 837 O O   . HOH B 2 .  ? -8.542  7.551   -1.127  1.00 42.22 ? 203 HOH A O   1 
HETATM 838 O O   . HOH B 2 .  ? 14.827  6.511   4.449   1.00 33.98 ? 204 HOH A O   1 
HETATM 839 O O   . HOH B 2 .  ? -6.261  -20.714 11.221  1.00 43.95 ? 205 HOH A O   1 
HETATM 840 O O   . HOH B 2 .  ? 17.711  3.451   -1.767  1.00 36.10 ? 206 HOH A O   1 
HETATM 841 O O   . HOH B 2 .  ? 5.610   11.762  12.809  1.00 49.77 ? 207 HOH A O   1 
HETATM 842 O O   . HOH B 2 .  ? -16.961 -31.453 0.282   1.00 42.16 ? 208 HOH A O   1 
HETATM 843 O O   . HOH B 2 .  ? -7.815  -25.714 11.624  1.00 37.89 ? 209 HOH A O   1 
HETATM 844 O O   . HOH B 2 .  ? -10.814 -19.653 10.157  1.00 46.13 ? 210 HOH A O   1 
HETATM 845 O O   . HOH B 2 .  ? 5.159   -7.470  -9.487  1.00 37.73 ? 211 HOH A O   1 
HETATM 846 O O   . HOH B 2 .  ? -6.040  -23.669 11.460  1.00 42.07 ? 212 HOH A O   1 
HETATM 847 O O   . HOH B 2 .  ? 2.768   20.025  0.042   1.00 39.77 ? 213 HOH A O   1 
HETATM 848 O O   . HOH B 2 .  ? 13.574  5.300   -10.424 1.00 43.01 ? 214 HOH A O   1 
HETATM 849 O O   . HOH B 2 .  ? 11.892  11.135  8.046   1.00 35.83 ? 215 HOH A O   1 
HETATM 850 O O   . HOH B 2 .  ? -13.682 -14.002 6.966   1.00 36.13 ? 216 HOH A O   1 
HETATM 851 O O   . HOH B 2 .  ? 2.356   18.797  10.772  1.00 45.53 ? 217 HOH A O   1 
HETATM 852 O O   . HOH B 2 .  ? 1.486   -2.908  -12.882 1.00 40.54 ? 218 HOH A O   1 
HETATM 853 O O   . HOH B 2 .  ? 11.424  6.393   -12.116 1.00 32.33 ? 219 HOH A O   1 
HETATM 854 O O   . HOH B 2 .  ? -11.362 -15.404 8.969   1.00 44.66 ? 220 HOH A O   1 
HETATM 855 O O   . HOH B 2 .  ? -5.159  -18.308 6.172   1.00 36.31 ? 221 HOH A O   1 
HETATM 856 O O   . HOH B 2 .  ? -11.287 -18.981 -3.090  1.00 31.45 ? 222 HOH A O   1 
HETATM 857 O O   . HOH B 2 .  ? -3.117  14.600  12.979  1.00 43.96 ? 223 HOH A O   1 
HETATM 858 O O   . HOH B 2 .  ? 7.634   11.947  -16.586 1.00 45.83 ? 224 HOH A O   1 
HETATM 859 O O   . HOH B 2 .  ? -5.439  -19.969 8.303   1.00 32.05 ? 225 HOH A O   1 
HETATM 860 O O   . HOH B 2 .  ? 17.858  11.766  5.800   1.00 44.39 ? 226 HOH A O   1 
HETATM 861 O O   . HOH B 2 .  ? -7.601  -18.304 8.635   1.00 38.26 ? 227 HOH A O   1 
HETATM 862 O O   . HOH B 2 .  ? -14.557 -21.376 12.973  1.00 43.68 ? 228 HOH A O   1 
HETATM 863 O O   . HOH B 2 .  ? -5.934  0.139   -10.324 1.00 41.05 ? 229 HOH A O   1 
HETATM 864 O O   . HOH B 2 .  ? 4.026   5.054   -12.652 1.00 38.56 ? 230 HOH A O   1 
HETATM 865 O O   . HOH B 2 .  ? 12.084  2.856   -15.089 1.00 44.09 ? 231 HOH A O   1 
HETATM 866 O O   . HOH B 2 .  ? 9.354   17.845  -9.661  1.00 38.63 ? 232 HOH A O   1 
HETATM 867 O O   . HOH B 2 .  ? 8.596   -6.269  -6.725  1.00 36.84 ? 233 HOH A O   1 
HETATM 868 O O   . HOH B 2 .  ? 17.838  7.371   -3.465  1.00 47.86 ? 234 HOH A O   1 
HETATM 869 O O   . HOH B 2 .  ? -10.791 -14.496 -4.925  1.00 41.20 ? 235 HOH A O   1 
HETATM 870 O O   . HOH B 2 .  ? 9.480   13.794  7.016   1.00 37.89 ? 236 HOH A O   1 
HETATM 871 O O   . HOH B 2 .  ? -5.319  -5.926  3.406   1.00 42.47 ? 237 HOH A O   1 
HETATM 872 O O   . HOH B 2 .  ? 11.532  5.573   11.044  1.00 42.22 ? 238 HOH A O   1 
HETATM 873 O O   . HOH B 2 .  ? -18.036 -31.344 12.375  1.00 31.39 ? 239 HOH A O   1 
HETATM 874 O O   . HOH B 2 .  ? -1.331  -2.321  -9.085  1.00 32.52 ? 240 HOH A O   1 
HETATM 875 O O   . HOH B 2 .  ? 13.057  12.985  -0.622  1.00 36.80 ? 241 HOH A O   1 
HETATM 876 O O   . HOH B 2 .  ? -0.727  22.422  -2.426  1.00 37.95 ? 242 HOH A O   1 
HETATM 877 O O   . HOH B 2 .  ? 13.783  7.563   -8.219  1.00 34.95 ? 243 HOH A O   1 
HETATM 878 O O   . HOH B 2 .  ? -5.069  16.603  -9.011  1.00 50.79 ? 244 HOH A O   1 
HETATM 879 O O   . HOH B 2 .  ? 4.248   -6.354  -11.795 1.00 35.76 ? 245 HOH A O   1 
HETATM 880 O O   . HOH B 2 .  ? 9.170   15.162  -0.667  1.00 33.52 ? 246 HOH A O   1 
HETATM 881 O O   . HOH B 2 .  ? 0.778   23.162  0.411   1.00 39.87 ? 247 HOH A O   1 
HETATM 882 O O   . HOH B 2 .  ? 7.356   5.919   -13.561 1.00 48.93 ? 248 HOH A O   1 
HETATM 883 O O   . HOH B 2 .  ? -2.813  -19.473 8.553   1.00 46.31 ? 249 HOH A O   1 
HETATM 884 O O   . HOH B 2 .  ? 0.776   -9.889  6.572   1.00 39.92 ? 250 HOH A O   1 
HETATM 885 O O   . HOH B 2 .  ? -13.366 -19.629 -5.083  1.00 46.35 ? 251 HOH A O   1 
HETATM 886 O O   . HOH B 2 .  ? -13.126 17.748  9.606   1.00 45.34 ? 252 HOH A O   1 
HETATM 887 O O   . HOH B 2 .  ? 1.617   -0.303  -14.527 1.00 39.36 ? 253 HOH A O   1 
HETATM 888 O O   . HOH B 2 .  ? 17.007  12.557  -1.516  1.00 37.23 ? 254 HOH A O   1 
HETATM 889 O O   . HOH B 2 .  ? 4.882   18.115  11.016  1.00 44.78 ? 255 HOH A O   1 
HETATM 890 O O   . HOH B 2 .  ? 15.753  1.691   -8.283  1.00 48.82 ? 256 HOH A O   1 
HETATM 891 O O   . HOH B 2 .  ? 0.682   -1.209  16.865  1.00 50.63 ? 257 HOH A O   1 
HETATM 892 O O   . HOH B 2 .  ? 8.578   14.364  11.279  1.00 49.52 ? 258 HOH A O   1 
HETATM 893 O O   . HOH B 2 .  ? -1.057  -8.269  -8.505  1.00 37.21 ? 259 HOH A O   1 
HETATM 894 O O   . HOH B 2 .  ? 1.101   -7.304  7.381   1.00 46.70 ? 260 HOH A O   1 
HETATM 895 O O   . HOH B 2 .  ? -6.875  -7.038  -6.177  1.00 46.08 ? 261 HOH A O   1 
HETATM 896 O O   . HOH B 2 .  ? 16.420  -0.261  -6.124  1.00 48.06 ? 262 HOH A O   1 
HETATM 897 O O   . HOH B 2 .  ? -3.713  -12.364 -7.892  1.00 49.80 ? 263 HOH A O   1 
HETATM 898 O O   . HOH B 2 .  ? -15.879 -10.981 -3.727  1.00 44.85 ? 264 HOH A O   1 
HETATM 899 O O   . HOH B 2 .  ? 11.282  8.106   -14.713 1.00 49.15 ? 265 HOH A O   1 
HETATM 900 O O   . HOH B 2 .  ? 4.494   -3.830  -12.816 1.00 39.55 ? 266 HOH A O   1 
HETATM 901 O O   . HOH B 2 .  ? -9.141  15.131  10.176  1.00 48.01 ? 267 HOH A O   1 
HETATM 902 O O   . HOH B 2 .  ? 5.347   4.537   12.529  1.00 42.32 ? 268 HOH A O   1 
HETATM 903 O O   . HOH B 2 .  ? -1.396  2.392   12.631  1.00 47.84 ? 269 HOH A O   1 
HETATM 904 O O   . HOH B 2 .  ? 1.308   5.925   14.692  1.00 50.64 ? 270 HOH A O   1 
# 
